data_4WGF
#
_entry.id   4WGF
#
_cell.length_a   158.36
_cell.length_b   74.48
_cell.length_c   141.06
_cell.angle_alpha   90.0
_cell.angle_beta   92.29
_cell.angle_gamma   90.0
#
_symmetry.space_group_name_H-M   'C 1 2 1'
#
loop_
_entity.id
_entity.type
_entity.pdbx_description
1 polymer 'Probable hydrolase'
2 non-polymer PROPIONAMIDE
3 non-polymer (2R,5R)-hexane-2,5-diol
4 non-polymer 'CHLORIDE ION'
5 non-polymer 'SULFATE ION'
6 water water
#
_entity_poly.entity_id   1
_entity_poly.type   'polypeptide(L)'
_entity_poly.pdbx_seq_one_letter_code
;(MSE)SFTYKRLDKNDAAVLFVDHQAGLLSLVRDFSPDEFKNNVLALADIARFFNLPTILTTSFEDGPNGPLVPELKE
(MSE)FPQAPYIARPGNINAWDNEDFVKAVKATGKKQLIIAGVVTDVCVAFPTLSALEEGFDVFVVTDASGTFNPVVRDA
AWAR(MSE)TAAGAQL(MSE)NWFSVGCELHRDWRNDIEGFGAILGGHLPAYANLIQSFGTKK
;
_entity_poly.pdbx_strand_id   A,B,C,D,E,F,G,H
#
loop_
_chem_comp.id
_chem_comp.type
_chem_comp.name
_chem_comp.formula
CL non-polymer 'CHLORIDE ION' 'Cl -1'
HX2 non-polymer (2R,5R)-hexane-2,5-diol 'C6 H14 O2'
ROP non-polymer PROPIONAMIDE 'C3 H7 N O'
SO4 non-polymer 'SULFATE ION' 'O4 S -2'
#
# COMPACT_ATOMS: atom_id res chain seq x y z
N SER A 2 3.23 39.14 -5.03
CA SER A 2 1.77 39.21 -5.06
C SER A 2 1.15 37.95 -5.67
N PHE A 3 -0.05 37.61 -5.20
CA PHE A 3 -0.73 36.42 -5.69
C PHE A 3 -2.21 36.73 -6.00
N THR A 4 -2.73 36.12 -7.06
CA THR A 4 -4.14 36.30 -7.40
C THR A 4 -4.88 34.97 -7.31
N TYR A 5 -5.89 34.94 -6.44
CA TYR A 5 -6.73 33.77 -6.25
C TYR A 5 -7.71 33.66 -7.42
N LYS A 6 -7.32 32.94 -8.46
CA LYS A 6 -8.20 32.74 -9.60
C LYS A 6 -9.12 31.57 -9.31
N ARG A 7 -10.24 31.84 -8.66
CA ARG A 7 -11.15 30.79 -8.26
C ARG A 7 -12.30 30.65 -9.24
N LEU A 8 -12.93 29.48 -9.23
CA LEU A 8 -14.02 29.20 -10.15
C LEU A 8 -15.20 30.13 -9.94
N ASP A 9 -15.70 30.68 -11.04
CA ASP A 9 -16.88 31.52 -11.03
C ASP A 9 -17.96 30.86 -11.88
N LYS A 10 -19.14 30.69 -11.32
CA LYS A 10 -20.21 29.96 -12.02
C LYS A 10 -20.72 30.71 -13.25
N ASN A 11 -20.33 31.97 -13.41
CA ASN A 11 -20.70 32.74 -14.59
C ASN A 11 -19.59 32.82 -15.64
N ASP A 12 -18.43 32.27 -15.30
CA ASP A 12 -17.28 32.38 -16.20
C ASP A 12 -16.62 31.02 -16.47
N ALA A 13 -17.33 29.94 -16.16
CA ALA A 13 -16.76 28.60 -16.27
C ALA A 13 -17.55 27.67 -17.20
N ALA A 14 -16.82 26.81 -17.90
CA ALA A 14 -17.42 25.77 -18.73
C ALA A 14 -16.82 24.41 -18.37
N VAL A 15 -17.58 23.34 -18.56
CA VAL A 15 -17.13 22.00 -18.20
C VAL A 15 -16.85 21.15 -19.43
N LEU A 16 -15.71 20.46 -19.44
CA LEU A 16 -15.34 19.61 -20.57
C LEU A 16 -15.21 18.15 -20.16
N PHE A 17 -16.08 17.32 -20.72
CA PHE A 17 -16.00 15.87 -20.52
C PHE A 17 -15.32 15.22 -21.72
N VAL A 18 -14.10 14.73 -21.52
CA VAL A 18 -13.30 14.23 -22.62
C VAL A 18 -13.10 12.72 -22.61
N ASP A 19 -13.78 12.03 -23.52
CA ASP A 19 -13.57 10.61 -23.78
C ASP A 19 -13.87 9.68 -22.60
N HIS A 20 -14.94 9.95 -21.88
CA HIS A 20 -15.43 8.99 -20.90
C HIS A 20 -16.21 7.90 -21.61
N GLN A 21 -15.48 7.05 -22.34
CA GLN A 21 -16.11 6.04 -23.19
C GLN A 21 -16.00 4.64 -22.59
N ALA A 22 -16.96 3.79 -22.93
CA ALA A 22 -17.07 2.45 -22.34
C ALA A 22 -15.79 1.62 -22.46
N GLY A 23 -15.16 1.69 -23.63
CA GLY A 23 -13.94 0.93 -23.86
C GLY A 23 -12.75 1.49 -23.10
N LEU A 24 -12.51 2.79 -23.25
CA LEU A 24 -11.36 3.45 -22.64
C LEU A 24 -11.37 3.36 -21.11
N LEU A 25 -12.56 3.23 -20.53
CA LEU A 25 -12.70 3.18 -19.08
C LEU A 25 -12.08 1.93 -18.48
N SER A 26 -11.91 0.90 -19.30
CA SER A 26 -11.30 -0.34 -18.82
C SER A 26 -9.79 -0.17 -18.66
N LEU A 27 -9.28 0.96 -19.16
CA LEU A 27 -7.86 1.30 -19.01
C LEU A 27 -7.60 1.98 -17.66
N VAL A 28 -8.64 2.58 -17.08
CA VAL A 28 -8.51 3.30 -15.82
C VAL A 28 -8.31 2.33 -14.65
N ARG A 29 -7.13 2.38 -14.04
CA ARG A 29 -6.81 1.49 -12.92
C ARG A 29 -6.28 2.25 -11.70
N ASP A 30 -6.13 3.56 -11.81
CA ASP A 30 -5.65 4.36 -10.69
C ASP A 30 -6.82 4.81 -9.83
N PHE A 31 -8.02 4.45 -10.26
CA PHE A 31 -9.23 4.58 -9.43
C PHE A 31 -10.03 3.29 -9.54
N SER A 32 -10.74 2.91 -8.49
CA SER A 32 -11.63 1.75 -8.60
C SER A 32 -12.86 2.15 -9.44
N PRO A 33 -13.47 1.17 -10.14
CA PRO A 33 -14.65 1.44 -10.99
C PRO A 33 -15.80 2.14 -10.26
N ASP A 34 -16.03 1.79 -9.00
CA ASP A 34 -17.11 2.40 -8.23
C ASP A 34 -16.85 3.87 -7.90
N GLU A 35 -15.66 4.18 -7.40
CA GLU A 35 -15.31 5.54 -7.03
C GLU A 35 -15.23 6.44 -8.27
N PHE A 36 -14.70 5.90 -9.37
CA PHE A 36 -14.54 6.70 -10.57
C PHE A 36 -15.90 7.06 -11.19
N LYS A 37 -16.83 6.12 -11.20
CA LYS A 37 -18.17 6.38 -11.72
C LYS A 37 -18.89 7.44 -10.91
N ASN A 38 -18.80 7.31 -9.59
CA ASN A 38 -19.44 8.26 -8.69
C ASN A 38 -18.85 9.67 -8.83
N ASN A 39 -17.53 9.74 -9.00
CA ASN A 39 -16.85 11.02 -9.13
C ASN A 39 -17.20 11.74 -10.43
N VAL A 40 -17.26 10.99 -11.54
CA VAL A 40 -17.61 11.57 -12.83
C VAL A 40 -19.04 12.08 -12.82
N LEU A 41 -19.94 11.26 -12.29
CA LEU A 41 -21.36 11.63 -12.18
C LEU A 41 -21.57 12.80 -11.22
N ALA A 42 -20.70 12.90 -10.22
CA ALA A 42 -20.77 14.01 -9.27
C ALA A 42 -20.46 15.32 -9.97
N LEU A 43 -19.41 15.32 -10.79
CA LEU A 43 -19.04 16.50 -11.58
C LEU A 43 -20.16 16.88 -12.55
N ALA A 44 -20.81 15.86 -13.10
CA ALA A 44 -21.91 16.08 -14.04
C ALA A 44 -23.10 16.73 -13.35
N ASP A 45 -23.45 16.23 -12.16
CA ASP A 45 -24.53 16.80 -11.38
C ASP A 45 -24.21 18.26 -11.02
N ILE A 46 -22.95 18.53 -10.71
CA ILE A 46 -22.51 19.88 -10.39
C ILE A 46 -22.60 20.80 -11.60
N ALA A 47 -22.16 20.29 -12.76
CA ALA A 47 -22.23 21.06 -14.00
C ALA A 47 -23.66 21.42 -14.36
N ARG A 48 -24.57 20.48 -14.16
CA ARG A 48 -25.98 20.69 -14.47
C ARG A 48 -26.62 21.62 -13.43
N PHE A 49 -26.19 21.49 -12.18
CA PHE A 49 -26.73 22.28 -11.08
C PHE A 49 -26.47 23.77 -11.24
N PHE A 50 -25.29 24.12 -11.76
CA PHE A 50 -24.94 25.51 -11.96
C PHE A 50 -25.18 25.98 -13.40
N ASN A 51 -25.82 25.13 -14.19
CA ASN A 51 -26.15 25.45 -15.59
C ASN A 51 -24.93 25.90 -16.38
N LEU A 52 -23.80 25.24 -16.17
CA LEU A 52 -22.55 25.58 -16.85
C LEU A 52 -22.58 25.07 -18.27
N PRO A 53 -22.06 25.87 -19.22
CA PRO A 53 -21.88 25.41 -20.60
C PRO A 53 -21.04 24.14 -20.63
N THR A 54 -21.62 23.07 -21.16
CA THR A 54 -20.96 21.75 -21.12
C THR A 54 -20.64 21.26 -22.51
N ILE A 55 -19.45 20.68 -22.66
CA ILE A 55 -19.03 20.13 -23.94
C ILE A 55 -18.63 18.66 -23.82
N LEU A 56 -19.26 17.81 -24.63
CA LEU A 56 -18.94 16.39 -24.65
C LEU A 56 -18.13 16.07 -25.90
N THR A 57 -17.08 15.26 -25.74
CA THR A 57 -16.29 14.84 -26.89
C THR A 57 -15.78 13.41 -26.72
N THR A 58 -15.67 12.70 -27.83
CA THR A 58 -15.19 11.32 -27.83
C THR A 58 -14.10 11.14 -28.87
N SER A 59 -13.32 10.08 -28.71
CA SER A 59 -12.23 9.78 -29.64
C SER A 59 -12.42 8.40 -30.27
N PHE A 60 -12.66 8.37 -31.57
CA PHE A 60 -12.77 7.12 -32.32
C PHE A 60 -13.81 6.19 -31.69
N GLU A 61 -14.99 6.73 -31.44
CA GLU A 61 -16.03 6.02 -30.70
C GLU A 61 -16.61 4.83 -31.46
N ASP A 62 -16.39 4.81 -32.78
CA ASP A 62 -16.89 3.72 -33.60
C ASP A 62 -15.88 2.58 -33.71
N GLY A 63 -14.96 2.54 -32.76
CA GLY A 63 -13.97 1.47 -32.68
C GLY A 63 -13.92 0.89 -31.28
N PRO A 64 -12.81 0.24 -30.93
CA PRO A 64 -12.59 -0.36 -29.61
C PRO A 64 -12.78 0.63 -28.46
N ASN A 65 -12.53 1.92 -28.72
CA ASN A 65 -12.69 2.96 -27.70
C ASN A 65 -14.11 3.01 -27.14
N GLY A 66 -15.08 2.63 -27.96
CA GLY A 66 -16.46 2.49 -27.51
C GLY A 66 -17.22 3.80 -27.40
N PRO A 67 -18.53 3.70 -27.11
CA PRO A 67 -19.43 4.85 -27.02
C PRO A 67 -19.25 5.62 -25.71
N LEU A 68 -19.68 6.87 -25.70
CA LEU A 68 -19.74 7.66 -24.47
C LEU A 68 -20.69 7.00 -23.49
N VAL A 69 -20.38 7.05 -22.20
CA VAL A 69 -21.27 6.49 -21.18
C VAL A 69 -22.64 7.14 -21.28
N PRO A 70 -23.70 6.33 -21.18
CA PRO A 70 -25.07 6.79 -21.45
C PRO A 70 -25.51 7.90 -20.50
N GLU A 71 -24.95 7.94 -19.30
CA GLU A 71 -25.33 8.96 -18.32
C GLU A 71 -25.04 10.36 -18.82
N LEU A 72 -23.86 10.54 -19.42
CA LEU A 72 -23.46 11.85 -19.91
C LEU A 72 -24.35 12.36 -21.04
N LYS A 73 -24.70 11.48 -21.98
CA LYS A 73 -25.58 11.89 -23.07
C LYS A 73 -26.99 12.15 -22.57
N GLU A 74 -27.41 11.38 -21.56
CA GLU A 74 -28.75 11.51 -21.01
C GLU A 74 -28.89 12.79 -20.19
N MSE A 75 -27.79 13.24 -19.58
CA MSE A 75 -27.81 14.41 -18.72
C MSE A 75 -27.60 15.71 -19.49
O MSE A 75 -28.07 16.77 -19.06
CB MSE A 75 -26.74 14.29 -17.64
CG MSE A 75 -27.03 13.24 -16.59
SE MSE A 75 -25.69 13.23 -15.16
CE MSE A 75 -25.94 15.06 -14.53
N PHE A 76 -26.92 15.63 -20.62
CA PHE A 76 -26.65 16.81 -21.44
C PHE A 76 -27.06 16.58 -22.90
N PRO A 77 -28.37 16.49 -23.16
CA PRO A 77 -28.84 16.14 -24.51
C PRO A 77 -28.71 17.27 -25.54
N GLN A 78 -28.58 18.51 -25.10
CA GLN A 78 -28.42 19.66 -26.00
C GLN A 78 -27.00 20.20 -26.01
N ALA A 79 -26.13 19.62 -25.19
CA ALA A 79 -24.75 20.06 -25.11
C ALA A 79 -24.03 19.71 -26.40
N PRO A 80 -23.09 20.56 -26.83
CA PRO A 80 -22.25 20.25 -27.99
C PRO A 80 -21.55 18.91 -27.86
N TYR A 81 -21.74 18.05 -28.85
CA TYR A 81 -21.17 16.71 -28.86
C TYR A 81 -20.23 16.59 -30.05
N ILE A 82 -18.93 16.59 -29.78
CA ILE A 82 -17.95 16.52 -30.86
C ILE A 82 -17.28 15.16 -30.90
N ALA A 83 -17.69 14.34 -31.87
CA ALA A 83 -17.07 13.04 -32.09
C ALA A 83 -15.81 13.22 -32.95
N ARG A 84 -14.65 12.97 -32.34
CA ARG A 84 -13.38 13.13 -33.03
C ARG A 84 -12.94 11.82 -33.68
N PRO A 85 -12.96 11.76 -35.02
CA PRO A 85 -12.59 10.53 -35.72
C PRO A 85 -11.09 10.22 -35.64
N GLY A 86 -10.26 11.24 -35.50
CA GLY A 86 -8.83 11.03 -35.55
C GLY A 86 -7.98 11.73 -34.50
N ASN A 87 -8.21 13.03 -34.32
CA ASN A 87 -7.37 13.84 -33.43
C ASN A 87 -7.42 13.38 -31.97
N ILE A 88 -6.25 13.03 -31.44
CA ILE A 88 -6.13 12.56 -30.07
C ILE A 88 -6.27 13.72 -29.09
N ASN A 89 -5.51 14.78 -29.33
CA ASN A 89 -5.68 16.03 -28.61
C ASN A 89 -6.95 16.72 -29.12
N ALA A 90 -7.93 16.90 -28.23
CA ALA A 90 -9.21 17.48 -28.61
C ALA A 90 -9.04 18.90 -29.15
N TRP A 91 -7.95 19.56 -28.76
CA TRP A 91 -7.70 20.93 -29.20
C TRP A 91 -7.22 21.00 -30.65
N ASP A 92 -6.83 19.85 -31.20
CA ASP A 92 -6.45 19.79 -32.61
C ASP A 92 -7.69 19.65 -33.49
N ASN A 93 -8.84 19.42 -32.85
CA ASN A 93 -10.12 19.38 -33.55
C ASN A 93 -10.74 20.77 -33.60
N GLU A 94 -10.93 21.30 -34.80
CA GLU A 94 -11.41 22.66 -34.96
C GLU A 94 -12.83 22.85 -34.45
N ASP A 95 -13.64 21.81 -34.57
CA ASP A 95 -15.02 21.85 -34.08
C ASP A 95 -15.06 21.91 -32.56
N PHE A 96 -14.12 21.21 -31.92
CA PHE A 96 -14.04 21.21 -30.46
C PHE A 96 -13.65 22.60 -29.97
N VAL A 97 -12.60 23.17 -30.56
CA VAL A 97 -12.14 24.50 -30.18
C VAL A 97 -13.20 25.56 -30.46
N LYS A 98 -13.91 25.41 -31.57
CA LYS A 98 -15.01 26.31 -31.90
C LYS A 98 -16.07 26.28 -30.82
N ALA A 99 -16.35 25.08 -30.30
CA ALA A 99 -17.35 24.91 -29.26
C ALA A 99 -16.90 25.49 -27.93
N VAL A 100 -15.62 25.35 -27.63
CA VAL A 100 -15.07 25.88 -26.39
C VAL A 100 -15.18 27.41 -26.36
N LYS A 101 -14.78 28.04 -27.46
CA LYS A 101 -14.78 29.50 -27.55
C LYS A 101 -16.18 30.06 -27.73
N ALA A 102 -17.10 29.23 -28.20
CA ALA A 102 -18.48 29.66 -28.40
C ALA A 102 -19.19 29.87 -27.07
N THR A 103 -18.67 29.22 -26.03
CA THR A 103 -19.21 29.39 -24.69
C THR A 103 -18.88 30.77 -24.15
N GLY A 104 -17.76 31.32 -24.60
CA GLY A 104 -17.33 32.64 -24.15
C GLY A 104 -16.77 32.61 -22.74
N LYS A 105 -16.44 31.42 -22.26
CA LYS A 105 -15.95 31.25 -20.90
C LYS A 105 -14.43 31.18 -20.83
N LYS A 106 -13.89 31.85 -19.81
CA LYS A 106 -12.45 31.94 -19.59
C LYS A 106 -11.92 30.78 -18.76
N GLN A 107 -12.79 30.21 -17.92
CA GLN A 107 -12.42 29.11 -17.05
C GLN A 107 -12.88 27.77 -17.60
N LEU A 108 -11.93 26.84 -17.75
CA LEU A 108 -12.25 25.52 -18.28
C LEU A 108 -12.13 24.43 -17.21
N ILE A 109 -13.25 23.83 -16.86
CA ILE A 109 -13.26 22.68 -15.96
C ILE A 109 -13.18 21.41 -16.79
N ILE A 110 -12.09 20.68 -16.65
CA ILE A 110 -11.85 19.55 -17.54
C ILE A 110 -11.65 18.22 -16.79
N ALA A 111 -12.24 17.17 -17.33
CA ALA A 111 -12.06 15.81 -16.82
C ALA A 111 -12.11 14.83 -17.98
N GLY A 112 -11.44 13.69 -17.84
CA GLY A 112 -11.47 12.70 -18.91
C GLY A 112 -10.55 11.50 -18.79
N VAL A 113 -10.49 10.73 -19.86
CA VAL A 113 -9.74 9.48 -19.91
C VAL A 113 -8.99 9.36 -21.24
N VAL A 114 -7.68 9.14 -21.20
CA VAL A 114 -6.91 9.03 -19.97
C VAL A 114 -6.29 10.37 -19.58
N THR A 115 -5.88 10.47 -18.32
CA THR A 115 -5.37 11.72 -17.76
C THR A 115 -4.13 12.24 -18.49
N ASP A 116 -3.17 11.34 -18.75
CA ASP A 116 -1.89 11.73 -19.32
C ASP A 116 -1.98 12.15 -20.79
N VAL A 117 -3.12 11.89 -21.43
CA VAL A 117 -3.26 12.18 -22.84
C VAL A 117 -4.50 13.02 -23.15
N CYS A 118 -5.68 12.43 -23.00
CA CYS A 118 -6.91 13.08 -23.43
C CYS A 118 -7.30 14.23 -22.52
N VAL A 119 -6.69 14.30 -21.35
CA VAL A 119 -6.88 15.43 -20.45
C VAL A 119 -5.70 16.39 -20.53
N ALA A 120 -4.50 15.83 -20.43
CA ALA A 120 -3.27 16.62 -20.39
C ALA A 120 -3.08 17.44 -21.66
N PHE A 121 -3.25 16.81 -22.82
CA PHE A 121 -2.95 17.46 -24.09
C PHE A 121 -3.85 18.69 -24.34
N PRO A 122 -5.18 18.56 -24.20
CA PRO A 122 -5.96 19.79 -24.42
C PRO A 122 -5.79 20.81 -23.29
N THR A 123 -5.43 20.34 -22.09
CA THR A 123 -5.14 21.24 -20.98
C THR A 123 -3.96 22.12 -21.31
N LEU A 124 -2.89 21.50 -21.79
CA LEU A 124 -1.67 22.23 -22.16
C LEU A 124 -1.92 23.17 -23.33
N SER A 125 -2.73 22.72 -24.28
CA SER A 125 -3.09 23.53 -25.44
C SER A 125 -3.93 24.74 -25.04
N ALA A 126 -4.88 24.52 -24.14
CA ALA A 126 -5.77 25.59 -23.68
C ALA A 126 -5.01 26.62 -22.85
N LEU A 127 -4.08 26.14 -22.02
CA LEU A 127 -3.25 27.02 -21.22
C LEU A 127 -2.39 27.90 -22.11
N GLU A 128 -1.96 27.35 -23.24
CA GLU A 128 -1.16 28.09 -24.21
C GLU A 128 -1.97 29.22 -24.82
N GLU A 129 -3.27 29.01 -24.98
CA GLU A 129 -4.14 30.02 -25.55
C GLU A 129 -4.68 30.98 -24.49
N GLY A 130 -4.20 30.83 -23.26
CA GLY A 130 -4.52 31.77 -22.21
C GLY A 130 -5.74 31.44 -21.36
N PHE A 131 -6.29 30.24 -21.52
CA PHE A 131 -7.42 29.81 -20.70
C PHE A 131 -6.98 29.47 -19.28
N ASP A 132 -7.87 29.69 -18.32
CA ASP A 132 -7.66 29.19 -16.97
C ASP A 132 -8.24 27.79 -16.87
N VAL A 133 -7.37 26.80 -16.69
CA VAL A 133 -7.80 25.41 -16.72
C VAL A 133 -7.81 24.79 -15.34
N PHE A 134 -8.95 24.22 -14.97
CA PHE A 134 -9.12 23.56 -13.68
C PHE A 134 -9.32 22.06 -13.90
N VAL A 135 -8.36 21.28 -13.43
CA VAL A 135 -8.38 19.85 -13.66
C VAL A 135 -9.07 19.10 -12.52
N VAL A 136 -10.12 18.34 -12.88
CA VAL A 136 -10.80 17.51 -11.89
C VAL A 136 -10.08 16.18 -11.80
N THR A 137 -9.14 16.11 -10.85
CA THR A 137 -8.20 15.00 -10.77
C THR A 137 -8.85 13.66 -10.44
N ASP A 138 -9.94 13.68 -9.68
CA ASP A 138 -10.59 12.44 -9.30
C ASP A 138 -11.72 12.06 -10.26
N ALA A 139 -11.94 12.89 -11.27
CA ALA A 139 -12.86 12.54 -12.35
C ALA A 139 -12.08 12.23 -13.63
N SER A 140 -10.76 12.16 -13.48
CA SER A 140 -9.88 11.78 -14.58
C SER A 140 -9.11 10.51 -14.20
N GLY A 141 -9.11 9.53 -15.08
CA GLY A 141 -8.47 8.27 -14.78
C GLY A 141 -7.39 7.88 -15.77
N THR A 142 -6.47 7.03 -15.34
CA THR A 142 -5.40 6.54 -16.20
C THR A 142 -4.90 5.18 -15.73
N PHE A 143 -3.81 4.72 -16.33
CA PHE A 143 -3.32 3.36 -16.16
C PHE A 143 -2.89 3.02 -14.73
N ASN A 144 -2.25 3.97 -14.06
CA ASN A 144 -1.70 3.72 -12.73
C ASN A 144 -1.30 5.03 -12.04
N PRO A 145 -1.10 4.99 -10.71
CA PRO A 145 -0.72 6.20 -9.96
C PRO A 145 0.54 6.90 -10.50
N VAL A 146 1.50 6.13 -11.00
CA VAL A 146 2.74 6.71 -11.51
C VAL A 146 2.46 7.57 -12.73
N VAL A 147 1.67 7.03 -13.65
CA VAL A 147 1.27 7.77 -14.85
C VAL A 147 0.45 9.01 -14.46
N ARG A 148 -0.37 8.87 -13.42
CA ARG A 148 -1.16 9.99 -12.92
C ARG A 148 -0.27 11.14 -12.46
N ASP A 149 0.69 10.79 -11.60
CA ASP A 149 1.59 11.77 -10.99
C ASP A 149 2.46 12.49 -12.00
N ALA A 150 2.87 11.78 -13.06
CA ALA A 150 3.65 12.39 -14.11
C ALA A 150 2.80 13.40 -14.87
N ALA A 151 1.54 13.06 -15.09
CA ALA A 151 0.60 13.94 -15.77
C ALA A 151 0.32 15.19 -14.94
N TRP A 152 0.19 15.02 -13.63
CA TRP A 152 0.00 16.14 -12.71
C TRP A 152 1.17 17.11 -12.80
N ALA A 153 2.39 16.56 -12.75
CA ALA A 153 3.61 17.34 -12.80
C ALA A 153 3.68 18.17 -14.08
N ARG A 154 3.28 17.57 -15.19
CA ARG A 154 3.34 18.24 -16.48
C ARG A 154 2.31 19.36 -16.56
N MSE A 155 1.13 19.11 -16.01
CA MSE A 155 0.06 20.10 -16.02
C MSE A 155 0.31 21.18 -14.97
O MSE A 155 -0.04 22.34 -15.16
CB MSE A 155 -1.29 19.43 -15.77
CG MSE A 155 -1.75 18.52 -16.89
SE MSE A 155 -3.53 17.77 -16.62
CE MSE A 155 -3.20 16.74 -14.99
N THR A 156 0.95 20.79 -13.87
CA THR A 156 1.29 21.72 -12.80
C THR A 156 2.29 22.77 -13.30
N ALA A 157 3.32 22.30 -14.00
CA ALA A 157 4.37 23.18 -14.52
C ALA A 157 3.81 24.16 -15.56
N ALA A 158 2.67 23.81 -16.14
CA ALA A 158 2.06 24.63 -17.19
C ALA A 158 1.10 25.67 -16.62
N GLY A 159 0.75 25.53 -15.35
CA GLY A 159 -0.11 26.49 -14.70
C GLY A 159 -1.54 26.03 -14.49
N ALA A 160 -1.80 24.74 -14.71
CA ALA A 160 -3.13 24.19 -14.47
C ALA A 160 -3.41 24.10 -12.98
N GLN A 161 -4.65 24.34 -12.60
CA GLN A 161 -5.04 24.21 -11.20
C GLN A 161 -5.65 22.83 -10.97
N LEU A 162 -4.98 22.04 -10.13
CA LEU A 162 -5.44 20.69 -9.82
C LEU A 162 -6.48 20.72 -8.71
N MSE A 163 -7.65 20.18 -9.00
CA MSE A 163 -8.73 20.12 -8.02
C MSE A 163 -9.48 18.79 -8.08
O MSE A 163 -9.03 17.84 -8.72
CB MSE A 163 -9.71 21.28 -8.23
CG MSE A 163 -9.09 22.66 -8.08
SE MSE A 163 -10.30 24.14 -8.45
CE MSE A 163 -11.46 24.01 -6.88
N ASN A 164 -10.61 18.73 -7.38
CA ASN A 164 -11.47 17.56 -7.38
C ASN A 164 -12.93 18.02 -7.45
N TRP A 165 -13.85 17.10 -7.72
CA TRP A 165 -15.24 17.48 -7.96
C TRP A 165 -15.85 18.19 -6.76
N PHE A 166 -15.48 17.78 -5.56
CA PHE A 166 -16.03 18.40 -4.35
C PHE A 166 -15.58 19.85 -4.20
N SER A 167 -14.28 20.10 -4.42
CA SER A 167 -13.74 21.45 -4.30
C SER A 167 -14.25 22.34 -5.43
N VAL A 168 -14.43 21.75 -6.60
CA VAL A 168 -15.00 22.45 -7.74
C VAL A 168 -16.41 22.91 -7.41
N GLY A 169 -17.20 22.00 -6.82
CA GLY A 169 -18.55 22.31 -6.43
C GLY A 169 -18.64 23.40 -5.37
N CYS A 170 -17.77 23.32 -4.37
CA CYS A 170 -17.78 24.29 -3.28
C CYS A 170 -17.31 25.67 -3.72
N GLU A 171 -16.35 25.71 -4.64
CA GLU A 171 -15.81 26.98 -5.13
C GLU A 171 -16.81 27.67 -6.05
N LEU A 172 -17.61 26.87 -6.75
CA LEU A 172 -18.67 27.41 -7.61
C LEU A 172 -19.83 27.91 -6.77
N HIS A 173 -20.16 27.17 -5.70
CA HIS A 173 -21.32 27.45 -4.88
C HIS A 173 -21.11 28.64 -3.94
N ARG A 174 -19.89 28.78 -3.42
CA ARG A 174 -19.50 29.89 -2.54
C ARG A 174 -20.25 29.89 -1.21
N ASP A 175 -21.58 29.95 -1.28
CA ASP A 175 -22.41 30.11 -0.10
C ASP A 175 -23.52 29.07 -0.06
N TRP A 176 -23.64 28.38 1.07
CA TRP A 176 -24.68 27.37 1.28
C TRP A 176 -26.08 27.93 1.05
N ARG A 177 -26.30 29.16 1.49
CA ARG A 177 -27.63 29.76 1.51
C ARG A 177 -28.17 30.10 0.13
N ASN A 178 -27.32 29.97 -0.89
CA ASN A 178 -27.76 30.17 -2.28
C ASN A 178 -28.79 29.11 -2.67
N ASP A 179 -28.57 27.88 -2.20
CA ASP A 179 -29.48 26.77 -2.39
C ASP A 179 -29.08 25.62 -1.48
N ILE A 180 -29.62 25.61 -0.26
CA ILE A 180 -29.25 24.61 0.73
C ILE A 180 -29.68 23.20 0.33
N GLU A 181 -30.97 23.03 -0.01
CA GLU A 181 -31.51 21.72 -0.38
C GLU A 181 -30.89 21.17 -1.66
N GLY A 182 -30.77 22.02 -2.67
CA GLY A 182 -30.26 21.62 -3.96
C GLY A 182 -28.81 21.16 -3.90
N PHE A 183 -27.99 21.93 -3.20
CA PHE A 183 -26.58 21.62 -3.08
C PHE A 183 -26.33 20.44 -2.15
N GLY A 184 -27.13 20.36 -1.08
CA GLY A 184 -27.03 19.29 -0.12
C GLY A 184 -27.37 17.94 -0.73
N ALA A 185 -28.28 17.96 -1.69
CA ALA A 185 -28.70 16.73 -2.39
C ALA A 185 -27.57 16.18 -3.24
N ILE A 186 -26.76 17.06 -3.81
CA ILE A 186 -25.60 16.65 -4.60
C ILE A 186 -24.57 15.96 -3.72
N LEU A 187 -24.25 16.59 -2.59
CA LEU A 187 -23.28 16.06 -1.65
C LEU A 187 -23.73 14.72 -1.07
N GLY A 188 -24.99 14.64 -0.65
CA GLY A 188 -25.54 13.42 -0.10
C GLY A 188 -25.60 12.30 -1.12
N GLY A 189 -25.82 12.69 -2.38
CA GLY A 189 -25.94 11.71 -3.45
C GLY A 189 -24.63 11.16 -3.96
N HIS A 190 -23.52 11.77 -3.54
CA HIS A 190 -22.21 11.38 -4.04
C HIS A 190 -21.19 11.21 -2.93
N LEU A 191 -21.62 11.46 -1.70
CA LEU A 191 -20.80 11.17 -0.53
C LEU A 191 -21.62 10.35 0.47
N PRO A 192 -21.51 9.02 0.39
CA PRO A 192 -22.28 8.11 1.24
C PRO A 192 -22.11 8.45 2.73
N ALA A 193 -20.93 8.95 3.09
CA ALA A 193 -20.67 9.38 4.45
C ALA A 193 -21.46 10.63 4.80
N TYR A 194 -21.67 11.50 3.82
CA TYR A 194 -22.43 12.73 4.05
C TYR A 194 -23.93 12.44 4.06
N ALA A 195 -24.36 11.48 3.26
CA ALA A 195 -25.76 11.05 3.26
C ALA A 195 -26.15 10.50 4.62
N ASN A 196 -25.22 9.79 5.25
CA ASN A 196 -25.44 9.23 6.57
C ASN A 196 -25.60 10.32 7.64
N LEU A 197 -24.80 11.37 7.52
CA LEU A 197 -24.91 12.52 8.43
C LEU A 197 -26.28 13.17 8.29
N ILE A 198 -26.74 13.29 7.06
CA ILE A 198 -28.04 13.88 6.76
C ILE A 198 -29.17 13.06 7.38
N GLN A 199 -29.09 11.74 7.23
CA GLN A 199 -30.13 10.86 7.73
C GLN A 199 -30.19 10.86 9.26
N SER A 200 -29.03 10.83 9.90
CA SER A 200 -28.95 10.87 11.36
C SER A 200 -29.50 12.19 11.89
N PHE A 201 -29.17 13.27 11.20
CA PHE A 201 -29.64 14.59 11.59
C PHE A 201 -31.15 14.72 11.43
N GLY A 202 -31.70 13.96 10.49
CA GLY A 202 -33.12 14.01 10.18
C GLY A 202 -34.01 13.28 11.17
N THR A 203 -33.42 12.40 11.97
CA THR A 203 -34.18 11.61 12.93
C THR A 203 -34.41 12.38 14.23
N SER B 2 4.18 33.82 -20.22
CA SER B 2 3.16 33.04 -20.91
C SER B 2 3.65 31.62 -21.12
N PHE B 3 2.72 30.68 -21.24
CA PHE B 3 3.10 29.27 -21.37
C PHE B 3 3.03 28.80 -22.81
N THR B 4 4.02 28.00 -23.19
CA THR B 4 4.10 27.43 -24.52
C THR B 4 4.09 25.91 -24.45
N TYR B 5 3.10 25.32 -25.12
CA TYR B 5 2.98 23.87 -25.19
C TYR B 5 4.02 23.29 -26.14
N LYS B 6 5.19 22.95 -25.61
CA LYS B 6 6.24 22.31 -26.41
C LYS B 6 6.00 20.81 -26.48
N ARG B 7 5.22 20.37 -27.46
CA ARG B 7 4.89 18.96 -27.57
C ARG B 7 5.78 18.22 -28.55
N LEU B 8 5.84 16.90 -28.41
CA LEU B 8 6.69 16.06 -29.25
C LEU B 8 6.29 16.14 -30.72
N ASP B 9 7.30 16.31 -31.56
CA ASP B 9 7.13 16.31 -33.01
C ASP B 9 7.95 15.16 -33.58
N LYS B 10 7.34 14.31 -34.39
CA LYS B 10 8.02 13.12 -34.91
C LYS B 10 9.15 13.46 -35.87
N ASN B 11 9.21 14.73 -36.29
CA ASN B 11 10.28 15.18 -37.18
C ASN B 11 11.38 15.93 -36.43
N ASP B 12 11.19 16.14 -35.13
CA ASP B 12 12.13 16.93 -34.34
C ASP B 12 12.56 16.21 -33.06
N ALA B 13 12.32 14.90 -32.98
CA ALA B 13 12.59 14.15 -31.76
C ALA B 13 13.55 12.98 -31.96
N ALA B 14 14.37 12.73 -30.94
CA ALA B 14 15.25 11.56 -30.91
C ALA B 14 15.04 10.80 -29.61
N VAL B 15 15.27 9.49 -29.64
CA VAL B 15 15.06 8.67 -28.46
C VAL B 15 16.37 8.15 -27.88
N LEU B 16 16.52 8.26 -26.56
CA LEU B 16 17.75 7.82 -25.90
C LEU B 16 17.45 6.68 -24.93
N PHE B 17 18.01 5.51 -25.22
CA PHE B 17 17.94 4.37 -24.31
C PHE B 17 19.24 4.27 -23.52
N VAL B 18 19.17 4.56 -22.23
CA VAL B 18 20.38 4.65 -21.41
C VAL B 18 20.52 3.53 -20.40
N ASP B 19 21.44 2.60 -20.67
CA ASP B 19 21.86 1.57 -19.72
C ASP B 19 20.76 0.60 -19.29
N HIS B 20 19.93 0.17 -20.24
CA HIS B 20 18.99 -0.93 -19.97
C HIS B 20 19.75 -2.25 -20.05
N GLN B 21 20.59 -2.51 -19.05
CA GLN B 21 21.48 -3.66 -19.09
C GLN B 21 21.03 -4.77 -18.14
N ALA B 22 21.39 -6.01 -18.48
CA ALA B 22 20.94 -7.20 -17.77
C ALA B 22 21.22 -7.15 -16.27
N GLY B 23 22.39 -6.67 -15.91
CA GLY B 23 22.77 -6.58 -14.50
C GLY B 23 22.01 -5.47 -13.79
N LEU B 24 22.06 -4.27 -14.35
CA LEU B 24 21.46 -3.10 -13.74
C LEU B 24 19.95 -3.23 -13.53
N LEU B 25 19.30 -4.04 -14.36
CA LEU B 25 17.85 -4.21 -14.27
C LEU B 25 17.41 -4.85 -12.96
N SER B 26 18.31 -5.59 -12.32
CA SER B 26 17.99 -6.23 -11.05
C SER B 26 17.94 -5.21 -9.92
N LEU B 27 18.39 -3.99 -10.22
CA LEU B 27 18.33 -2.90 -9.24
C LEU B 27 16.95 -2.24 -9.27
N VAL B 28 16.26 -2.36 -10.39
CA VAL B 28 14.94 -1.75 -10.56
C VAL B 28 13.88 -2.47 -9.72
N ARG B 29 13.37 -1.78 -8.71
CA ARG B 29 12.36 -2.37 -7.84
C ARG B 29 11.11 -1.50 -7.68
N ASP B 30 11.09 -0.33 -8.32
CA ASP B 30 9.94 0.55 -8.25
C ASP B 30 8.94 0.23 -9.36
N PHE B 31 9.30 -0.74 -10.19
CA PHE B 31 8.38 -1.34 -11.15
C PHE B 31 8.52 -2.86 -11.09
N SER B 32 7.43 -3.58 -11.37
CA SER B 32 7.52 -5.02 -11.48
C SER B 32 8.26 -5.37 -12.76
N PRO B 33 8.99 -6.49 -12.77
CA PRO B 33 9.75 -6.91 -13.95
C PRO B 33 8.88 -7.04 -15.20
N ASP B 34 7.63 -7.46 -15.02
CA ASP B 34 6.73 -7.64 -16.16
C ASP B 34 6.27 -6.33 -16.80
N GLU B 35 5.83 -5.38 -15.97
N GLU B 35 5.82 -5.38 -15.98
CA GLU B 35 5.37 -4.10 -16.49
CA GLU B 35 5.37 -4.10 -16.50
C GLU B 35 6.52 -3.29 -17.07
C GLU B 35 6.53 -3.29 -17.07
N PHE B 36 7.68 -3.36 -16.41
CA PHE B 36 8.84 -2.59 -16.85
C PHE B 36 9.37 -3.07 -18.20
N LYS B 37 9.38 -4.39 -18.39
CA LYS B 37 9.80 -4.97 -19.66
C LYS B 37 8.86 -4.51 -20.77
N ASN B 38 7.56 -4.57 -20.50
CA ASN B 38 6.55 -4.16 -21.46
C ASN B 38 6.64 -2.68 -21.81
N ASN B 39 6.90 -1.85 -20.80
CA ASN B 39 6.99 -0.40 -21.02
C ASN B 39 8.19 -0.01 -21.87
N VAL B 40 9.34 -0.62 -21.60
CA VAL B 40 10.55 -0.33 -22.35
C VAL B 40 10.39 -0.76 -23.80
N LEU B 41 9.85 -1.96 -24.00
CA LEU B 41 9.61 -2.48 -25.34
C LEU B 41 8.56 -1.66 -26.07
N ALA B 42 7.62 -1.10 -25.31
CA ALA B 42 6.60 -0.24 -25.88
C ALA B 42 7.22 1.05 -26.43
N LEU B 43 8.11 1.65 -25.65
CA LEU B 43 8.84 2.83 -26.08
C LEU B 43 9.70 2.54 -27.30
N ALA B 44 10.26 1.33 -27.33
CA ALA B 44 11.09 0.89 -28.44
C ALA B 44 10.27 0.76 -29.71
N ASP B 45 9.09 0.14 -29.60
CA ASP B 45 8.18 0.00 -30.73
C ASP B 45 7.76 1.34 -31.30
N ILE B 46 7.53 2.30 -30.42
CA ILE B 46 7.11 3.64 -30.81
C ILE B 46 8.22 4.37 -31.56
N ALA B 47 9.45 4.25 -31.06
CA ALA B 47 10.60 4.86 -31.70
C ALA B 47 10.81 4.32 -33.11
N ARG B 48 10.63 3.01 -33.26
CA ARG B 48 10.78 2.35 -34.55
C ARG B 48 9.62 2.69 -35.48
N PHE B 49 8.43 2.81 -34.90
CA PHE B 49 7.21 3.10 -35.65
C PHE B 49 7.25 4.48 -36.30
N PHE B 50 7.81 5.45 -35.58
CA PHE B 50 7.90 6.81 -36.11
C PHE B 50 9.26 7.07 -36.73
N ASN B 51 10.06 6.02 -36.84
CA ASN B 51 11.38 6.08 -37.46
C ASN B 51 12.25 7.17 -36.84
N LEU B 52 12.19 7.30 -35.52
CA LEU B 52 12.94 8.31 -34.80
C LEU B 52 14.41 7.89 -34.68
N PRO B 53 15.32 8.86 -34.85
CA PRO B 53 16.74 8.61 -34.57
C PRO B 53 16.92 8.06 -33.15
N THR B 54 17.48 6.87 -33.05
CA THR B 54 17.60 6.20 -31.76
C THR B 54 19.06 6.03 -31.37
N ILE B 55 19.36 6.29 -30.10
CA ILE B 55 20.72 6.13 -29.60
C ILE B 55 20.74 5.18 -28.41
N LEU B 56 21.56 4.15 -28.50
CA LEU B 56 21.73 3.19 -27.43
C LEU B 56 23.06 3.43 -26.71
N THR B 57 23.04 3.38 -25.38
CA THR B 57 24.27 3.55 -24.62
C THR B 57 24.27 2.66 -23.38
N THR B 58 25.47 2.18 -23.02
CA THR B 58 25.63 1.33 -21.85
C THR B 58 26.76 1.85 -20.97
N SER B 59 26.77 1.41 -19.72
CA SER B 59 27.80 1.82 -18.77
C SER B 59 28.57 0.62 -18.24
N PHE B 60 29.85 0.53 -18.60
CA PHE B 60 30.73 -0.52 -18.10
C PHE B 60 30.13 -1.90 -18.37
N GLU B 61 29.73 -2.14 -19.62
CA GLU B 61 28.98 -3.34 -19.98
C GLU B 61 29.79 -4.63 -19.88
N ASP B 62 31.11 -4.51 -19.85
CA ASP B 62 31.98 -5.68 -19.74
C ASP B 62 32.26 -6.03 -18.29
N GLY B 63 31.40 -5.55 -17.39
CA GLY B 63 31.50 -5.86 -15.98
C GLY B 63 30.18 -6.36 -15.42
N PRO B 64 29.99 -6.27 -14.09
CA PRO B 64 28.77 -6.70 -13.41
C PRO B 64 27.50 -6.05 -13.96
N ASN B 65 27.62 -4.84 -14.49
CA ASN B 65 26.47 -4.13 -15.07
C ASN B 65 25.82 -4.92 -16.20
N GLY B 66 26.62 -5.73 -16.89
CA GLY B 66 26.11 -6.63 -17.89
C GLY B 66 25.83 -5.98 -19.24
N PRO B 67 25.49 -6.80 -20.24
CA PRO B 67 25.25 -6.33 -21.60
C PRO B 67 23.88 -5.66 -21.75
N LEU B 68 23.72 -4.85 -22.79
CA LEU B 68 22.42 -4.29 -23.12
C LEU B 68 21.46 -5.43 -23.44
N VAL B 69 20.19 -5.26 -23.06
CA VAL B 69 19.19 -6.27 -23.34
C VAL B 69 19.09 -6.51 -24.85
N PRO B 70 19.00 -7.79 -25.25
CA PRO B 70 19.11 -8.16 -26.66
C PRO B 70 18.02 -7.56 -27.54
N GLU B 71 16.86 -7.26 -26.97
CA GLU B 71 15.75 -6.72 -27.74
C GLU B 71 16.10 -5.37 -28.39
N LEU B 72 16.76 -4.51 -27.63
CA LEU B 72 17.09 -3.17 -28.10
C LEU B 72 18.07 -3.17 -29.27
N LYS B 73 19.11 -3.99 -29.18
CA LYS B 73 20.07 -4.08 -30.27
C LYS B 73 19.45 -4.75 -31.49
N GLU B 74 18.53 -5.67 -31.22
CA GLU B 74 17.87 -6.42 -32.29
C GLU B 74 16.92 -5.51 -33.05
N MSE B 75 16.29 -4.57 -32.35
CA MSE B 75 15.33 -3.68 -32.98
C MSE B 75 16.03 -2.50 -33.67
O MSE B 75 15.55 -1.99 -34.69
CB MSE B 75 14.32 -3.18 -31.96
CG MSE B 75 13.43 -4.28 -31.39
SE MSE B 75 12.22 -3.60 -30.04
CE MSE B 75 11.28 -2.28 -31.14
N PHE B 76 17.16 -2.08 -33.10
CA PHE B 76 17.89 -0.95 -33.65
C PHE B 76 19.32 -1.33 -34.02
N PRO B 77 19.49 -2.17 -35.06
CA PRO B 77 20.82 -2.66 -35.42
C PRO B 77 21.70 -1.60 -36.08
N GLN B 78 21.09 -0.53 -36.57
CA GLN B 78 21.85 0.50 -37.28
C GLN B 78 22.03 1.74 -36.40
N ALA B 79 21.41 1.73 -35.23
CA ALA B 79 21.48 2.86 -34.31
C ALA B 79 22.87 3.00 -33.71
N PRO B 80 23.29 4.25 -33.45
CA PRO B 80 24.55 4.52 -32.75
C PRO B 80 24.60 3.82 -31.39
N TYR B 81 25.65 3.03 -31.17
CA TYR B 81 25.82 2.27 -29.94
C TYR B 81 27.07 2.74 -29.21
N ILE B 82 26.88 3.50 -28.13
CA ILE B 82 28.01 4.03 -27.39
C ILE B 82 28.21 3.33 -26.06
N ALA B 83 29.21 2.45 -25.99
CA ALA B 83 29.58 1.79 -24.75
C ALA B 83 30.50 2.70 -23.96
N ARG B 84 30.00 3.17 -22.81
CA ARG B 84 30.76 4.10 -21.97
C ARG B 84 31.61 3.36 -20.94
N PRO B 85 32.94 3.45 -21.09
CA PRO B 85 33.89 2.76 -20.23
C PRO B 85 33.94 3.30 -18.80
N GLY B 86 33.62 4.57 -18.62
CA GLY B 86 33.77 5.18 -17.32
C GLY B 86 32.75 6.23 -16.93
N ASN B 87 32.44 7.14 -17.85
CA ASN B 87 31.55 8.25 -17.53
C ASN B 87 30.15 7.78 -17.15
N ILE B 88 29.75 8.11 -15.92
CA ILE B 88 28.45 7.72 -15.40
C ILE B 88 27.37 8.57 -16.06
N ASN B 89 27.59 9.88 -16.07
CA ASN B 89 26.75 10.78 -16.84
C ASN B 89 27.08 10.61 -18.33
N ALA B 90 26.11 10.15 -19.10
CA ALA B 90 26.31 9.90 -20.52
C ALA B 90 26.72 11.15 -21.28
N TRP B 91 26.34 12.31 -20.73
CA TRP B 91 26.64 13.58 -21.38
C TRP B 91 28.12 13.96 -21.20
N ASP B 92 28.81 13.29 -20.29
CA ASP B 92 30.23 13.51 -20.10
C ASP B 92 31.03 12.69 -21.12
N ASN B 93 30.34 11.81 -21.83
CA ASN B 93 30.94 11.03 -22.90
C ASN B 93 30.82 11.78 -24.23
N GLU B 94 31.95 12.11 -24.83
CA GLU B 94 31.97 12.94 -26.03
C GLU B 94 31.33 12.25 -27.23
N ASP B 95 31.49 10.93 -27.31
CA ASP B 95 30.91 10.17 -28.40
C ASP B 95 29.39 10.16 -28.32
N PHE B 96 28.87 10.13 -27.09
CA PHE B 96 27.43 10.15 -26.87
C PHE B 96 26.83 11.48 -27.30
N VAL B 97 27.43 12.57 -26.84
CA VAL B 97 26.98 13.92 -27.17
C VAL B 97 27.08 14.19 -28.67
N LYS B 98 28.16 13.70 -29.28
CA LYS B 98 28.37 13.85 -30.72
C LYS B 98 27.23 13.18 -31.49
N ALA B 99 26.81 12.00 -31.01
CA ALA B 99 25.75 11.25 -31.67
C ALA B 99 24.39 11.93 -31.48
N VAL B 100 24.17 12.52 -30.32
CA VAL B 100 22.93 13.22 -30.03
C VAL B 100 22.77 14.43 -30.95
N LYS B 101 23.85 15.19 -31.10
CA LYS B 101 23.84 16.39 -31.92
C LYS B 101 23.86 16.05 -33.41
N ALA B 102 24.31 14.84 -33.73
CA ALA B 102 24.37 14.39 -35.12
C ALA B 102 22.96 14.11 -35.66
N THR B 103 22.03 13.84 -34.76
CA THR B 103 20.65 13.59 -35.14
C THR B 103 19.99 14.88 -35.62
N GLY B 104 20.45 16.01 -35.10
CA GLY B 104 19.90 17.30 -35.46
C GLY B 104 18.54 17.53 -34.82
N LYS B 105 18.24 16.74 -33.80
CA LYS B 105 16.94 16.84 -33.13
C LYS B 105 16.99 17.68 -31.87
N LYS B 106 15.96 18.51 -31.71
CA LYS B 106 15.85 19.43 -30.58
C LYS B 106 15.19 18.76 -29.38
N GLN B 107 14.35 17.78 -29.66
CA GLN B 107 13.61 17.07 -28.63
C GLN B 107 14.25 15.72 -28.28
N LEU B 108 14.56 15.54 -26.99
CA LEU B 108 15.18 14.29 -26.54
C LEU B 108 14.22 13.48 -25.67
N ILE B 109 13.81 12.33 -26.19
CA ILE B 109 13.01 11.39 -25.42
C ILE B 109 13.94 10.39 -24.74
N ILE B 110 13.98 10.42 -23.41
CA ILE B 110 14.96 9.62 -22.69
C ILE B 110 14.34 8.66 -21.68
N ALA B 111 14.92 7.46 -21.62
CA ALA B 111 14.53 6.45 -20.64
C ALA B 111 15.76 5.63 -20.27
N GLY B 112 15.79 5.08 -19.06
CA GLY B 112 16.94 4.29 -18.65
C GLY B 112 16.99 3.84 -17.21
N VAL B 113 18.14 3.29 -16.84
CA VAL B 113 18.36 2.70 -15.51
C VAL B 113 19.73 3.11 -14.99
N VAL B 114 19.80 3.70 -13.80
CA VAL B 114 18.64 3.99 -12.96
C VAL B 114 18.16 5.43 -13.17
N THR B 115 16.93 5.69 -12.73
CA THR B 115 16.29 6.99 -12.96
C THR B 115 17.05 8.17 -12.35
N ASP B 116 17.47 8.01 -11.10
CA ASP B 116 18.11 9.11 -10.36
C ASP B 116 19.52 9.43 -10.84
N VAL B 117 20.08 8.57 -11.69
CA VAL B 117 21.46 8.77 -12.13
C VAL B 117 21.61 8.76 -13.64
N CYS B 118 21.43 7.58 -14.26
CA CYS B 118 21.70 7.41 -15.67
C CYS B 118 20.66 8.11 -16.54
N VAL B 119 19.53 8.47 -15.93
CA VAL B 119 18.53 9.26 -16.63
C VAL B 119 18.60 10.73 -16.21
N ALA B 120 18.63 10.95 -14.90
CA ALA B 120 18.61 12.30 -14.34
C ALA B 120 19.81 13.13 -14.78
N PHE B 121 21.01 12.57 -14.67
CA PHE B 121 22.23 13.33 -14.94
C PHE B 121 22.31 13.85 -16.39
N PRO B 122 22.12 12.97 -17.39
CA PRO B 122 22.18 13.52 -18.75
C PRO B 122 20.98 14.37 -19.09
N THR B 123 19.86 14.16 -18.41
CA THR B 123 18.68 14.99 -18.58
C THR B 123 18.97 16.43 -18.19
N LEU B 124 19.57 16.59 -17.02
CA LEU B 124 19.91 17.91 -16.50
C LEU B 124 20.96 18.58 -17.39
N SER B 125 21.92 17.79 -17.87
CA SER B 125 22.97 18.28 -18.75
C SER B 125 22.42 18.76 -20.08
N ALA B 126 21.47 18.00 -20.64
CA ALA B 126 20.87 18.34 -21.92
C ALA B 126 19.99 19.57 -21.78
N LEU B 127 19.29 19.67 -20.64
CA LEU B 127 18.46 20.84 -20.35
C LEU B 127 19.31 22.09 -20.24
N GLU B 128 20.51 21.94 -19.70
CA GLU B 128 21.44 23.06 -19.58
C GLU B 128 21.89 23.55 -20.95
N GLU B 129 21.98 22.62 -21.91
CA GLU B 129 22.42 22.96 -23.26
C GLU B 129 21.26 23.40 -24.15
N GLY B 130 20.08 23.52 -23.55
CA GLY B 130 18.93 24.07 -24.26
C GLY B 130 18.08 23.03 -24.96
N PHE B 131 18.34 21.75 -24.72
CA PHE B 131 17.51 20.70 -25.30
C PHE B 131 16.17 20.63 -24.58
N ASP B 132 15.13 20.26 -25.32
CA ASP B 132 13.85 19.93 -24.72
C ASP B 132 13.83 18.45 -24.40
N VAL B 133 13.79 18.13 -23.11
CA VAL B 133 13.90 16.74 -22.67
C VAL B 133 12.58 16.16 -22.19
N PHE B 134 12.21 15.02 -22.75
CA PHE B 134 10.98 14.34 -22.39
C PHE B 134 11.30 13.01 -21.71
N VAL B 135 10.98 12.90 -20.43
CA VAL B 135 11.32 11.72 -19.66
C VAL B 135 10.19 10.69 -19.67
N VAL B 136 10.48 9.49 -20.15
CA VAL B 136 9.53 8.38 -20.11
C VAL B 136 9.64 7.69 -18.76
N THR B 137 8.81 8.13 -17.82
CA THR B 137 8.95 7.75 -16.42
C THR B 137 8.68 6.27 -16.14
N ASP B 138 7.83 5.64 -16.94
CA ASP B 138 7.50 4.24 -16.70
C ASP B 138 8.39 3.31 -17.52
N ALA B 139 9.29 3.88 -18.29
CA ALA B 139 10.32 3.10 -18.97
C ALA B 139 11.67 3.37 -18.32
N SER B 140 11.63 4.09 -17.19
CA SER B 140 12.81 4.33 -16.39
C SER B 140 12.61 3.74 -15.00
N GLY B 141 13.60 2.99 -14.52
CA GLY B 141 13.46 2.30 -13.24
C GLY B 141 14.56 2.68 -12.26
N THR B 142 14.27 2.49 -10.98
CA THR B 142 15.24 2.76 -9.92
C THR B 142 14.95 1.90 -8.69
N PHE B 143 15.65 2.17 -7.60
CA PHE B 143 15.64 1.30 -6.42
C PHE B 143 14.28 1.21 -5.72
N ASN B 144 13.56 2.32 -5.64
CA ASN B 144 12.31 2.37 -4.90
C ASN B 144 11.53 3.66 -5.22
N PRO B 145 10.23 3.69 -4.87
CA PRO B 145 9.41 4.88 -5.15
C PRO B 145 9.96 6.19 -4.59
N VAL B 146 10.61 6.14 -3.43
CA VAL B 146 11.15 7.35 -2.80
C VAL B 146 12.25 7.97 -3.66
N VAL B 147 13.19 7.14 -4.09
CA VAL B 147 14.29 7.60 -4.94
C VAL B 147 13.75 8.12 -6.28
N ARG B 148 12.74 7.45 -6.81
CA ARG B 148 12.12 7.87 -8.06
C ARG B 148 11.50 9.27 -7.92
N ASP B 149 10.74 9.49 -6.86
CA ASP B 149 10.07 10.77 -6.65
C ASP B 149 11.05 11.93 -6.50
N ALA B 150 12.19 11.66 -5.85
CA ALA B 150 13.22 12.66 -5.68
C ALA B 150 13.85 13.03 -7.02
N ALA B 151 14.04 12.01 -7.87
CA ALA B 151 14.59 12.22 -9.20
C ALA B 151 13.62 13.03 -10.05
N TRP B 152 12.32 12.75 -9.89
CA TRP B 152 11.28 13.52 -10.57
C TRP B 152 11.35 14.99 -10.18
N ALA B 153 11.46 15.23 -8.87
CA ALA B 153 11.52 16.59 -8.35
C ALA B 153 12.71 17.36 -8.94
N ARG B 154 13.86 16.69 -9.03
CA ARG B 154 15.07 17.33 -9.53
C ARG B 154 14.99 17.62 -11.02
N MSE B 155 14.38 16.71 -11.78
CA MSE B 155 14.23 16.91 -13.22
C MSE B 155 13.12 17.92 -13.52
O MSE B 155 13.24 18.71 -14.45
CB MSE B 155 13.96 15.57 -13.91
CG MSE B 155 15.16 14.63 -13.91
SE MSE B 155 14.83 12.93 -14.79
CE MSE B 155 13.50 12.19 -13.57
N THR B 156 12.06 17.88 -12.73
CA THR B 156 10.95 18.83 -12.87
C THR B 156 11.43 20.26 -12.65
N ALA B 157 12.22 20.46 -11.60
CA ALA B 157 12.74 21.78 -11.26
C ALA B 157 13.64 22.34 -12.36
N ALA B 158 14.17 21.44 -13.19
CA ALA B 158 15.08 21.82 -14.25
C ALA B 158 14.33 22.13 -15.55
N GLY B 159 13.06 21.77 -15.61
CA GLY B 159 12.25 22.06 -16.77
C GLY B 159 12.01 20.84 -17.65
N ALA B 160 12.33 19.66 -17.13
CA ALA B 160 12.08 18.43 -17.86
C ALA B 160 10.58 18.13 -17.88
N GLN B 161 10.11 17.57 -18.98
CA GLN B 161 8.72 17.17 -19.09
C GLN B 161 8.56 15.70 -18.75
N LEU B 162 7.81 15.42 -17.69
CA LEU B 162 7.58 14.04 -17.26
C LEU B 162 6.43 13.41 -18.03
N MSE B 163 6.71 12.31 -18.70
CA MSE B 163 5.69 11.61 -19.48
C MSE B 163 5.81 10.09 -19.32
O MSE B 163 6.50 9.60 -18.44
CB MSE B 163 5.78 11.98 -20.96
CG MSE B 163 5.51 13.45 -21.24
SE MSE B 163 5.64 13.94 -23.12
CE MSE B 163 4.08 13.00 -23.80
N ASN B 164 5.10 9.38 -20.18
CA ASN B 164 5.11 7.92 -20.19
C ASN B 164 4.99 7.45 -21.64
N TRP B 165 5.25 6.16 -21.88
CA TRP B 165 5.36 5.67 -23.25
C TRP B 165 4.06 5.87 -24.03
N PHE B 166 2.92 5.71 -23.37
CA PHE B 166 1.64 5.87 -24.05
C PHE B 166 1.40 7.32 -24.47
N SER B 167 1.68 8.26 -23.58
CA SER B 167 1.51 9.67 -23.89
C SER B 167 2.52 10.13 -24.92
N VAL B 168 3.73 9.56 -24.86
CA VAL B 168 4.76 9.84 -25.85
C VAL B 168 4.28 9.44 -27.24
N GLY B 169 3.72 8.24 -27.34
CA GLY B 169 3.20 7.75 -28.60
C GLY B 169 2.05 8.57 -29.15
N CYS B 170 1.12 8.95 -28.28
CA CYS B 170 -0.05 9.72 -28.70
C CYS B 170 0.31 11.14 -29.12
N GLU B 171 1.28 11.73 -28.44
CA GLU B 171 1.71 13.10 -28.77
C GLU B 171 2.48 13.12 -30.08
N LEU B 172 3.17 12.01 -30.37
CA LEU B 172 3.89 11.86 -31.63
C LEU B 172 2.93 11.57 -32.78
N HIS B 173 1.90 10.78 -32.50
CA HIS B 173 0.99 10.31 -33.55
C HIS B 173 -0.02 11.38 -33.97
N ARG B 174 -0.45 12.20 -33.00
CA ARG B 174 -1.37 13.31 -33.22
C ARG B 174 -2.76 12.88 -33.69
N ASP B 175 -2.80 12.16 -34.81
CA ASP B 175 -4.07 11.79 -35.44
C ASP B 175 -4.09 10.30 -35.72
N TRP B 176 -5.16 9.63 -35.28
CA TRP B 176 -5.33 8.20 -35.51
C TRP B 176 -5.25 7.83 -36.99
N ARG B 177 -5.81 8.68 -37.84
CA ARG B 177 -5.96 8.39 -39.25
C ARG B 177 -4.64 8.39 -40.03
N ASN B 178 -3.56 8.80 -39.39
CA ASN B 178 -2.23 8.73 -40.02
C ASN B 178 -1.84 7.28 -40.26
N ASP B 179 -2.20 6.41 -39.31
CA ASP B 179 -1.98 4.97 -39.43
C ASP B 179 -2.73 4.24 -38.32
N ILE B 180 -4.00 3.91 -38.60
CA ILE B 180 -4.87 3.27 -37.61
C ILE B 180 -4.35 1.88 -37.23
N GLU B 181 -4.12 1.05 -38.24
CA GLU B 181 -3.67 -0.33 -38.02
C GLU B 181 -2.30 -0.39 -37.34
N GLY B 182 -1.36 0.41 -37.83
CA GLY B 182 0.00 0.39 -37.31
C GLY B 182 0.07 0.84 -35.86
N PHE B 183 -0.62 1.94 -35.55
CA PHE B 183 -0.61 2.50 -34.19
C PHE B 183 -1.44 1.64 -33.24
N GLY B 184 -2.55 1.12 -33.75
CA GLY B 184 -3.41 0.26 -32.96
C GLY B 184 -2.72 -1.03 -32.55
N ALA B 185 -1.82 -1.51 -33.42
CA ALA B 185 -1.08 -2.73 -33.15
C ALA B 185 -0.12 -2.55 -31.98
N ILE B 186 0.45 -1.35 -31.87
CA ILE B 186 1.33 -1.02 -30.76
C ILE B 186 0.57 -1.01 -29.44
N LEU B 187 -0.58 -0.33 -29.43
CA LEU B 187 -1.41 -0.22 -28.24
C LEU B 187 -1.91 -1.59 -27.81
N GLY B 188 -2.39 -2.38 -28.79
CA GLY B 188 -2.87 -3.71 -28.50
C GLY B 188 -1.74 -4.62 -28.03
N GLY B 189 -0.54 -4.35 -28.53
CA GLY B 189 0.61 -5.17 -28.20
C GLY B 189 1.23 -4.87 -26.85
N HIS B 190 0.84 -3.76 -26.24
CA HIS B 190 1.45 -3.34 -24.98
C HIS B 190 0.42 -2.91 -23.94
N LEU B 191 -0.86 -2.98 -24.31
CA LEU B 191 -1.94 -2.78 -23.36
C LEU B 191 -2.90 -3.97 -23.46
N PRO B 192 -2.68 -4.97 -22.59
CA PRO B 192 -3.42 -6.24 -22.55
C PRO B 192 -4.92 -6.04 -22.51
N ALA B 193 -5.35 -4.96 -21.87
CA ALA B 193 -6.75 -4.54 -21.81
C ALA B 193 -7.24 -3.95 -23.14
N TYR B 194 -6.35 -3.24 -23.84
CA TYR B 194 -6.74 -2.63 -25.12
C TYR B 194 -6.80 -3.70 -26.19
N ALA B 195 -5.95 -4.71 -26.06
CA ALA B 195 -6.00 -5.87 -26.93
C ALA B 195 -7.35 -6.57 -26.79
N ASN B 196 -7.87 -6.60 -25.56
CA ASN B 196 -9.17 -7.20 -25.28
C ASN B 196 -10.32 -6.42 -25.92
N LEU B 197 -10.22 -5.10 -25.88
CA LEU B 197 -11.22 -4.24 -26.51
C LEU B 197 -11.26 -4.49 -28.01
N ILE B 198 -10.09 -4.62 -28.61
CA ILE B 198 -9.95 -4.86 -30.03
C ILE B 198 -10.57 -6.20 -30.42
N GLN B 199 -10.32 -7.23 -29.62
CA GLN B 199 -10.84 -8.57 -29.91
C GLN B 199 -12.36 -8.62 -29.82
N SER B 200 -12.91 -8.00 -28.78
CA SER B 200 -14.37 -7.94 -28.60
C SER B 200 -15.03 -7.16 -29.74
N PHE B 201 -14.39 -6.07 -30.14
CA PHE B 201 -14.89 -5.26 -31.24
C PHE B 201 -14.85 -6.02 -32.55
N GLY B 202 -13.89 -6.95 -32.65
CA GLY B 202 -13.71 -7.73 -33.87
C GLY B 202 -14.74 -8.83 -34.01
N THR B 203 -15.40 -9.18 -32.90
CA THR B 203 -16.39 -10.24 -32.92
C THR B 203 -17.76 -9.71 -33.34
N SER C 2 17.90 28.86 -19.07
CA SER C 2 18.14 29.63 -17.87
C SER C 2 18.37 28.64 -16.75
N PHE C 3 18.60 27.39 -17.13
CA PHE C 3 18.86 26.37 -16.17
C PHE C 3 20.33 26.01 -16.25
N THR C 4 20.92 25.88 -15.08
CA THR C 4 22.30 25.51 -14.94
C THR C 4 22.37 24.23 -14.12
N TYR C 5 22.96 23.20 -14.70
CA TYR C 5 23.14 21.95 -13.99
C TYR C 5 24.24 22.11 -12.95
N LYS C 6 23.86 22.52 -11.75
CA LYS C 6 24.81 22.63 -10.64
C LYS C 6 24.97 21.28 -9.95
N ARG C 7 25.93 20.49 -10.44
CA ARG C 7 26.14 19.14 -9.92
C ARG C 7 27.25 19.11 -8.88
N LEU C 8 27.23 18.06 -8.05
CA LEU C 8 28.19 17.91 -6.97
C LEU C 8 29.63 17.79 -7.47
N ASP C 9 30.51 18.55 -6.81
CA ASP C 9 31.94 18.50 -7.09
C ASP C 9 32.66 18.06 -5.81
N LYS C 10 33.52 17.05 -5.93
CA LYS C 10 34.19 16.49 -4.76
C LYS C 10 35.20 17.45 -4.13
N ASN C 11 35.52 18.54 -4.84
CA ASN C 11 36.44 19.54 -4.31
C ASN C 11 35.72 20.75 -3.74
N ASP C 12 34.40 20.77 -3.86
CA ASP C 12 33.63 21.94 -3.43
C ASP C 12 32.46 21.56 -2.52
N ALA C 13 32.48 20.34 -1.99
CA ALA C 13 31.35 19.84 -1.20
C ALA C 13 31.74 19.42 0.21
N ALA C 14 30.83 19.64 1.16
CA ALA C 14 30.99 19.18 2.53
C ALA C 14 29.73 18.40 2.93
N VAL C 15 29.88 17.44 3.85
CA VAL C 15 28.76 16.61 4.26
C VAL C 15 28.31 16.90 5.69
N LEU C 16 26.99 17.03 5.88
CA LEU C 16 26.44 17.33 7.20
C LEU C 16 25.54 16.21 7.72
N PHE C 17 25.96 15.57 8.81
CA PHE C 17 25.14 14.58 9.49
C PHE C 17 24.46 15.22 10.70
N VAL C 18 23.14 15.41 10.62
CA VAL C 18 22.43 16.15 11.65
C VAL C 18 21.51 15.27 12.50
N ASP C 19 21.93 15.04 13.74
CA ASP C 19 21.10 14.39 14.77
C ASP C 19 20.68 12.96 14.45
N HIS C 20 21.60 12.16 13.89
CA HIS C 20 21.36 10.72 13.78
C HIS C 20 21.64 10.06 15.12
N GLN C 21 20.74 10.29 16.09
CA GLN C 21 20.95 9.84 17.45
C GLN C 21 20.09 8.63 17.79
N ALA C 22 20.57 7.83 18.74
CA ALA C 22 19.94 6.57 19.10
C ALA C 22 18.46 6.73 19.46
N GLY C 23 18.14 7.79 20.19
CA GLY C 23 16.77 8.05 20.59
C GLY C 23 15.89 8.52 19.43
N LEU C 24 16.36 9.56 18.74
CA LEU C 24 15.59 10.18 17.67
C LEU C 24 15.27 9.22 16.52
N LEU C 25 16.11 8.20 16.34
CA LEU C 25 15.93 7.25 15.25
C LEU C 25 14.67 6.40 15.40
N SER C 26 14.18 6.28 16.64
CA SER C 26 12.97 5.51 16.88
C SER C 26 11.74 6.26 16.40
N LEU C 27 11.92 7.53 16.04
CA LEU C 27 10.85 8.34 15.49
C LEU C 27 10.71 8.11 13.99
N VAL C 28 11.79 7.65 13.36
CA VAL C 28 11.79 7.42 11.92
C VAL C 28 10.95 6.20 11.55
N ARG C 29 9.84 6.43 10.84
CA ARG C 29 8.97 5.34 10.43
C ARG C 29 8.68 5.36 8.93
N ASP C 30 9.22 6.33 8.22
CA ASP C 30 8.99 6.42 6.78
C ASP C 30 10.04 5.60 6.01
N PHE C 31 10.97 5.03 6.76
CA PHE C 31 11.90 4.04 6.23
C PHE C 31 11.98 2.86 7.21
N SER C 32 12.24 1.67 6.69
CA SER C 32 12.48 0.52 7.55
C SER C 32 13.84 0.68 8.23
N PRO C 33 13.97 0.18 9.47
CA PRO C 33 15.23 0.28 10.21
C PRO C 33 16.41 -0.29 9.44
N ASP C 34 16.20 -1.37 8.69
CA ASP C 34 17.27 -2.00 7.94
C ASP C 34 17.73 -1.14 6.77
N GLU C 35 16.77 -0.63 6.01
CA GLU C 35 17.12 0.22 4.86
C GLU C 35 17.72 1.55 5.30
N PHE C 36 17.19 2.13 6.35
CA PHE C 36 17.65 3.44 6.81
C PHE C 36 19.07 3.37 7.36
N LYS C 37 19.37 2.30 8.10
CA LYS C 37 20.71 2.13 8.62
C LYS C 37 21.71 1.98 7.48
N ASN C 38 21.35 1.17 6.48
CA ASN C 38 22.20 0.95 5.32
C ASN C 38 22.41 2.22 4.51
N ASN C 39 21.35 3.01 4.36
CA ASN C 39 21.43 4.25 3.59
C ASN C 39 22.33 5.30 4.22
N VAL C 40 22.22 5.46 5.54
CA VAL C 40 23.04 6.43 6.26
C VAL C 40 24.51 6.03 6.23
N LEU C 41 24.77 4.75 6.48
CA LEU C 41 26.14 4.23 6.45
C LEU C 41 26.74 4.30 5.04
N ALA C 42 25.88 4.19 4.03
CA ALA C 42 26.32 4.31 2.64
C ALA C 42 26.81 5.73 2.38
N LEU C 43 26.05 6.71 2.84
CA LEU C 43 26.42 8.11 2.71
C LEU C 43 27.72 8.40 3.45
N ALA C 44 27.89 7.75 4.60
CA ALA C 44 29.10 7.92 5.39
C ALA C 44 30.32 7.37 4.67
N ASP C 45 30.18 6.17 4.10
CA ASP C 45 31.24 5.56 3.32
C ASP C 45 31.63 6.44 2.13
N ILE C 46 30.63 7.04 1.50
CA ILE C 46 30.85 7.92 0.37
C ILE C 46 31.60 9.18 0.78
N ALA C 47 31.18 9.77 1.90
CA ALA C 47 31.83 10.97 2.43
C ALA C 47 33.31 10.69 2.72
N ARG C 48 33.57 9.53 3.28
CA ARG C 48 34.93 9.12 3.63
C ARG C 48 35.73 8.76 2.37
N PHE C 49 35.07 8.16 1.40
CA PHE C 49 35.72 7.73 0.16
C PHE C 49 36.27 8.91 -0.64
N PHE C 50 35.53 10.01 -0.66
CA PHE C 50 35.94 11.17 -1.42
C PHE C 50 36.65 12.20 -0.54
N ASN C 51 36.94 11.81 0.70
N ASN C 51 36.93 11.80 0.70
CA ASN C 51 37.64 12.67 1.66
CA ASN C 51 37.63 12.65 1.67
C ASN C 51 36.95 14.01 1.83
C ASN C 51 36.95 14.01 1.82
N LEU C 52 35.62 14.01 1.86
CA LEU C 52 34.86 15.24 2.00
C LEU C 52 34.87 15.72 3.44
N PRO C 53 35.00 17.05 3.62
CA PRO C 53 34.85 17.66 4.95
C PRO C 53 33.51 17.28 5.56
N THR C 54 33.54 16.63 6.71
CA THR C 54 32.33 16.11 7.32
C THR C 54 32.08 16.79 8.66
N ILE C 55 30.83 17.14 8.92
CA ILE C 55 30.46 17.76 10.18
C ILE C 55 29.38 16.97 10.89
N LEU C 56 29.65 16.61 12.13
CA LEU C 56 28.70 15.87 12.94
C LEU C 56 28.07 16.80 13.98
N THR C 57 26.76 16.70 14.14
CA THR C 57 26.06 17.50 15.13
C THR C 57 24.91 16.72 15.75
N THR C 58 24.66 16.97 17.03
CA THR C 58 23.58 16.30 17.76
C THR C 58 22.72 17.33 18.47
N SER C 59 21.51 16.93 18.83
CA SER C 59 20.59 17.82 19.54
C SER C 59 20.20 17.25 20.89
N PHE C 60 20.64 17.91 21.96
CA PHE C 60 20.27 17.54 23.32
C PHE C 60 20.60 16.07 23.58
N GLU C 61 21.83 15.68 23.27
CA GLU C 61 22.23 14.28 23.30
C GLU C 61 22.29 13.69 24.71
N ASP C 62 22.32 14.55 25.72
CA ASP C 62 22.37 14.11 27.10
C ASP C 62 20.96 13.94 27.66
N GLY C 63 19.99 13.81 26.77
CA GLY C 63 18.61 13.57 27.16
C GLY C 63 18.02 12.39 26.41
N PRO C 64 16.68 12.34 26.32
CA PRO C 64 15.96 11.27 25.61
C PRO C 64 16.39 11.11 24.16
N ASN C 65 16.85 12.19 23.55
CA ASN C 65 17.32 12.15 22.16
C ASN C 65 18.46 11.17 21.96
N GLY C 66 19.25 10.96 23.00
CA GLY C 66 20.28 9.95 22.99
C GLY C 66 21.55 10.36 22.26
N PRO C 67 22.59 9.52 22.34
CA PRO C 67 23.89 9.79 21.74
C PRO C 67 23.90 9.58 20.24
N LEU C 68 24.86 10.17 19.54
CA LEU C 68 25.06 9.91 18.13
C LEU C 68 25.39 8.44 17.93
N VAL C 69 24.92 7.86 16.83
CA VAL C 69 25.23 6.47 16.52
C VAL C 69 26.74 6.28 16.43
N PRO C 70 27.24 5.19 17.02
CA PRO C 70 28.69 5.00 17.16
C PRO C 70 29.45 4.92 15.83
N GLU C 71 28.77 4.47 14.77
CA GLU C 71 29.41 4.33 13.46
C GLU C 71 29.92 5.65 12.89
N LEU C 72 29.09 6.69 12.96
CA LEU C 72 29.44 8.01 12.43
C LEU C 72 30.63 8.57 13.19
N LYS C 73 30.59 8.37 14.50
CA LYS C 73 31.63 8.83 15.41
C LYS C 73 32.92 8.05 15.17
N GLU C 74 32.78 6.79 14.80
CA GLU C 74 33.90 5.91 14.52
C GLU C 74 34.59 6.25 13.20
N MSE C 75 33.79 6.52 12.17
CA MSE C 75 34.31 6.77 10.84
C MSE C 75 34.92 8.16 10.70
O MSE C 75 35.78 8.38 9.84
CB MSE C 75 33.20 6.58 9.80
CG MSE C 75 32.63 5.17 9.77
SE MSE C 75 31.21 4.99 8.46
CE MSE C 75 32.18 5.68 6.92
N PHE C 76 34.48 9.08 11.54
CA PHE C 76 34.98 10.46 11.46
C PHE C 76 35.47 10.97 12.82
N PRO C 77 36.60 10.43 13.31
CA PRO C 77 37.10 10.79 14.64
C PRO C 77 37.70 12.20 14.68
N GLN C 78 38.04 12.75 13.52
CA GLN C 78 38.64 14.09 13.43
C GLN C 78 37.65 15.14 12.94
N ALA C 79 36.45 14.71 12.61
CA ALA C 79 35.43 15.63 12.12
C ALA C 79 34.95 16.54 13.25
N PRO C 80 34.62 17.80 12.93
CA PRO C 80 34.01 18.71 13.90
C PRO C 80 32.73 18.12 14.49
N TYR C 81 32.68 18.06 15.82
CA TYR C 81 31.52 17.48 16.51
C TYR C 81 30.84 18.57 17.34
N ILE C 82 29.69 19.02 16.89
CA ILE C 82 28.97 20.09 17.59
C ILE C 82 27.74 19.57 18.31
N ALA C 83 27.84 19.44 19.62
CA ALA C 83 26.70 19.06 20.45
C ALA C 83 25.87 20.29 20.77
N ARG C 84 24.66 20.36 20.22
CA ARG C 84 23.79 21.51 20.44
C ARG C 84 22.87 21.28 21.63
N PRO C 85 23.11 22.01 22.73
CA PRO C 85 22.28 21.82 23.93
C PRO C 85 20.86 22.33 23.77
N GLY C 86 20.64 23.33 22.93
CA GLY C 86 19.34 23.97 22.83
C GLY C 86 18.79 24.20 21.45
N ASN C 87 19.59 24.80 20.57
CA ASN C 87 19.12 25.18 19.24
C ASN C 87 18.67 23.99 18.40
N ILE C 88 17.40 24.02 18.00
CA ILE C 88 16.82 22.95 17.19
C ILE C 88 17.31 23.07 15.76
N ASN C 89 17.22 24.26 15.19
CA ASN C 89 17.85 24.55 13.91
C ASN C 89 19.36 24.64 14.13
N ALA C 90 20.10 23.74 13.50
CA ALA C 90 21.55 23.68 13.66
C ALA C 90 22.23 24.98 13.23
N TRP C 91 21.58 25.71 12.33
CA TRP C 91 22.13 26.95 11.81
C TRP C 91 22.02 28.07 12.83
N ASP C 92 21.21 27.87 13.86
CA ASP C 92 21.08 28.84 14.95
C ASP C 92 22.22 28.67 15.95
N ASN C 93 22.98 27.59 15.78
CA ASN C 93 24.17 27.34 16.59
C ASN C 93 25.38 27.96 15.91
N GLU C 94 26.02 28.92 16.58
CA GLU C 94 27.12 29.66 15.97
C GLU C 94 28.34 28.78 15.70
N ASP C 95 28.57 27.79 16.56
CA ASP C 95 29.70 26.89 16.37
C ASP C 95 29.50 26.00 15.15
N PHE C 96 28.25 25.63 14.89
CA PHE C 96 27.93 24.81 13.73
C PHE C 96 28.19 25.56 12.43
N VAL C 97 27.66 26.78 12.34
CA VAL C 97 27.83 27.61 11.15
C VAL C 97 29.31 27.93 10.93
N LYS C 98 30.01 28.20 12.02
CA LYS C 98 31.44 28.49 11.96
C LYS C 98 32.21 27.31 11.38
N ALA C 99 31.81 26.10 11.77
CA ALA C 99 32.46 24.89 11.28
C ALA C 99 32.15 24.65 9.80
N VAL C 100 30.91 24.95 9.40
CA VAL C 100 30.51 24.78 8.00
C VAL C 100 31.31 25.69 7.08
N LYS C 101 31.45 26.95 7.48
CA LYS C 101 32.16 27.92 6.66
C LYS C 101 33.67 27.73 6.72
N ALA C 102 34.15 27.05 7.76
CA ALA C 102 35.58 26.79 7.89
C ALA C 102 36.06 25.76 6.86
N THR C 103 35.13 24.95 6.36
CA THR C 103 35.44 23.98 5.33
C THR C 103 35.71 24.66 3.99
N GLY C 104 35.10 25.83 3.81
CA GLY C 104 35.23 26.59 2.58
C GLY C 104 34.44 25.99 1.44
N LYS C 105 33.52 25.10 1.76
CA LYS C 105 32.70 24.46 0.73
C LYS C 105 31.36 25.15 0.62
N LYS C 106 30.94 25.44 -0.61
CA LYS C 106 29.65 26.08 -0.84
C LYS C 106 28.53 25.07 -1.10
N GLN C 107 28.88 23.84 -1.48
CA GLN C 107 27.87 22.82 -1.69
C GLN C 107 27.74 21.99 -0.41
N LEU C 108 26.53 21.93 0.12
CA LEU C 108 26.28 21.21 1.36
C LEU C 108 25.43 19.95 1.14
N ILE C 109 26.04 18.80 1.42
CA ILE C 109 25.34 17.53 1.37
C ILE C 109 24.79 17.25 2.77
N ILE C 110 23.46 17.21 2.90
CA ILE C 110 22.85 17.13 4.22
C ILE C 110 21.92 15.92 4.39
N ALA C 111 22.01 15.30 5.57
CA ALA C 111 21.11 14.21 5.94
C ALA C 111 20.88 14.28 7.44
N GLY C 112 19.73 13.79 7.91
CA GLY C 112 19.46 13.80 9.33
C GLY C 112 18.07 13.40 9.78
N VAL C 113 17.81 13.59 11.07
CA VAL C 113 16.57 13.19 11.72
C VAL C 113 16.11 14.29 12.68
N VAL C 114 14.88 14.77 12.54
CA VAL C 114 13.94 14.34 11.50
C VAL C 114 13.99 15.25 10.28
N THR C 115 13.48 14.76 9.16
CA THR C 115 13.55 15.47 7.88
C THR C 115 12.87 16.84 7.91
N ASP C 116 11.67 16.89 8.49
CA ASP C 116 10.86 18.09 8.48
C ASP C 116 11.40 19.19 9.39
N VAL C 117 12.36 18.85 10.25
CA VAL C 117 12.87 19.81 11.22
C VAL C 117 14.39 19.94 11.18
N CYS C 118 15.08 18.91 11.63
CA CYS C 118 16.53 18.96 11.80
C CYS C 118 17.27 18.97 10.47
N VAL C 119 16.56 18.62 9.40
CA VAL C 119 17.13 18.70 8.06
C VAL C 119 16.61 19.94 7.34
N ALA C 120 15.30 20.12 7.37
CA ALA C 120 14.64 21.21 6.65
C ALA C 120 15.11 22.58 7.12
N PHE C 121 15.16 22.79 8.43
CA PHE C 121 15.46 24.10 8.99
C PHE C 121 16.86 24.59 8.62
N PRO C 122 17.92 23.77 8.83
CA PRO C 122 19.23 24.29 8.40
C PRO C 122 19.37 24.34 6.88
N THR C 123 18.60 23.51 6.17
CA THR C 123 18.59 23.54 4.71
C THR C 123 18.07 24.89 4.21
N LEU C 124 16.93 25.32 4.77
CA LEU C 124 16.34 26.60 4.40
C LEU C 124 17.23 27.77 4.79
N SER C 125 17.86 27.66 5.96
CA SER C 125 18.76 28.71 6.44
C SER C 125 20.00 28.82 5.57
N ALA C 126 20.56 27.68 5.18
CA ALA C 126 21.77 27.67 4.36
C ALA C 126 21.50 28.19 2.95
N LEU C 127 20.33 27.86 2.42
CA LEU C 127 19.92 28.35 1.10
C LEU C 127 19.79 29.87 1.12
N GLU C 128 19.36 30.40 2.25
CA GLU C 128 19.20 31.85 2.43
C GLU C 128 20.56 32.55 2.38
N GLU C 129 21.60 31.85 2.84
CA GLU C 129 22.94 32.42 2.86
C GLU C 129 23.68 32.15 1.54
N GLY C 130 22.97 31.59 0.57
CA GLY C 130 23.51 31.41 -0.76
C GLY C 130 24.20 30.08 -1.04
N PHE C 131 24.07 29.14 -0.10
CA PHE C 131 24.63 27.81 -0.29
C PHE C 131 23.82 26.95 -1.26
N ASP C 132 24.51 26.07 -1.97
CA ASP C 132 23.84 25.03 -2.75
C ASP C 132 23.65 23.81 -1.86
N VAL C 133 22.39 23.50 -1.57
CA VAL C 133 22.10 22.42 -0.63
C VAL C 133 21.58 21.18 -1.33
N PHE C 134 22.24 20.05 -1.07
CA PHE C 134 21.86 18.78 -1.65
C PHE C 134 21.35 17.85 -0.55
N VAL C 135 20.06 17.53 -0.61
CA VAL C 135 19.43 16.73 0.42
C VAL C 135 19.47 15.24 0.09
N VAL C 136 20.05 14.45 0.99
CA VAL C 136 20.04 13.01 0.84
C VAL C 136 18.75 12.46 1.43
N THR C 137 17.75 12.32 0.57
CA THR C 137 16.39 12.04 1.02
C THR C 137 16.22 10.67 1.66
N ASP C 138 17.02 9.69 1.24
CA ASP C 138 16.88 8.34 1.79
C ASP C 138 17.83 8.11 2.97
N ALA C 139 18.61 9.14 3.32
CA ALA C 139 19.40 9.09 4.54
C ALA C 139 18.82 10.05 5.56
N SER C 140 17.64 10.59 5.24
CA SER C 140 16.90 11.44 6.16
C SER C 140 15.55 10.79 6.47
N GLY C 141 15.22 10.70 7.75
CA GLY C 141 14.00 10.02 8.15
C GLY C 141 13.06 10.90 8.95
N THR C 142 11.79 10.54 8.96
CA THR C 142 10.79 11.26 9.73
C THR C 142 9.61 10.36 10.09
N PHE C 143 8.57 10.94 10.66
CA PHE C 143 7.47 10.18 11.25
C PHE C 143 6.70 9.31 10.26
N ASN C 144 6.48 9.82 9.05
CA ASN C 144 5.65 9.13 8.06
C ASN C 144 5.83 9.75 6.67
N PRO C 145 5.41 9.02 5.62
CA PRO C 145 5.53 9.54 4.25
C PRO C 145 4.87 10.91 4.03
N VAL C 146 3.76 11.18 4.70
CA VAL C 146 3.05 12.45 4.53
C VAL C 146 3.90 13.62 5.02
N VAL C 147 4.46 13.46 6.21
CA VAL C 147 5.36 14.47 6.78
C VAL C 147 6.59 14.63 5.90
N ARG C 148 7.06 13.52 5.33
CA ARG C 148 8.22 13.54 4.45
C ARG C 148 7.97 14.42 3.23
N ASP C 149 6.85 14.16 2.56
CA ASP C 149 6.49 14.85 1.33
C ASP C 149 6.26 16.34 1.53
N ALA C 150 5.72 16.71 2.68
CA ALA C 150 5.52 18.11 3.00
C ALA C 150 6.87 18.81 3.14
N ALA C 151 7.82 18.12 3.77
CA ALA C 151 9.17 18.63 3.93
C ALA C 151 9.88 18.79 2.59
N TRP C 152 9.67 17.83 1.70
CA TRP C 152 10.22 17.90 0.34
C TRP C 152 9.70 19.15 -0.37
N ALA C 153 8.39 19.35 -0.29
CA ALA C 153 7.73 20.48 -0.92
C ALA C 153 8.30 21.81 -0.44
N ARG C 154 8.54 21.91 0.87
CA ARG C 154 9.04 23.15 1.44
C ARG C 154 10.49 23.42 1.05
N MSE C 155 11.31 22.37 1.00
CA MSE C 155 12.70 22.51 0.63
C MSE C 155 12.85 22.72 -0.88
O MSE C 155 13.71 23.48 -1.32
CB MSE C 155 13.50 21.28 1.06
CG MSE C 155 13.59 21.11 2.57
SE MSE C 155 14.73 19.63 3.12
CE MSE C 155 13.68 18.14 2.41
N THR C 156 12.00 22.06 -1.65
CA THR C 156 11.97 22.21 -3.10
C THR C 156 11.67 23.66 -3.50
N ALA C 157 10.67 24.26 -2.85
CA ALA C 157 10.26 25.62 -3.13
C ALA C 157 11.37 26.62 -2.83
N ALA C 158 12.30 26.22 -1.97
CA ALA C 158 13.39 27.08 -1.56
C ALA C 158 14.61 26.91 -2.47
N GLY C 159 14.60 25.87 -3.30
CA GLY C 159 15.67 25.64 -4.25
C GLY C 159 16.63 24.54 -3.87
N ALA C 160 16.28 23.73 -2.88
CA ALA C 160 17.11 22.60 -2.49
C ALA C 160 17.04 21.50 -3.53
N GLN C 161 18.16 20.81 -3.74
CA GLN C 161 18.19 19.70 -4.68
C GLN C 161 17.98 18.38 -3.94
N LEU C 162 16.89 17.69 -4.27
CA LEU C 162 16.57 16.41 -3.64
C LEU C 162 17.28 15.27 -4.35
N MSE C 163 18.07 14.51 -3.58
CA MSE C 163 18.80 13.37 -4.13
C MSE C 163 18.78 12.20 -3.17
O MSE C 163 17.99 12.16 -2.23
CB MSE C 163 20.23 13.76 -4.47
CG MSE C 163 20.36 14.80 -5.57
SE MSE C 163 22.19 15.41 -5.89
CE MSE C 163 22.93 13.80 -6.72
N ASN C 164 19.65 11.24 -3.43
CA ASN C 164 19.81 10.05 -2.59
C ASN C 164 21.28 9.65 -2.56
N TRP C 165 21.64 8.77 -1.64
CA TRP C 165 23.06 8.47 -1.42
C TRP C 165 23.73 7.90 -2.67
N PHE C 166 23.00 7.10 -3.44
CA PHE C 166 23.56 6.51 -4.65
C PHE C 166 23.84 7.57 -5.72
N SER C 167 22.88 8.47 -5.92
CA SER C 167 23.05 9.52 -6.92
C SER C 167 24.13 10.52 -6.49
N VAL C 168 24.21 10.76 -5.19
CA VAL C 168 25.23 11.62 -4.62
C VAL C 168 26.62 11.05 -4.91
N GLY C 169 26.78 9.74 -4.67
CA GLY C 169 28.03 9.07 -4.92
C GLY C 169 28.42 9.10 -6.39
N CYS C 170 27.45 8.88 -7.27
CA CYS C 170 27.70 8.85 -8.70
C CYS C 170 28.03 10.23 -9.26
N GLU C 171 27.40 11.26 -8.71
CA GLU C 171 27.64 12.62 -9.16
C GLU C 171 29.00 13.12 -8.68
N LEU C 172 29.43 12.61 -7.53
CA LEU C 172 30.76 12.92 -7.01
C LEU C 172 31.85 12.16 -7.77
N HIS C 173 31.57 10.91 -8.12
CA HIS C 173 32.57 10.04 -8.72
C HIS C 173 32.81 10.34 -10.20
N ARG C 174 31.74 10.74 -10.90
CA ARG C 174 31.79 11.12 -12.31
C ARG C 174 32.19 9.99 -13.25
N ASP C 175 33.37 9.40 -13.01
CA ASP C 175 33.92 8.38 -13.89
C ASP C 175 34.36 7.16 -13.10
N TRP C 176 33.92 5.99 -13.55
CA TRP C 176 34.28 4.72 -12.92
C TRP C 176 35.79 4.54 -12.80
N ARG C 177 36.51 4.96 -13.84
CA ARG C 177 37.94 4.70 -13.95
C ARG C 177 38.79 5.50 -12.95
N ASN C 178 38.16 6.44 -12.25
CA ASN C 178 38.86 7.17 -11.20
C ASN C 178 39.27 6.24 -10.07
N ASP C 179 38.42 5.25 -9.79
CA ASP C 179 38.71 4.20 -8.82
C ASP C 179 37.66 3.10 -8.96
N ILE C 180 37.93 2.13 -9.83
CA ILE C 180 36.96 1.08 -10.13
C ILE C 180 36.65 0.20 -8.93
N GLU C 181 37.69 -0.35 -8.31
CA GLU C 181 37.52 -1.25 -7.17
C GLU C 181 36.98 -0.53 -5.93
N GLY C 182 37.51 0.66 -5.66
CA GLY C 182 37.11 1.42 -4.48
C GLY C 182 35.65 1.82 -4.52
N PHE C 183 35.21 2.30 -5.67
CA PHE C 183 33.82 2.72 -5.83
C PHE C 183 32.89 1.52 -5.90
N GLY C 184 33.36 0.46 -6.55
CA GLY C 184 32.59 -0.77 -6.67
C GLY C 184 32.33 -1.44 -5.34
N ALA C 185 33.28 -1.31 -4.42
CA ALA C 185 33.15 -1.88 -3.09
C ALA C 185 32.06 -1.18 -2.29
N ILE C 186 31.91 0.12 -2.51
CA ILE C 186 30.85 0.89 -1.86
C ILE C 186 29.49 0.42 -2.33
N LEU C 187 29.35 0.29 -3.65
CA LEU C 187 28.11 -0.15 -4.25
C LEU C 187 27.76 -1.56 -3.81
N GLY C 188 28.75 -2.45 -3.84
CA GLY C 188 28.55 -3.82 -3.43
C GLY C 188 28.24 -3.94 -1.95
N GLY C 189 28.79 -3.03 -1.16
CA GLY C 189 28.61 -3.06 0.29
C GLY C 189 27.29 -2.49 0.79
N HIS C 190 26.56 -1.82 -0.10
CA HIS C 190 25.32 -1.17 0.32
C HIS C 190 24.16 -1.42 -0.64
N LEU C 191 24.43 -2.19 -1.69
CA LEU C 191 23.38 -2.66 -2.58
C LEU C 191 23.50 -4.17 -2.75
N PRO C 192 22.78 -4.93 -1.92
CA PRO C 192 22.83 -6.41 -1.90
C PRO C 192 22.58 -7.02 -3.28
N ALA C 193 21.74 -6.38 -4.07
CA ALA C 193 21.48 -6.86 -5.42
C ALA C 193 22.70 -6.68 -6.31
N TYR C 194 23.46 -5.61 -6.06
CA TYR C 194 24.67 -5.35 -6.82
C TYR C 194 25.81 -6.25 -6.37
N ALA C 195 25.83 -6.57 -5.08
CA ALA C 195 26.80 -7.52 -4.55
C ALA C 195 26.63 -8.88 -5.20
N ASN C 196 25.38 -9.24 -5.46
CA ASN C 196 25.06 -10.49 -6.13
C ASN C 196 25.55 -10.53 -7.57
N LEU C 197 25.43 -9.40 -8.26
CA LEU C 197 25.93 -9.26 -9.62
C LEU C 197 27.45 -9.47 -9.67
N ILE C 198 28.14 -8.88 -8.69
CA ILE C 198 29.58 -8.98 -8.60
C ILE C 198 30.02 -10.42 -8.37
N GLN C 199 29.34 -11.12 -7.48
CA GLN C 199 29.70 -12.50 -7.16
C GLN C 199 29.48 -13.44 -8.34
N SER C 200 28.36 -13.27 -9.03
CA SER C 200 28.06 -14.07 -10.22
C SER C 200 29.08 -13.80 -11.33
N PHE C 201 29.45 -12.54 -11.47
CA PHE C 201 30.42 -12.14 -12.49
C PHE C 201 31.80 -12.70 -12.17
N GLY C 202 32.07 -12.90 -10.88
CA GLY C 202 33.35 -13.37 -10.43
C GLY C 202 33.60 -14.86 -10.61
N THR C 203 32.52 -15.60 -10.85
CA THR C 203 32.61 -17.05 -10.99
C THR C 203 33.00 -17.46 -12.41
N SER D 2 17.00 35.20 -5.13
CA SER D 2 17.41 35.08 -3.73
C SER D 2 16.28 34.46 -2.91
N PHE D 3 16.63 33.67 -1.90
CA PHE D 3 15.61 33.05 -1.05
C PHE D 3 15.66 33.58 0.37
N THR D 4 14.48 33.78 0.94
CA THR D 4 14.39 34.23 2.32
C THR D 4 13.65 33.20 3.16
N TYR D 5 14.32 32.70 4.19
CA TYR D 5 13.71 31.74 5.09
C TYR D 5 12.75 32.47 6.03
N LYS D 6 11.50 32.61 5.60
CA LYS D 6 10.48 33.21 6.45
C LYS D 6 9.87 32.14 7.35
N ARG D 7 10.48 31.98 8.52
CA ARG D 7 10.08 30.95 9.48
C ARG D 7 9.14 31.49 10.53
N LEU D 8 8.42 30.58 11.18
CA LEU D 8 7.43 30.94 12.18
C LEU D 8 8.05 31.67 13.37
N ASP D 9 7.41 32.77 13.76
CA ASP D 9 7.80 33.54 14.93
C ASP D 9 6.64 33.53 15.90
N LYS D 10 6.91 33.16 17.15
CA LYS D 10 5.84 33.02 18.14
C LYS D 10 5.19 34.35 18.50
N ASN D 11 5.80 35.45 18.08
CA ASN D 11 5.25 36.77 18.33
C ASN D 11 4.52 37.35 17.12
N ASP D 12 4.54 36.65 16.00
CA ASP D 12 3.97 37.17 14.78
C ASP D 12 3.03 36.18 14.09
N ALA D 13 2.59 35.16 14.84
CA ALA D 13 1.79 34.08 14.27
C ALA D 13 0.44 33.91 14.97
N ALA D 14 -0.57 33.55 14.18
CA ALA D 14 -1.89 33.20 14.71
C ALA D 14 -2.31 31.84 14.17
N VAL D 15 -3.14 31.13 14.94
CA VAL D 15 -3.56 29.79 14.54
C VAL D 15 -5.05 29.76 14.17
N LEU D 16 -5.36 29.13 13.04
CA LEU D 16 -6.74 29.03 12.57
C LEU D 16 -7.22 27.58 12.51
N PHE D 17 -8.21 27.27 13.33
CA PHE D 17 -8.87 25.96 13.30
C PHE D 17 -10.16 26.06 12.50
N VAL D 18 -10.19 25.46 11.31
CA VAL D 18 -11.33 25.63 10.42
C VAL D 18 -12.16 24.36 10.25
N ASP D 19 -13.35 24.36 10.86
CA ASP D 19 -14.37 23.34 10.65
C ASP D 19 -13.96 21.93 11.09
N HIS D 20 -13.28 21.82 12.23
CA HIS D 20 -13.06 20.50 12.83
C HIS D 20 -14.33 20.06 13.56
N GLN D 21 -15.35 19.71 12.79
CA GLN D 21 -16.67 19.41 13.33
C GLN D 21 -16.97 17.92 13.33
N ALA D 22 -17.83 17.50 14.27
CA ALA D 22 -18.14 16.08 14.48
C ALA D 22 -18.60 15.37 13.21
N GLY D 23 -19.44 16.04 12.43
CA GLY D 23 -19.94 15.47 11.19
C GLY D 23 -18.89 15.41 10.11
N LEU D 24 -18.26 16.55 9.83
CA LEU D 24 -17.28 16.66 8.75
C LEU D 24 -16.08 15.74 8.95
N LEU D 25 -15.77 15.40 10.19
CA LEU D 25 -14.61 14.56 10.50
C LEU D 25 -14.76 13.14 9.96
N SER D 26 -16.00 12.71 9.74
CA SER D 26 -16.25 11.39 9.20
C SER D 26 -15.93 11.31 7.72
N LEU D 27 -15.69 12.48 7.10
CA LEU D 27 -15.31 12.54 5.70
C LEU D 27 -13.81 12.32 5.53
N VAL D 28 -13.06 12.58 6.60
CA VAL D 28 -11.60 12.44 6.57
C VAL D 28 -11.19 10.98 6.54
N ARG D 29 -10.58 10.55 5.43
CA ARG D 29 -10.15 9.17 5.29
C ARG D 29 -8.68 9.07 4.90
N ASP D 30 -8.01 10.20 4.76
CA ASP D 30 -6.59 10.19 4.39
C ASP D 30 -5.71 10.14 5.64
N PHE D 31 -6.36 10.17 6.80
CA PHE D 31 -5.70 9.91 8.07
C PHE D 31 -6.57 8.98 8.89
N SER D 32 -5.97 8.14 9.74
CA SER D 32 -6.75 7.33 10.66
C SER D 32 -7.32 8.24 11.73
N PRO D 33 -8.50 7.91 12.25
CA PRO D 33 -9.14 8.74 13.29
C PRO D 33 -8.23 8.95 14.49
N ASP D 34 -7.43 7.95 14.84
CA ASP D 34 -6.54 8.04 16.00
C ASP D 34 -5.39 9.02 15.79
N GLU D 35 -4.70 8.93 14.66
N GLU D 35 -4.70 8.91 14.67
CA GLU D 35 -3.58 9.82 14.38
CA GLU D 35 -3.60 9.82 14.38
C GLU D 35 -4.09 11.25 14.16
C GLU D 35 -4.10 11.25 14.17
N PHE D 36 -5.23 11.38 13.50
CA PHE D 36 -5.78 12.69 13.18
C PHE D 36 -6.22 13.45 14.42
N LYS D 37 -6.85 12.75 15.35
CA LYS D 37 -7.27 13.37 16.61
C LYS D 37 -6.05 13.87 17.38
N ASN D 38 -5.03 13.02 17.44
CA ASN D 38 -3.80 13.35 18.14
C ASN D 38 -3.10 14.54 17.51
N ASN D 39 -3.09 14.60 16.19
CA ASN D 39 -2.42 15.69 15.47
C ASN D 39 -3.09 17.04 15.69
N VAL D 40 -4.42 17.07 15.65
CA VAL D 40 -5.15 18.31 15.87
C VAL D 40 -4.97 18.79 17.30
N LEU D 41 -5.08 17.87 18.25
CA LEU D 41 -4.89 18.19 19.66
C LEU D 41 -3.44 18.61 19.93
N ALA D 42 -2.52 18.08 19.14
CA ALA D 42 -1.12 18.45 19.25
C ALA D 42 -0.93 19.91 18.86
N LEU D 43 -1.55 20.30 17.74
CA LEU D 43 -1.49 21.69 17.28
C LEU D 43 -2.15 22.63 18.29
N ALA D 44 -3.22 22.17 18.92
CA ALA D 44 -3.93 22.97 19.91
C ALA D 44 -3.07 23.22 21.14
N ASP D 45 -2.41 22.17 21.62
CA ASP D 45 -1.49 22.30 22.76
C ASP D 45 -0.37 23.28 22.45
N ILE D 46 0.12 23.23 21.22
CA ILE D 46 1.17 24.12 20.76
C ILE D 46 0.70 25.57 20.72
N ALA D 47 -0.51 25.78 20.20
CA ALA D 47 -1.11 27.10 20.12
C ALA D 47 -1.26 27.70 21.52
N ARG D 48 -1.67 26.87 22.47
CA ARG D 48 -1.85 27.29 23.86
C ARG D 48 -0.51 27.49 24.56
N PHE D 49 0.47 26.65 24.23
CA PHE D 49 1.77 26.71 24.86
C PHE D 49 2.52 28.00 24.53
N PHE D 50 2.38 28.47 23.30
CA PHE D 50 3.05 29.70 22.88
C PHE D 50 2.11 30.90 22.97
N ASN D 51 0.94 30.67 23.55
CA ASN D 51 -0.06 31.71 23.75
C ASN D 51 -0.39 32.45 22.46
N LEU D 52 -0.48 31.70 21.37
CA LEU D 52 -0.78 32.27 20.06
C LEU D 52 -2.26 32.62 19.97
N PRO D 53 -2.58 33.78 19.36
CA PRO D 53 -3.96 34.12 19.05
C PRO D 53 -4.63 33.02 18.24
N THR D 54 -5.70 32.45 18.78
CA THR D 54 -6.35 31.31 18.15
C THR D 54 -7.74 31.69 17.69
N ILE D 55 -8.10 31.25 16.49
CA ILE D 55 -9.42 31.52 15.94
C ILE D 55 -10.13 30.23 15.55
N LEU D 56 -11.32 30.06 16.11
CA LEU D 56 -12.15 28.90 15.80
C LEU D 56 -13.29 29.30 14.88
N THR D 57 -13.56 28.48 13.87
CA THR D 57 -14.66 28.74 12.97
C THR D 57 -15.33 27.45 12.52
N THR D 58 -16.63 27.50 12.30
CA THR D 58 -17.38 26.34 11.85
C THR D 58 -18.24 26.66 10.64
N SER D 59 -18.65 25.64 9.91
CA SER D 59 -19.48 25.81 8.73
C SER D 59 -20.79 25.07 8.87
N PHE D 60 -21.90 25.82 8.96
CA PHE D 60 -23.23 25.25 9.00
C PHE D 60 -23.34 24.24 10.15
N GLU D 61 -22.93 24.65 11.34
CA GLU D 61 -22.82 23.74 12.48
C GLU D 61 -24.17 23.25 12.98
N ASP D 62 -25.23 23.95 12.60
CA ASP D 62 -26.58 23.58 13.03
C ASP D 62 -27.23 22.61 12.04
N GLY D 63 -26.40 21.95 11.24
CA GLY D 63 -26.86 20.95 10.31
C GLY D 63 -26.06 19.66 10.45
N PRO D 64 -26.06 18.84 9.39
CA PRO D 64 -25.32 17.57 9.34
C PRO D 64 -23.82 17.74 9.62
N ASN D 65 -23.28 18.93 9.32
CA ASN D 65 -21.87 19.21 9.57
C ASN D 65 -21.50 19.05 11.04
N GLY D 66 -22.47 19.29 11.92
CA GLY D 66 -22.28 19.04 13.33
C GLY D 66 -21.50 20.12 14.05
N PRO D 67 -21.41 20.00 15.38
CA PRO D 67 -20.73 20.97 16.24
C PRO D 67 -19.22 20.83 16.20
N LEU D 68 -18.52 21.89 16.58
CA LEU D 68 -17.07 21.84 16.75
C LEU D 68 -16.72 20.82 17.83
N VAL D 69 -15.61 20.12 17.66
CA VAL D 69 -15.16 19.16 18.67
C VAL D 69 -14.97 19.86 20.02
N PRO D 70 -15.43 19.23 21.10
CA PRO D 70 -15.49 19.86 22.43
C PRO D 70 -14.13 20.28 22.97
N GLU D 71 -13.07 19.60 22.55
CA GLU D 71 -11.73 19.91 23.05
C GLU D 71 -11.31 21.34 22.71
N LEU D 72 -11.57 21.75 21.47
CA LEU D 72 -11.17 23.09 21.01
C LEU D 72 -11.89 24.18 21.77
N LYS D 73 -13.18 23.96 22.01
CA LYS D 73 -13.98 24.91 22.76
C LYS D 73 -13.54 24.98 24.21
N GLU D 74 -13.15 23.82 24.74
CA GLU D 74 -12.72 23.71 26.13
C GLU D 74 -11.35 24.36 26.34
N MSE D 75 -10.50 24.28 25.33
CA MSE D 75 -9.14 24.79 25.42
C MSE D 75 -9.04 26.28 25.13
O MSE D 75 -8.19 26.97 25.69
CB MSE D 75 -8.21 24.02 24.48
CG MSE D 75 -7.95 22.58 24.87
SE MSE D 75 -6.60 21.77 23.73
CE MSE D 75 -5.15 23.04 24.04
N PHE D 76 -9.92 26.77 24.26
CA PHE D 76 -9.88 28.18 23.87
C PHE D 76 -11.20 28.91 24.13
N PRO D 77 -11.56 29.12 25.40
CA PRO D 77 -12.83 29.74 25.76
C PRO D 77 -12.88 31.24 25.46
N GLN D 78 -11.71 31.85 25.28
CA GLN D 78 -11.64 33.28 25.02
C GLN D 78 -11.35 33.58 23.55
N ALA D 79 -11.13 32.53 22.77
CA ALA D 79 -10.84 32.68 21.35
C ALA D 79 -12.07 33.11 20.57
N PRO D 80 -11.87 33.92 19.52
CA PRO D 80 -12.96 34.26 18.59
C PRO D 80 -13.60 33.02 17.98
N TYR D 81 -14.92 32.92 18.11
CA TYR D 81 -15.65 31.77 17.58
C TYR D 81 -16.61 32.26 16.51
N ILE D 82 -16.29 31.99 15.25
CA ILE D 82 -17.11 32.46 14.14
C ILE D 82 -17.90 31.32 13.51
N ALA D 83 -19.19 31.27 13.81
CA ALA D 83 -20.08 30.30 13.19
C ALA D 83 -20.54 30.83 11.84
N ARG D 84 -20.09 30.18 10.77
CA ARG D 84 -20.45 30.61 9.42
C ARG D 84 -21.69 29.87 8.94
N PRO D 85 -22.81 30.60 8.81
CA PRO D 85 -24.07 29.99 8.38
C PRO D 85 -24.06 29.55 6.91
N GLY D 86 -23.28 30.24 6.08
CA GLY D 86 -23.33 29.98 4.66
C GLY D 86 -22.00 29.91 3.92
N ASN D 87 -21.14 30.90 4.15
CA ASN D 87 -19.89 31.00 3.40
C ASN D 87 -18.97 29.80 3.63
N ILE D 88 -18.67 29.09 2.54
CA ILE D 88 -17.81 27.91 2.61
C ILE D 88 -16.35 28.33 2.80
N ASN D 89 -15.90 29.27 1.98
CA ASN D 89 -14.60 29.91 2.20
C ASN D 89 -14.74 30.84 3.40
N ALA D 90 -13.98 30.56 4.46
CA ALA D 90 -14.04 31.34 5.69
C ALA D 90 -13.67 32.80 5.44
N TRP D 91 -12.88 33.04 4.40
CA TRP D 91 -12.42 34.38 4.08
C TRP D 91 -13.52 35.23 3.43
N ASP D 92 -14.59 34.58 3.00
CA ASP D 92 -15.74 35.30 2.46
C ASP D 92 -16.64 35.78 3.60
N ASN D 93 -16.34 35.30 4.81
CA ASN D 93 -17.04 35.74 6.01
C ASN D 93 -16.35 36.95 6.62
N GLU D 94 -17.07 38.06 6.70
CA GLU D 94 -16.48 39.33 7.15
C GLU D 94 -16.05 39.31 8.61
N ASP D 95 -16.80 38.59 9.45
CA ASP D 95 -16.47 38.47 10.87
C ASP D 95 -15.20 37.66 11.08
N PHE D 96 -15.00 36.65 10.23
CA PHE D 96 -13.81 35.82 10.30
C PHE D 96 -12.55 36.61 9.95
N VAL D 97 -12.61 37.32 8.82
CA VAL D 97 -11.48 38.12 8.37
C VAL D 97 -11.17 39.24 9.35
N LYS D 98 -12.23 39.85 9.90
CA LYS D 98 -12.08 40.90 10.89
C LYS D 98 -11.35 40.36 12.13
N ALA D 99 -11.69 39.14 12.52
CA ALA D 99 -11.06 38.50 13.68
C ALA D 99 -9.60 38.16 13.39
N VAL D 100 -9.32 37.74 12.16
CA VAL D 100 -7.97 37.41 11.75
C VAL D 100 -7.06 38.64 11.79
N LYS D 101 -7.56 39.75 11.24
CA LYS D 101 -6.77 40.97 11.16
C LYS D 101 -6.66 41.67 12.52
N ALA D 102 -7.59 41.36 13.43
CA ALA D 102 -7.57 41.94 14.76
C ALA D 102 -6.42 41.39 15.61
N THR D 103 -5.93 40.22 15.24
CA THR D 103 -4.80 39.61 15.94
C THR D 103 -3.52 40.38 15.65
N GLY D 104 -3.45 41.00 14.49
CA GLY D 104 -2.29 41.77 14.09
C GLY D 104 -1.11 40.90 13.69
N LYS D 105 -1.37 39.62 13.44
CA LYS D 105 -0.32 38.67 13.08
C LYS D 105 -0.26 38.50 11.57
N LYS D 106 0.95 38.48 11.01
CA LYS D 106 1.11 38.32 9.56
C LYS D 106 1.20 36.85 9.17
N GLN D 107 1.61 36.01 10.11
CA GLN D 107 1.78 34.59 9.84
C GLN D 107 0.56 33.79 10.29
N LEU D 108 -0.02 33.05 9.35
CA LEU D 108 -1.22 32.26 9.64
C LEU D 108 -0.94 30.77 9.60
N ILE D 109 -1.06 30.13 10.76
CA ILE D 109 -0.96 28.68 10.87
C ILE D 109 -2.37 28.10 10.74
N ILE D 110 -2.62 27.35 9.69
CA ILE D 110 -3.98 26.90 9.39
C ILE D 110 -4.11 25.38 9.30
N ALA D 111 -5.20 24.88 9.85
CA ALA D 111 -5.57 23.47 9.76
C ALA D 111 -7.08 23.35 9.73
N GLY D 112 -7.60 22.31 9.10
CA GLY D 112 -9.04 22.13 9.05
C GLY D 112 -9.57 21.00 8.18
N VAL D 113 -10.89 20.97 8.02
CA VAL D 113 -11.59 19.91 7.31
C VAL D 113 -12.68 20.50 6.42
N VAL D 114 -12.66 20.17 5.12
CA VAL D 114 -11.65 19.32 4.50
C VAL D 114 -10.52 20.14 3.89
N THR D 115 -9.40 19.48 3.62
CA THR D 115 -8.19 20.15 3.14
C THR D 115 -8.37 20.90 1.83
N ASP D 116 -9.01 20.26 0.85
CA ASP D 116 -9.14 20.82 -0.49
C ASP D 116 -10.09 22.01 -0.57
N VAL D 117 -10.85 22.24 0.49
CA VAL D 117 -11.85 23.30 0.47
C VAL D 117 -11.71 24.26 1.66
N CYS D 118 -12.01 23.78 2.85
CA CYS D 118 -12.07 24.64 4.02
C CYS D 118 -10.69 25.10 4.48
N VAL D 119 -9.66 24.44 3.98
CA VAL D 119 -8.28 24.86 4.24
C VAL D 119 -7.72 25.60 3.05
N ALA D 120 -7.86 25.01 1.87
CA ALA D 120 -7.29 25.55 0.65
C ALA D 120 -7.84 26.92 0.31
N PHE D 121 -9.16 27.08 0.37
CA PHE D 121 -9.80 28.33 -0.05
C PHE D 121 -9.36 29.55 0.78
N PRO D 122 -9.42 29.48 2.13
CA PRO D 122 -8.96 30.66 2.85
C PRO D 122 -7.45 30.84 2.78
N THR D 123 -6.71 29.76 2.56
CA THR D 123 -5.28 29.84 2.37
C THR D 123 -4.93 30.65 1.14
N LEU D 124 -5.60 30.33 0.03
CA LEU D 124 -5.41 31.05 -1.22
C LEU D 124 -5.86 32.51 -1.09
N SER D 125 -6.95 32.72 -0.39
CA SER D 125 -7.47 34.06 -0.16
C SER D 125 -6.52 34.90 0.69
N ALA D 126 -5.96 34.27 1.72
CA ALA D 126 -5.04 34.96 2.63
C ALA D 126 -3.72 35.30 1.94
N LEU D 127 -3.26 34.39 1.08
CA LEU D 127 -2.04 34.62 0.31
C LEU D 127 -2.25 35.80 -0.63
N GLU D 128 -3.46 35.92 -1.14
CA GLU D 128 -3.81 37.02 -2.04
C GLU D 128 -3.74 38.36 -1.32
N GLU D 129 -4.05 38.35 -0.03
CA GLU D 129 -4.01 39.58 0.76
C GLU D 129 -2.64 39.83 1.39
N GLY D 130 -1.66 38.99 1.04
CA GLY D 130 -0.29 39.21 1.46
C GLY D 130 0.14 38.55 2.75
N PHE D 131 -0.70 37.67 3.29
CA PHE D 131 -0.35 36.93 4.49
C PHE D 131 0.63 35.80 4.20
N ASP D 132 1.48 35.48 5.18
CA ASP D 132 2.29 34.28 5.11
C ASP D 132 1.53 33.11 5.72
N VAL D 133 1.18 32.14 4.90
CA VAL D 133 0.34 31.04 5.35
C VAL D 133 1.12 29.74 5.53
N PHE D 134 1.03 29.17 6.71
CA PHE D 134 1.72 27.91 7.03
C PHE D 134 0.69 26.81 7.25
N VAL D 135 0.68 25.81 6.37
CA VAL D 135 -0.32 24.76 6.43
C VAL D 135 0.12 23.56 7.25
N VAL D 136 -0.66 23.22 8.27
CA VAL D 136 -0.40 22.03 9.07
C VAL D 136 -1.06 20.83 8.38
N THR D 137 -0.27 20.15 7.56
CA THR D 137 -0.81 19.12 6.66
C THR D 137 -1.38 17.90 7.38
N ASP D 138 -0.83 17.57 8.54
CA ASP D 138 -1.28 16.39 9.26
C ASP D 138 -2.37 16.71 10.28
N ALA D 139 -2.73 17.97 10.37
CA ALA D 139 -3.89 18.37 11.18
C ALA D 139 -5.02 18.80 10.25
N SER D 140 -4.82 18.57 8.95
CA SER D 140 -5.84 18.82 7.95
C SER D 140 -6.20 17.51 7.26
N GLY D 141 -7.49 17.24 7.15
CA GLY D 141 -7.94 15.97 6.59
C GLY D 141 -8.85 16.12 5.39
N THR D 142 -8.91 15.09 4.56
CA THR D 142 -9.79 15.09 3.40
C THR D 142 -10.17 13.67 3.01
N PHE D 143 -10.84 13.52 1.86
CA PHE D 143 -11.46 12.27 1.46
C PHE D 143 -10.47 11.13 1.21
N ASN D 144 -9.32 11.45 0.62
CA ASN D 144 -8.35 10.44 0.23
C ASN D 144 -7.00 11.09 -0.11
N PRO D 145 -5.91 10.29 -0.15
CA PRO D 145 -4.58 10.84 -0.47
C PRO D 145 -4.51 11.61 -1.79
N VAL D 146 -5.28 11.20 -2.79
CA VAL D 146 -5.26 11.85 -4.09
C VAL D 146 -5.78 13.28 -4.00
N VAL D 147 -6.92 13.46 -3.36
CA VAL D 147 -7.51 14.77 -3.17
C VAL D 147 -6.58 15.66 -2.34
N ARG D 148 -5.94 15.06 -1.35
CA ARG D 148 -4.98 15.77 -0.49
C ARG D 148 -3.80 16.30 -1.30
N ASP D 149 -3.21 15.44 -2.13
CA ASP D 149 -2.05 15.81 -2.92
C ASP D 149 -2.38 16.91 -3.93
N ALA D 150 -3.60 16.88 -4.45
CA ALA D 150 -4.06 17.92 -5.37
C ALA D 150 -4.16 19.25 -4.66
N ALA D 151 -4.65 19.20 -3.42
CA ALA D 151 -4.76 20.40 -2.59
C ALA D 151 -3.39 20.97 -2.28
N TRP D 152 -2.43 20.08 -2.01
CA TRP D 152 -1.04 20.49 -1.77
C TRP D 152 -0.47 21.23 -2.97
N ALA D 153 -0.69 20.65 -4.16
CA ALA D 153 -0.19 21.23 -5.40
C ALA D 153 -0.73 22.64 -5.60
N ARG D 154 -2.01 22.81 -5.30
CA ARG D 154 -2.66 24.11 -5.49
C ARG D 154 -2.17 25.15 -4.50
N MSE D 155 -1.92 24.72 -3.26
CA MSE D 155 -1.47 25.63 -2.22
C MSE D 155 0.03 25.92 -2.36
O MSE D 155 0.47 27.04 -2.08
CB MSE D 155 -1.77 25.07 -0.84
CG MSE D 155 -3.26 25.00 -0.53
SE MSE D 155 -3.66 24.40 1.29
CE MSE D 155 -2.94 22.59 1.18
N THR D 156 0.78 24.93 -2.80
CA THR D 156 2.21 25.10 -3.05
C THR D 156 2.44 26.12 -4.16
N ALA D 157 1.67 25.99 -5.24
CA ALA D 157 1.78 26.87 -6.39
C ALA D 157 1.45 28.32 -6.03
N ALA D 158 0.70 28.50 -4.95
CA ALA D 158 0.28 29.82 -4.52
C ALA D 158 1.26 30.46 -3.54
N GLY D 159 2.18 29.66 -3.02
CA GLY D 159 3.22 30.16 -2.14
C GLY D 159 3.02 29.82 -0.66
N ALA D 160 2.08 28.92 -0.38
CA ALA D 160 1.86 28.46 0.98
C ALA D 160 3.00 27.55 1.42
N GLN D 161 3.36 27.61 2.70
CA GLN D 161 4.40 26.74 3.23
C GLN D 161 3.77 25.49 3.86
N LEU D 162 4.06 24.33 3.30
CA LEU D 162 3.52 23.08 3.81
C LEU D 162 4.35 22.52 4.95
N MSE D 163 3.70 22.32 6.10
CA MSE D 163 4.37 21.79 7.28
C MSE D 163 3.48 20.80 8.03
O MSE D 163 2.49 20.31 7.50
CB MSE D 163 4.79 22.92 8.21
CG MSE D 163 5.81 23.88 7.62
SE MSE D 163 6.18 25.43 8.73
CE MSE D 163 7.19 24.57 10.16
N ASN D 164 3.87 20.52 9.27
CA ASN D 164 3.15 19.61 10.14
C ASN D 164 3.25 20.13 11.57
N TRP D 165 2.44 19.60 12.49
CA TRP D 165 2.38 20.16 13.84
C TRP D 165 3.73 20.11 14.54
N PHE D 166 4.49 19.04 14.30
CA PHE D 166 5.80 18.91 14.95
C PHE D 166 6.80 19.95 14.46
N SER D 167 6.86 20.16 13.14
CA SER D 167 7.78 21.15 12.59
C SER D 167 7.33 22.56 12.95
N VAL D 168 6.01 22.75 13.03
CA VAL D 168 5.45 24.03 13.46
C VAL D 168 5.90 24.36 14.88
N GLY D 169 5.78 23.38 15.77
CA GLY D 169 6.19 23.55 17.15
C GLY D 169 7.67 23.83 17.33
N CYS D 170 8.51 23.10 16.60
CA CYS D 170 9.95 23.25 16.70
C CYS D 170 10.42 24.59 16.16
N GLU D 171 9.75 25.06 15.10
CA GLU D 171 10.12 26.33 14.48
C GLU D 171 9.69 27.50 15.36
N LEU D 172 8.61 27.31 16.12
CA LEU D 172 8.15 28.31 17.07
C LEU D 172 9.03 28.35 18.31
N HIS D 173 9.46 27.17 18.75
CA HIS D 173 10.20 27.04 20.00
C HIS D 173 11.65 27.48 19.87
N ARG D 174 12.24 27.21 18.71
CA ARG D 174 13.62 27.59 18.38
C ARG D 174 14.67 26.92 19.25
N ASP D 175 14.56 27.10 20.57
CA ASP D 175 15.57 26.61 21.50
C ASP D 175 14.93 25.82 22.63
N TRP D 176 15.45 24.62 22.87
CA TRP D 176 14.96 23.75 23.94
C TRP D 176 14.98 24.44 25.31
N ARG D 177 16.02 25.22 25.55
CA ARG D 177 16.27 25.79 26.87
C ARG D 177 15.27 26.89 27.26
N ASN D 178 14.45 27.31 26.31
CA ASN D 178 13.40 28.29 26.61
C ASN D 178 12.37 27.70 27.58
N ASP D 179 12.10 26.41 27.42
CA ASP D 179 11.24 25.66 28.33
C ASP D 179 11.38 24.17 28.03
N ILE D 180 12.36 23.54 28.67
CA ILE D 180 12.66 22.13 28.39
C ILE D 180 11.52 21.21 28.82
N GLU D 181 11.09 21.33 30.07
CA GLU D 181 10.06 20.46 30.62
C GLU D 181 8.73 20.69 29.91
N GLY D 182 8.40 21.96 29.69
CA GLY D 182 7.14 22.33 29.07
C GLY D 182 7.00 21.84 27.64
N PHE D 183 8.06 22.01 26.85
CA PHE D 183 8.05 21.60 25.45
C PHE D 183 8.13 20.09 25.33
N GLY D 184 8.90 19.48 26.22
CA GLY D 184 9.06 18.03 26.24
C GLY D 184 7.75 17.32 26.56
N ALA D 185 6.92 17.96 27.38
CA ALA D 185 5.62 17.39 27.74
C ALA D 185 4.68 17.34 26.54
N ILE D 186 4.80 18.34 25.67
CA ILE D 186 4.01 18.38 24.45
C ILE D 186 4.41 17.24 23.53
N LEU D 187 5.72 17.09 23.35
CA LEU D 187 6.28 16.04 22.51
C LEU D 187 5.92 14.66 23.06
N GLY D 188 6.10 14.49 24.37
CA GLY D 188 5.78 13.23 25.02
C GLY D 188 4.30 12.92 24.98
N GLY D 189 3.47 13.96 25.02
CA GLY D 189 2.02 13.77 25.03
C GLY D 189 1.42 13.49 23.67
N HIS D 190 2.19 13.69 22.61
CA HIS D 190 1.66 13.53 21.26
C HIS D 190 2.58 12.70 20.36
N LEU D 191 3.71 12.27 20.90
CA LEU D 191 4.57 11.32 20.22
C LEU D 191 4.87 10.16 21.17
N PRO D 192 4.05 9.10 21.10
CA PRO D 192 4.17 7.92 21.97
C PRO D 192 5.58 7.34 21.96
N ALA D 193 6.25 7.42 20.82
CA ALA D 193 7.62 6.95 20.71
C ALA D 193 8.59 7.83 21.50
N TYR D 194 8.29 9.12 21.57
CA TYR D 194 9.13 10.05 22.31
C TYR D 194 8.88 9.95 23.81
N ALA D 195 7.64 9.68 24.18
CA ALA D 195 7.28 9.44 25.57
C ALA D 195 8.03 8.23 26.11
N ASN D 196 8.20 7.23 25.25
CA ASN D 196 8.94 6.02 25.61
C ASN D 196 10.42 6.31 25.86
N LEU D 197 10.99 7.20 25.04
CA LEU D 197 12.37 7.62 25.22
C LEU D 197 12.54 8.33 26.56
N ILE D 198 11.56 9.18 26.89
CA ILE D 198 11.57 9.95 28.13
C ILE D 198 11.51 9.04 29.36
N GLN D 199 10.62 8.04 29.31
CA GLN D 199 10.45 7.13 30.43
C GLN D 199 11.69 6.27 30.66
N SER D 200 12.26 5.77 29.57
CA SER D 200 13.47 4.96 29.63
C SER D 200 14.63 5.79 30.18
N PHE D 201 14.69 7.05 29.76
CA PHE D 201 15.74 7.95 30.21
C PHE D 201 15.59 8.27 31.70
N GLY D 202 14.36 8.23 32.18
CA GLY D 202 14.05 8.57 33.57
C GLY D 202 14.40 7.50 34.59
N THR D 203 14.57 6.26 34.13
CA THR D 203 14.84 5.15 35.04
C THR D 203 16.33 5.04 35.36
N SER E 2 -14.23 -36.96 3.50
CA SER E 2 -14.78 -36.51 2.22
C SER E 2 -15.31 -35.08 2.32
N PHE E 3 -15.30 -34.37 1.20
CA PHE E 3 -15.77 -32.99 1.19
C PHE E 3 -17.09 -32.88 0.44
N THR E 4 -17.97 -32.04 0.97
CA THR E 4 -19.26 -31.79 0.34
C THR E 4 -19.39 -30.31 -0.01
N TYR E 5 -19.60 -30.03 -1.29
CA TYR E 5 -19.81 -28.67 -1.76
C TYR E 5 -21.21 -28.22 -1.39
N LYS E 6 -21.35 -27.65 -0.19
CA LYS E 6 -22.63 -27.11 0.25
C LYS E 6 -22.81 -25.70 -0.27
N ARG E 7 -23.37 -25.58 -1.47
CA ARG E 7 -23.53 -24.30 -2.13
C ARG E 7 -24.92 -23.71 -1.92
N LEU E 8 -25.02 -22.40 -2.15
CA LEU E 8 -26.25 -21.67 -1.95
C LEU E 8 -27.38 -22.18 -2.83
N ASP E 9 -28.55 -22.39 -2.23
CA ASP E 9 -29.74 -22.78 -2.95
C ASP E 9 -30.78 -21.68 -2.75
N LYS E 10 -31.35 -21.19 -3.83
CA LYS E 10 -32.28 -20.06 -3.75
C LYS E 10 -33.59 -20.46 -3.04
N ASN E 11 -33.77 -21.75 -2.83
CA ASN E 11 -34.95 -22.24 -2.11
C ASN E 11 -34.63 -22.58 -0.65
N ASP E 12 -33.35 -22.45 -0.27
CA ASP E 12 -32.93 -22.82 1.08
C ASP E 12 -32.13 -21.72 1.78
N ALA E 13 -32.19 -20.51 1.25
CA ALA E 13 -31.36 -19.43 1.79
C ALA E 13 -32.17 -18.23 2.25
N ALA E 14 -31.71 -17.60 3.32
CA ALA E 14 -32.28 -16.34 3.81
C ALA E 14 -31.17 -15.32 3.97
N VAL E 15 -31.51 -14.04 3.82
CA VAL E 15 -30.50 -12.99 3.91
C VAL E 15 -30.68 -12.15 5.17
N LEU E 16 -29.57 -11.91 5.87
CA LEU E 16 -29.60 -11.13 7.09
C LEU E 16 -28.77 -9.86 6.94
N PHE E 17 -29.45 -8.71 7.01
CA PHE E 17 -28.75 -7.42 7.02
C PHE E 17 -28.64 -6.92 8.45
N VAL E 18 -27.42 -6.92 8.98
CA VAL E 18 -27.24 -6.61 10.39
C VAL E 18 -26.56 -5.27 10.65
N ASP E 19 -27.34 -4.31 11.11
CA ASP E 19 -26.83 -3.03 11.60
C ASP E 19 -26.12 -2.18 10.54
N HIS E 20 -26.67 -2.13 9.33
CA HIS E 20 -26.20 -1.16 8.34
C HIS E 20 -26.82 0.20 8.65
N GLN E 21 -26.35 0.82 9.73
CA GLN E 21 -26.95 2.05 10.22
C GLN E 21 -26.09 3.26 9.91
N ALA E 22 -26.74 4.42 9.78
CA ALA E 22 -26.08 5.65 9.34
C ALA E 22 -24.86 6.02 10.19
N GLY E 23 -24.98 5.86 11.50
CA GLY E 23 -23.89 6.17 12.40
C GLY E 23 -22.76 5.17 12.33
N LEU E 24 -23.09 3.89 12.48
CA LEU E 24 -22.11 2.81 12.51
C LEU E 24 -21.28 2.72 11.24
N LEU E 25 -21.86 3.18 10.12
CA LEU E 25 -21.18 3.11 8.83
C LEU E 25 -19.95 4.01 8.77
N SER E 26 -19.91 5.02 9.62
CA SER E 26 -18.77 5.93 9.66
C SER E 26 -17.56 5.28 10.33
N LEU E 27 -17.78 4.12 10.95
CA LEU E 27 -16.71 3.36 11.57
C LEU E 27 -16.00 2.49 10.54
N VAL E 28 -16.69 2.19 9.45
CA VAL E 28 -16.14 1.34 8.39
C VAL E 28 -15.06 2.04 7.60
N ARG E 29 -13.83 1.56 7.70
CA ARG E 29 -12.71 2.17 7.00
C ARG E 29 -11.91 1.15 6.18
N ASP E 30 -12.33 -0.11 6.20
CA ASP E 30 -11.63 -1.15 5.44
C ASP E 30 -12.21 -1.25 4.04
N PHE E 31 -13.25 -0.46 3.78
CA PHE E 31 -13.78 -0.28 2.43
C PHE E 31 -14.02 1.22 2.21
N SER E 32 -13.88 1.67 0.97
CA SER E 32 -14.23 3.05 0.67
C SER E 32 -15.74 3.17 0.73
N PRO E 33 -16.25 4.35 1.12
CA PRO E 33 -17.70 4.56 1.23
C PRO E 33 -18.44 4.25 -0.07
N ASP E 34 -17.79 4.53 -1.21
CA ASP E 34 -18.41 4.31 -2.51
C ASP E 34 -18.56 2.83 -2.85
N GLU E 35 -17.49 2.05 -2.68
N GLU E 35 -17.49 2.06 -2.69
CA GLU E 35 -17.53 0.63 -2.99
CA GLU E 35 -17.54 0.63 -2.98
C GLU E 35 -18.43 -0.12 -2.01
C GLU E 35 -18.46 -0.10 -2.01
N PHE E 36 -18.39 0.27 -0.74
CA PHE E 36 -19.16 -0.40 0.30
C PHE E 36 -20.66 -0.19 0.11
N LYS E 37 -21.04 1.03 -0.27
CA LYS E 37 -22.44 1.32 -0.54
C LYS E 37 -22.94 0.47 -1.70
N ASN E 38 -22.13 0.39 -2.75
CA ASN E 38 -22.47 -0.38 -3.93
C ASN E 38 -22.59 -1.87 -3.62
N ASN E 39 -21.69 -2.37 -2.78
CA ASN E 39 -21.68 -3.79 -2.41
C ASN E 39 -22.91 -4.19 -1.59
N VAL E 40 -23.29 -3.34 -0.64
CA VAL E 40 -24.46 -3.61 0.18
C VAL E 40 -25.74 -3.58 -0.66
N LEU E 41 -25.85 -2.57 -1.51
CA LEU E 41 -27.01 -2.45 -2.40
C LEU E 41 -27.07 -3.57 -3.44
N ALA E 42 -25.90 -4.07 -3.81
CA ALA E 42 -25.82 -5.19 -4.75
C ALA E 42 -26.39 -6.45 -4.13
N LEU E 43 -26.01 -6.71 -2.88
CA LEU E 43 -26.53 -7.85 -2.14
C LEU E 43 -28.04 -7.74 -1.94
N ALA E 44 -28.50 -6.52 -1.73
CA ALA E 44 -29.92 -6.26 -1.53
C ALA E 44 -30.72 -6.56 -2.80
N ASP E 45 -30.21 -6.09 -3.94
CA ASP E 45 -30.83 -6.37 -5.23
C ASP E 45 -30.91 -7.87 -5.51
N ILE E 46 -29.85 -8.58 -5.13
CA ILE E 46 -29.80 -10.03 -5.30
C ILE E 46 -30.83 -10.72 -4.43
N ALA E 47 -30.93 -10.27 -3.18
CA ALA E 47 -31.91 -10.81 -2.24
C ALA E 47 -33.33 -10.63 -2.77
N ARG E 48 -33.60 -9.46 -3.35
CA ARG E 48 -34.90 -9.16 -3.89
C ARG E 48 -35.16 -9.91 -5.20
N PHE E 49 -34.10 -10.07 -5.99
CA PHE E 49 -34.20 -10.74 -7.29
C PHE E 49 -34.57 -12.22 -7.17
N PHE E 50 -34.05 -12.88 -6.15
CA PHE E 50 -34.33 -14.29 -5.95
C PHE E 50 -35.43 -14.49 -4.92
N ASN E 51 -36.06 -13.38 -4.51
N ASN E 51 -36.04 -13.38 -4.52
CA ASN E 51 -37.17 -13.40 -3.57
CA ASN E 51 -37.15 -13.37 -3.57
C ASN E 51 -36.81 -14.14 -2.28
C ASN E 51 -36.81 -14.12 -2.28
N LEU E 52 -35.59 -13.93 -1.80
CA LEU E 52 -35.14 -14.59 -0.58
C LEU E 52 -35.74 -13.93 0.64
N PRO E 53 -36.15 -14.74 1.63
CA PRO E 53 -36.59 -14.21 2.92
C PRO E 53 -35.51 -13.32 3.51
N THR E 54 -35.84 -12.05 3.74
CA THR E 54 -34.85 -11.09 4.20
C THR E 54 -35.22 -10.60 5.60
N ILE E 55 -34.21 -10.48 6.45
CA ILE E 55 -34.42 -9.99 7.81
C ILE E 55 -33.53 -8.79 8.09
N LEU E 56 -34.16 -7.70 8.52
CA LEU E 56 -33.44 -6.48 8.87
C LEU E 56 -33.36 -6.33 10.38
N THR E 57 -32.18 -5.96 10.87
CA THR E 57 -32.02 -5.74 12.31
C THR E 57 -31.07 -4.59 12.58
N THR E 58 -31.35 -3.85 13.65
CA THR E 58 -30.53 -2.72 14.05
C THR E 58 -30.17 -2.80 15.52
N SER E 59 -29.12 -2.07 15.91
CA SER E 59 -28.68 -2.05 17.29
C SER E 59 -28.72 -0.64 17.87
N PHE E 60 -29.60 -0.42 18.83
CA PHE E 60 -29.69 0.86 19.54
C PHE E 60 -29.86 2.01 18.55
N GLU E 61 -30.83 1.87 17.65
CA GLU E 61 -30.99 2.81 16.54
C GLU E 61 -31.45 4.19 17.01
N ASP E 62 -31.95 4.27 18.23
CA ASP E 62 -32.43 5.53 18.78
C ASP E 62 -31.32 6.27 19.51
N GLY E 63 -30.07 5.91 19.20
CA GLY E 63 -28.92 6.57 19.76
C GLY E 63 -27.93 6.99 18.69
N PRO E 64 -26.66 7.19 19.07
CA PRO E 64 -25.58 7.56 18.16
C PRO E 64 -25.41 6.60 16.98
N ASN E 65 -25.77 5.33 17.19
CA ASN E 65 -25.68 4.33 16.12
C ASN E 65 -26.50 4.71 14.91
N GLY E 66 -27.59 5.45 15.13
CA GLY E 66 -28.37 5.99 14.04
C GLY E 66 -29.32 4.99 13.41
N PRO E 67 -30.17 5.48 12.49
CA PRO E 67 -31.18 4.66 11.81
C PRO E 67 -30.60 3.76 10.72
N LEU E 68 -31.34 2.73 10.36
CA LEU E 68 -31.00 1.88 9.23
C LEU E 68 -31.00 2.72 7.95
N VAL E 69 -30.10 2.40 7.03
CA VAL E 69 -30.04 3.12 5.76
C VAL E 69 -31.39 3.01 5.04
N PRO E 70 -31.86 4.13 4.47
CA PRO E 70 -33.21 4.21 3.91
C PRO E 70 -33.45 3.23 2.77
N GLU E 71 -32.38 2.87 2.06
CA GLU E 71 -32.50 1.96 0.92
C GLU E 71 -33.03 0.60 1.34
N LEU E 72 -32.51 0.07 2.45
CA LEU E 72 -32.93 -1.25 2.92
C LEU E 72 -34.40 -1.31 3.35
N LYS E 73 -34.86 -0.30 4.07
CA LYS E 73 -36.26 -0.27 4.50
C LYS E 73 -37.18 -0.08 3.30
N GLU E 74 -36.70 0.67 2.32
CA GLU E 74 -37.46 0.95 1.11
C GLU E 74 -37.57 -0.26 0.19
N MSE E 75 -36.52 -1.07 0.14
CA MSE E 75 -36.49 -2.25 -0.72
C MSE E 75 -37.21 -3.44 -0.11
O MSE E 75 -37.75 -4.30 -0.82
CB MSE E 75 -35.05 -2.65 -1.05
CG MSE E 75 -34.30 -1.63 -1.88
SE MSE E 75 -32.48 -2.20 -2.27
CE MSE E 75 -32.91 -3.86 -3.21
N PHE E 76 -37.21 -3.52 1.21
CA PHE E 76 -37.84 -4.63 1.92
C PHE E 76 -38.87 -4.15 2.94
N PRO E 77 -40.00 -3.60 2.47
CA PRO E 77 -41.01 -3.03 3.36
C PRO E 77 -41.81 -4.09 4.12
N GLN E 78 -41.77 -5.34 3.67
CA GLN E 78 -42.51 -6.40 4.36
C GLN E 78 -41.58 -7.32 5.15
N ALA E 79 -40.28 -7.06 5.04
CA ALA E 79 -39.31 -7.89 5.74
C ALA E 79 -39.40 -7.67 7.25
N PRO E 80 -39.18 -8.73 8.02
CA PRO E 80 -39.09 -8.62 9.48
C PRO E 80 -38.03 -7.60 9.90
N TYR E 81 -38.44 -6.63 10.70
CA TYR E 81 -37.55 -5.57 11.16
C TYR E 81 -37.42 -5.64 12.68
N ILE E 82 -36.27 -6.13 13.14
CA ILE E 82 -36.05 -6.29 14.58
C ILE E 82 -35.08 -5.24 15.09
N ALA E 83 -35.61 -4.23 15.77
CA ALA E 83 -34.78 -3.22 16.41
C ALA E 83 -34.33 -3.73 17.78
N ARG E 84 -33.04 -3.98 17.91
CA ARG E 84 -32.49 -4.48 19.16
C ARG E 84 -32.03 -3.33 20.04
N PRO E 85 -32.75 -3.08 21.13
CA PRO E 85 -32.40 -1.96 22.02
C PRO E 85 -31.11 -2.20 22.81
N GLY E 86 -30.78 -3.46 23.08
CA GLY E 86 -29.66 -3.77 23.94
C GLY E 86 -28.67 -4.81 23.45
N ASN E 87 -29.17 -5.98 23.07
CA ASN E 87 -28.30 -7.10 22.70
C ASN E 87 -27.42 -6.80 21.49
N ILE E 88 -26.11 -6.87 21.70
CA ILE E 88 -25.14 -6.60 20.64
C ILE E 88 -25.10 -7.75 19.65
N ASN E 89 -24.98 -8.97 20.17
CA ASN E 89 -25.15 -10.17 19.35
C ASN E 89 -26.63 -10.32 19.02
N ALA E 90 -26.96 -10.24 17.73
CA ALA E 90 -28.35 -10.33 17.28
C ALA E 90 -29.01 -11.64 17.68
N TRP E 91 -28.20 -12.68 17.86
CA TRP E 91 -28.71 -14.00 18.21
C TRP E 91 -29.16 -14.07 19.66
N ASP E 92 -28.76 -13.08 20.45
CA ASP E 92 -29.19 -12.98 21.85
C ASP E 92 -30.58 -12.33 21.93
N ASN E 93 -31.05 -11.80 20.81
CA ASN E 93 -32.38 -11.25 20.73
C ASN E 93 -33.36 -12.33 20.29
N GLU E 94 -34.34 -12.64 21.14
CA GLU E 94 -35.25 -13.74 20.89
C GLU E 94 -36.13 -13.50 19.67
N ASP E 95 -36.51 -12.25 19.43
CA ASP E 95 -37.33 -11.91 18.27
C ASP E 95 -36.56 -12.12 16.97
N PHE E 96 -35.26 -11.85 16.99
CA PHE E 96 -34.42 -12.03 15.81
C PHE E 96 -34.30 -13.50 15.43
N VAL E 97 -33.96 -14.34 16.40
CA VAL E 97 -33.83 -15.78 16.18
C VAL E 97 -35.15 -16.39 15.77
N LYS E 98 -36.22 -15.91 16.40
CA LYS E 98 -37.57 -16.37 16.10
C LYS E 98 -37.91 -16.10 14.64
N ALA E 99 -37.49 -14.93 14.16
CA ALA E 99 -37.73 -14.53 12.77
C ALA E 99 -36.87 -15.34 11.80
N VAL E 100 -35.64 -15.64 12.21
CA VAL E 100 -34.73 -16.42 11.38
C VAL E 100 -35.27 -17.82 11.14
N LYS E 101 -35.74 -18.44 12.21
CA LYS E 101 -36.25 -19.81 12.14
C LYS E 101 -37.62 -19.87 11.47
N ALA E 102 -38.31 -18.73 11.47
CA ALA E 102 -39.63 -18.65 10.83
C ALA E 102 -39.53 -18.72 9.31
N THR E 103 -38.36 -18.37 8.78
CA THR E 103 -38.12 -18.46 7.35
C THR E 103 -38.00 -19.91 6.92
N GLY E 104 -37.54 -20.75 7.83
CA GLY E 104 -37.37 -22.17 7.56
C GLY E 104 -36.17 -22.50 6.69
N LYS E 105 -35.24 -21.54 6.57
CA LYS E 105 -34.07 -21.73 5.71
C LYS E 105 -32.85 -22.17 6.54
N LYS E 106 -32.09 -23.13 6.03
CA LYS E 106 -30.93 -23.62 6.75
C LYS E 106 -29.69 -22.80 6.39
N GLN E 107 -29.72 -22.17 5.21
CA GLN E 107 -28.59 -21.37 4.76
C GLN E 107 -28.80 -19.90 5.10
N LEU E 108 -27.85 -19.32 5.82
CA LEU E 108 -27.93 -17.93 6.22
C LEU E 108 -26.88 -17.08 5.52
N ILE E 109 -27.34 -16.18 4.67
CA ILE E 109 -26.46 -15.20 4.04
C ILE E 109 -26.42 -13.93 4.90
N ILE E 110 -25.26 -13.62 5.45
CA ILE E 110 -25.17 -12.54 6.43
C ILE E 110 -24.19 -11.44 6.03
N ALA E 111 -24.57 -10.19 6.26
CA ALA E 111 -23.72 -9.04 6.06
C ALA E 111 -24.05 -7.98 7.09
N GLY E 112 -23.08 -7.15 7.45
CA GLY E 112 -23.34 -6.10 8.41
C GLY E 112 -22.16 -5.30 8.92
N VAL E 113 -22.43 -4.48 9.95
CA VAL E 113 -21.45 -3.56 10.52
C VAL E 113 -21.52 -3.59 12.05
N VAL E 114 -20.41 -3.85 12.73
CA VAL E 114 -19.13 -4.14 12.10
C VAL E 114 -18.89 -5.63 11.96
N THR E 115 -17.95 -6.01 11.10
CA THR E 115 -17.69 -7.40 10.77
C THR E 115 -17.28 -8.24 11.99
N ASP E 116 -16.38 -7.70 12.80
CA ASP E 116 -15.81 -8.45 13.93
C ASP E 116 -16.79 -8.65 15.08
N VAL E 117 -17.92 -7.95 15.05
CA VAL E 117 -18.88 -8.02 16.14
C VAL E 117 -20.29 -8.37 15.66
N CYS E 118 -20.92 -7.43 14.97
CA CYS E 118 -22.32 -7.57 14.60
C CYS E 118 -22.53 -8.61 13.51
N VAL E 119 -21.44 -9.01 12.86
CA VAL E 119 -21.49 -10.09 11.87
C VAL E 119 -20.96 -11.38 12.48
N ALA E 120 -19.79 -11.28 13.11
CA ALA E 120 -19.09 -12.44 13.65
C ALA E 120 -19.90 -13.15 14.74
N PHE E 121 -20.44 -12.38 15.68
CA PHE E 121 -21.13 -12.96 16.83
C PHE E 121 -22.36 -13.80 16.44
N PRO E 122 -23.27 -13.24 15.62
CA PRO E 122 -24.40 -14.10 15.25
C PRO E 122 -24.01 -15.23 14.30
N THR E 123 -22.93 -15.04 13.55
CA THR E 123 -22.42 -16.09 12.68
C THR E 123 -21.96 -17.30 13.51
N LEU E 124 -21.19 -17.02 14.54
CA LEU E 124 -20.69 -18.06 15.44
C LEU E 124 -21.86 -18.72 16.18
N SER E 125 -22.84 -17.91 16.58
CA SER E 125 -24.01 -18.41 17.29
C SER E 125 -24.85 -19.32 16.39
N ALA E 126 -25.03 -18.91 15.14
CA ALA E 126 -25.83 -19.67 14.19
C ALA E 126 -25.14 -20.97 13.78
N LEU E 127 -23.82 -20.92 13.63
CA LEU E 127 -23.04 -22.11 13.31
C LEU E 127 -23.13 -23.12 14.44
N GLU E 128 -23.23 -22.60 15.66
CA GLU E 128 -23.37 -23.44 16.85
C GLU E 128 -24.69 -24.20 16.82
N GLU E 129 -25.71 -23.57 16.23
CA GLU E 129 -27.03 -24.18 16.14
C GLU E 129 -27.23 -25.03 14.88
N GLY E 130 -26.16 -25.21 14.11
CA GLY E 130 -26.21 -26.10 12.96
C GLY E 130 -26.56 -25.47 11.63
N PHE E 131 -26.62 -24.15 11.60
CA PHE E 131 -26.88 -23.43 10.35
C PHE E 131 -25.67 -23.38 9.43
N ASP E 132 -25.92 -23.36 8.13
CA ASP E 132 -24.89 -23.07 7.15
C ASP E 132 -24.83 -21.57 6.95
N VAL E 133 -23.73 -20.96 7.37
CA VAL E 133 -23.62 -19.51 7.31
C VAL E 133 -22.68 -19.06 6.20
N PHE E 134 -23.18 -18.19 5.33
CA PHE E 134 -22.41 -17.66 4.21
C PHE E 134 -22.17 -16.18 4.43
N VAL E 135 -20.91 -15.80 4.63
CA VAL E 135 -20.58 -14.42 4.94
C VAL E 135 -20.25 -13.61 3.70
N VAL E 136 -20.97 -12.51 3.49
CA VAL E 136 -20.67 -11.60 2.40
C VAL E 136 -19.61 -10.62 2.86
N THR E 137 -18.36 -10.96 2.59
CA THR E 137 -17.22 -10.24 3.15
C THR E 137 -17.07 -8.81 2.66
N ASP E 138 -17.51 -8.54 1.44
CA ASP E 138 -17.35 -7.19 0.89
C ASP E 138 -18.60 -6.32 1.11
N ALA E 139 -19.61 -6.91 1.74
CA ALA E 139 -20.78 -6.13 2.16
C ALA E 139 -20.78 -5.99 3.68
N SER E 140 -19.68 -6.41 4.30
CA SER E 140 -19.47 -6.25 5.72
C SER E 140 -18.25 -5.38 5.95
N GLY E 141 -18.38 -4.38 6.81
CA GLY E 141 -17.30 -3.44 7.04
C GLY E 141 -16.85 -3.36 8.47
N THR E 142 -15.61 -2.91 8.67
CA THR E 142 -15.07 -2.74 10.03
C THR E 142 -13.99 -1.66 10.05
N PHE E 143 -13.29 -1.53 11.17
CA PHE E 143 -12.39 -0.42 11.41
C PHE E 143 -11.19 -0.37 10.47
N ASN E 144 -10.64 -1.53 10.14
CA ASN E 144 -9.42 -1.61 9.32
C ASN E 144 -9.19 -3.04 8.84
N PRO E 145 -8.33 -3.23 7.82
CA PRO E 145 -8.06 -4.57 7.30
C PRO E 145 -7.61 -5.59 8.35
N VAL E 146 -6.85 -5.15 9.35
CA VAL E 146 -6.35 -6.06 10.38
C VAL E 146 -7.48 -6.66 11.20
N VAL E 147 -8.39 -5.81 11.66
CA VAL E 147 -9.55 -6.26 12.41
C VAL E 147 -10.41 -7.19 11.55
N ARG E 148 -10.53 -6.86 10.27
CA ARG E 148 -11.27 -7.69 9.33
C ARG E 148 -10.66 -9.08 9.19
N ASP E 149 -9.34 -9.14 8.99
CA ASP E 149 -8.66 -10.42 8.81
C ASP E 149 -8.77 -11.31 10.04
N ALA E 150 -8.77 -10.70 11.22
CA ALA E 150 -8.94 -11.44 12.46
C ALA E 150 -10.35 -12.02 12.56
N ALA E 151 -11.33 -11.24 12.13
CA ALA E 151 -12.72 -11.69 12.13
C ALA E 151 -12.91 -12.86 11.19
N TRP E 152 -12.24 -12.80 10.04
CA TRP E 152 -12.26 -13.90 9.08
C TRP E 152 -11.71 -15.18 9.69
N ALA E 153 -10.56 -15.06 10.35
CA ALA E 153 -9.90 -16.20 10.99
C ALA E 153 -10.81 -16.87 12.00
N ARG E 154 -11.51 -16.07 12.79
CA ARG E 154 -12.38 -16.58 13.84
C ARG E 154 -13.61 -17.26 13.25
N MSE E 155 -14.13 -16.71 12.16
CA MSE E 155 -15.31 -17.28 11.50
C MSE E 155 -14.95 -18.50 10.67
O MSE E 155 -15.73 -19.45 10.60
CB MSE E 155 -15.99 -16.21 10.63
CG MSE E 155 -16.65 -15.10 11.42
SE MSE E 155 -17.63 -13.84 10.30
CE MSE E 155 -16.14 -13.09 9.30
N THR E 156 -13.78 -18.47 10.05
CA THR E 156 -13.28 -19.60 9.26
C THR E 156 -13.12 -20.83 10.14
N ALA E 157 -12.51 -20.64 11.31
CA ALA E 157 -12.26 -21.73 12.25
C ALA E 157 -13.57 -22.36 12.74
N ALA E 158 -14.66 -21.60 12.63
CA ALA E 158 -15.96 -22.06 13.09
C ALA E 158 -16.72 -22.78 11.97
N GLY E 159 -16.24 -22.64 10.74
CA GLY E 159 -16.86 -23.32 9.61
C GLY E 159 -17.70 -22.41 8.74
N ALA E 160 -17.58 -21.10 8.92
CA ALA E 160 -18.31 -20.16 8.10
C ALA E 160 -17.72 -20.11 6.69
N GLN E 161 -18.57 -19.91 5.70
CA GLN E 161 -18.11 -19.80 4.32
C GLN E 161 -17.94 -18.33 3.93
N LEU E 162 -16.71 -17.96 3.61
CA LEU E 162 -16.39 -16.59 3.23
C LEU E 162 -16.64 -16.37 1.74
N MSE E 163 -17.54 -15.45 1.42
CA MSE E 163 -17.85 -15.14 0.04
C MSE E 163 -17.97 -13.64 -0.20
O MSE E 163 -17.47 -12.82 0.58
CB MSE E 163 -19.15 -15.84 -0.39
CG MSE E 163 -19.08 -17.35 -0.35
SE MSE E 163 -20.75 -18.21 -0.86
CE MSE E 163 -20.82 -17.69 -2.74
N ASN E 164 -18.63 -13.28 -1.29
CA ASN E 164 -18.85 -11.89 -1.67
C ASN E 164 -20.12 -11.80 -2.47
N TRP E 165 -20.64 -10.58 -2.67
CA TRP E 165 -21.97 -10.42 -3.25
C TRP E 165 -22.04 -11.00 -4.67
N PHE E 166 -20.96 -10.87 -5.44
CA PHE E 166 -20.95 -11.39 -6.81
C PHE E 166 -21.00 -12.91 -6.83
N SER E 167 -20.20 -13.56 -5.99
CA SER E 167 -20.17 -15.01 -5.92
C SER E 167 -21.47 -15.54 -5.34
N VAL E 168 -22.05 -14.80 -4.39
CA VAL E 168 -23.33 -15.15 -3.81
C VAL E 168 -24.43 -15.19 -4.88
N GLY E 169 -24.46 -14.15 -5.71
CA GLY E 169 -25.42 -14.06 -6.79
C GLY E 169 -25.27 -15.16 -7.82
N CYS E 170 -24.04 -15.45 -8.20
CA CYS E 170 -23.75 -16.46 -9.22
C CYS E 170 -24.05 -17.87 -8.73
N GLU E 171 -23.81 -18.11 -7.45
CA GLU E 171 -24.07 -19.43 -6.87
C GLU E 171 -25.57 -19.64 -6.73
N LEU E 172 -26.31 -18.55 -6.53
CA LEU E 172 -27.76 -18.61 -6.46
C LEU E 172 -28.37 -18.76 -7.85
N HIS E 173 -27.80 -18.08 -8.83
CA HIS E 173 -28.36 -18.04 -10.17
C HIS E 173 -28.09 -19.31 -10.96
N ARG E 174 -26.92 -19.90 -10.75
CA ARG E 174 -26.51 -21.17 -11.39
C ARG E 174 -26.39 -21.07 -12.91
N ASP E 175 -27.48 -20.67 -13.57
CA ASP E 175 -27.56 -20.68 -15.02
C ASP E 175 -28.04 -19.32 -15.54
N TRP E 176 -27.30 -18.77 -16.48
CA TRP E 176 -27.65 -17.48 -17.10
C TRP E 176 -29.06 -17.48 -17.70
N ARG E 177 -29.43 -18.60 -18.31
CA ARG E 177 -30.66 -18.70 -19.08
C ARG E 177 -31.92 -18.67 -18.23
N ASN E 178 -31.76 -18.75 -16.90
CA ASN E 178 -32.89 -18.65 -15.99
C ASN E 178 -33.52 -17.26 -16.07
N ASP E 179 -32.67 -16.25 -16.25
CA ASP E 179 -33.10 -14.86 -16.45
C ASP E 179 -31.90 -14.05 -16.90
N ILE E 180 -31.68 -13.98 -18.21
CA ILE E 180 -30.52 -13.30 -18.76
C ILE E 180 -30.54 -11.80 -18.51
N GLU E 181 -31.64 -11.14 -18.90
CA GLU E 181 -31.75 -9.69 -18.77
C GLU E 181 -31.78 -9.22 -17.32
N GLY E 182 -32.55 -9.91 -16.49
CA GLY E 182 -32.70 -9.53 -15.09
C GLY E 182 -31.42 -9.63 -14.27
N PHE E 183 -30.71 -10.73 -14.45
CA PHE E 183 -29.46 -10.97 -13.74
C PHE E 183 -28.36 -10.06 -14.30
N GLY E 184 -28.38 -9.87 -15.62
CA GLY E 184 -27.42 -9.01 -16.28
C GLY E 184 -27.57 -7.56 -15.83
N ALA E 185 -28.80 -7.17 -15.53
CA ALA E 185 -29.09 -5.82 -15.07
C ALA E 185 -28.50 -5.58 -13.69
N ILE E 186 -28.50 -6.62 -12.87
CA ILE E 186 -27.89 -6.56 -11.54
C ILE E 186 -26.39 -6.37 -11.67
N LEU E 187 -25.77 -7.18 -12.53
CA LEU E 187 -24.33 -7.12 -12.75
C LEU E 187 -23.93 -5.77 -13.33
N GLY E 188 -24.68 -5.31 -14.33
CA GLY E 188 -24.40 -4.02 -14.95
C GLY E 188 -24.61 -2.85 -14.01
N GLY E 189 -25.56 -2.99 -13.10
CA GLY E 189 -25.89 -1.91 -12.19
C GLY E 189 -24.95 -1.78 -11.00
N HIS E 190 -24.10 -2.78 -10.81
CA HIS E 190 -23.20 -2.80 -9.66
C HIS E 190 -21.76 -3.14 -10.04
N LEU E 191 -21.55 -3.41 -11.32
CA LEU E 191 -20.20 -3.56 -11.85
C LEU E 191 -20.04 -2.65 -13.05
N PRO E 192 -19.56 -1.42 -12.82
CA PRO E 192 -19.40 -0.38 -13.84
C PRO E 192 -18.58 -0.87 -15.03
N ALA E 193 -17.61 -1.74 -14.77
CA ALA E 193 -16.80 -2.32 -15.83
C ALA E 193 -17.63 -3.28 -16.68
N TYR E 194 -18.57 -3.96 -16.04
CA TYR E 194 -19.43 -4.89 -16.76
C TYR E 194 -20.50 -4.13 -17.52
N ALA E 195 -20.95 -3.01 -16.94
CA ALA E 195 -21.89 -2.11 -17.61
C ALA E 195 -21.26 -1.56 -18.90
N ASN E 196 -19.96 -1.29 -18.84
CA ASN E 196 -19.23 -0.81 -20.01
C ASN E 196 -19.16 -1.87 -21.11
N LEU E 197 -18.97 -3.12 -20.70
CA LEU E 197 -18.96 -4.23 -21.63
C LEU E 197 -20.31 -4.37 -22.33
N ILE E 198 -21.37 -4.21 -21.56
CA ILE E 198 -22.73 -4.31 -22.08
C ILE E 198 -23.02 -3.21 -23.10
N GLN E 199 -22.59 -1.98 -22.79
CA GLN E 199 -22.83 -0.85 -23.68
C GLN E 199 -22.08 -0.99 -25.00
N SER E 200 -20.82 -1.42 -24.91
CA SER E 200 -20.01 -1.64 -26.11
C SER E 200 -20.60 -2.74 -26.97
N PHE E 201 -21.09 -3.79 -26.33
CA PHE E 201 -21.67 -4.93 -27.03
C PHE E 201 -22.96 -4.53 -27.74
N GLY E 202 -23.65 -3.53 -27.19
CA GLY E 202 -24.92 -3.08 -27.73
C GLY E 202 -24.79 -2.21 -28.98
N THR E 203 -23.61 -1.66 -29.19
CA THR E 203 -23.38 -0.79 -30.34
C THR E 203 -23.01 -1.58 -31.58
N SER F 2 -20.44 -30.69 16.92
CA SER F 2 -20.32 -29.83 15.75
C SER F 2 -19.43 -28.63 16.05
N PHE F 3 -20.03 -27.56 16.58
CA PHE F 3 -19.25 -26.37 16.92
C PHE F 3 -19.77 -25.73 18.20
N THR F 4 -18.84 -25.27 19.04
CA THR F 4 -19.20 -24.58 20.26
C THR F 4 -18.66 -23.16 20.27
N TYR F 5 -19.57 -22.21 20.39
CA TYR F 5 -19.22 -20.80 20.47
C TYR F 5 -18.70 -20.45 21.86
N LYS F 6 -17.39 -20.57 22.06
CA LYS F 6 -16.79 -20.18 23.33
C LYS F 6 -16.51 -18.68 23.35
N ARG F 7 -17.50 -17.91 23.79
CA ARG F 7 -17.38 -16.47 23.81
C ARG F 7 -16.98 -15.98 25.19
N LEU F 8 -16.41 -14.78 25.24
CA LEU F 8 -15.92 -14.20 26.47
C LEU F 8 -17.02 -14.03 27.53
N ASP F 9 -16.71 -14.44 28.74
CA ASP F 9 -17.61 -14.25 29.88
C ASP F 9 -16.89 -13.38 30.90
N LYS F 10 -17.53 -12.30 31.32
CA LYS F 10 -16.90 -11.34 32.23
C LYS F 10 -16.66 -11.93 33.62
N ASN F 11 -17.26 -13.09 33.89
CA ASN F 11 -17.08 -13.75 35.17
C ASN F 11 -16.05 -14.89 35.10
N ASP F 12 -15.56 -15.16 33.89
CA ASP F 12 -14.65 -16.27 33.69
C ASP F 12 -13.39 -15.86 32.93
N ALA F 13 -13.12 -14.56 32.85
CA ALA F 13 -12.01 -14.06 32.04
C ALA F 13 -11.00 -13.25 32.85
N ALA F 14 -9.72 -13.38 32.46
CA ALA F 14 -8.65 -12.59 33.03
C ALA F 14 -7.86 -11.93 31.90
N VAL F 15 -7.26 -10.78 32.18
CA VAL F 15 -6.52 -10.05 31.15
C VAL F 15 -5.02 -10.06 31.42
N LEU F 16 -4.24 -10.35 30.38
CA LEU F 16 -2.78 -10.40 30.50
C LEU F 16 -2.11 -9.36 29.62
N PHE F 17 -1.44 -8.40 30.25
CA PHE F 17 -0.63 -7.42 29.52
C PHE F 17 0.82 -7.84 29.58
N VAL F 18 1.36 -8.28 28.44
CA VAL F 18 2.70 -8.86 28.42
C VAL F 18 3.74 -7.98 27.72
N ASP F 19 4.62 -7.39 28.53
CA ASP F 19 5.79 -6.68 28.03
C ASP F 19 5.50 -5.45 27.17
N HIS F 20 4.51 -4.66 27.58
CA HIS F 20 4.30 -3.35 26.97
C HIS F 20 5.31 -2.36 27.56
N GLN F 21 6.57 -2.52 27.20
CA GLN F 21 7.64 -1.74 27.81
C GLN F 21 8.16 -0.65 26.87
N ALA F 22 8.68 0.43 27.47
CA ALA F 22 9.09 1.62 26.73
C ALA F 22 10.09 1.32 25.61
N GLY F 23 11.05 0.44 25.89
CA GLY F 23 12.04 0.08 24.91
C GLY F 23 11.49 -0.80 23.80
N LEU F 24 10.82 -1.89 24.19
CA LEU F 24 10.30 -2.87 23.25
C LEU F 24 9.29 -2.29 22.26
N LEU F 25 8.61 -1.22 22.67
CA LEU F 25 7.57 -0.63 21.83
C LEU F 25 8.10 0.01 20.56
N SER F 26 9.38 0.37 20.56
CA SER F 26 10.00 0.97 19.38
C SER F 26 10.24 -0.09 18.30
N LEU F 27 10.05 -1.36 18.67
CA LEU F 27 10.18 -2.45 17.73
C LEU F 27 8.88 -2.62 16.93
N VAL F 28 7.78 -2.15 17.51
CA VAL F 28 6.47 -2.27 16.88
C VAL F 28 6.31 -1.35 15.69
N ARG F 29 6.19 -1.93 14.50
CA ARG F 29 6.04 -1.15 13.27
C ARG F 29 4.83 -1.58 12.45
N ASP F 30 4.10 -2.59 12.92
CA ASP F 30 2.92 -3.07 12.18
C ASP F 30 1.67 -2.30 12.61
N PHE F 31 1.84 -1.42 13.58
CA PHE F 31 0.81 -0.45 13.93
C PHE F 31 1.46 0.91 14.11
N SER F 32 0.73 1.99 13.81
CA SER F 32 1.22 3.33 14.08
C SER F 32 1.21 3.56 15.59
N PRO F 33 2.18 4.35 16.09
CA PRO F 33 2.28 4.63 17.53
C PRO F 33 1.00 5.19 18.14
N ASP F 34 0.28 6.01 17.38
CA ASP F 34 -0.95 6.61 17.86
C ASP F 34 -2.05 5.58 18.02
N GLU F 35 -2.23 4.75 17.00
CA GLU F 35 -3.26 3.72 17.05
C GLU F 35 -2.95 2.67 18.11
N PHE F 36 -1.68 2.29 18.20
CA PHE F 36 -1.28 1.23 19.11
C PHE F 36 -1.44 1.65 20.57
N LYS F 37 -1.10 2.90 20.87
CA LYS F 37 -1.27 3.40 22.23
C LYS F 37 -2.74 3.40 22.63
N ASN F 38 -3.58 3.89 21.72
CA ASN F 38 -5.02 3.94 21.95
C ASN F 38 -5.65 2.56 22.11
N ASN F 39 -5.20 1.61 21.28
CA ASN F 39 -5.74 0.26 21.32
C ASN F 39 -5.43 -0.44 22.63
N VAL F 40 -4.19 -0.28 23.10
CA VAL F 40 -3.76 -0.88 24.36
C VAL F 40 -4.52 -0.26 25.53
N LEU F 41 -4.64 1.07 25.53
CA LEU F 41 -5.38 1.78 26.57
C LEU F 41 -6.86 1.43 26.54
N ALA F 42 -7.36 1.12 25.35
CA ALA F 42 -8.76 0.72 25.21
C ALA F 42 -8.99 -0.60 25.93
N LEU F 43 -8.09 -1.55 25.72
CA LEU F 43 -8.16 -2.84 26.39
C LEU F 43 -8.04 -2.70 27.90
N ALA F 44 -7.20 -1.76 28.33
CA ALA F 44 -7.01 -1.50 29.75
C ALA F 44 -8.28 -0.95 30.39
N ASP F 45 -8.91 0.02 29.72
CA ASP F 45 -10.18 0.57 30.17
C ASP F 45 -11.25 -0.51 30.27
N ILE F 46 -11.24 -1.42 29.29
CA ILE F 46 -12.20 -2.53 29.26
C ILE F 46 -11.96 -3.47 30.43
N ALA F 47 -10.69 -3.78 30.68
CA ALA F 47 -10.31 -4.64 31.77
C ALA F 47 -10.74 -4.03 33.10
N ARG F 48 -10.60 -2.71 33.20
CA ARG F 48 -10.96 -1.98 34.41
C ARG F 48 -12.46 -1.88 34.56
N PHE F 49 -13.16 -1.69 33.44
CA PHE F 49 -14.62 -1.53 33.43
C PHE F 49 -15.37 -2.77 33.86
N PHE F 50 -14.88 -3.94 33.46
CA PHE F 50 -15.55 -5.19 33.80
C PHE F 50 -14.94 -5.82 35.04
N ASN F 51 -14.06 -5.08 35.70
CA ASN F 51 -13.43 -5.51 36.95
C ASN F 51 -12.76 -6.87 36.82
N LEU F 52 -12.12 -7.09 35.68
CA LEU F 52 -11.46 -8.36 35.39
C LEU F 52 -10.12 -8.49 36.12
N PRO F 53 -9.82 -9.69 36.65
CA PRO F 53 -8.48 -9.96 37.19
C PRO F 53 -7.41 -9.66 36.14
N THR F 54 -6.52 -8.72 36.45
CA THR F 54 -5.53 -8.28 35.47
C THR F 54 -4.12 -8.63 35.94
N ILE F 55 -3.30 -9.13 35.02
CA ILE F 55 -1.92 -9.48 35.35
C ILE F 55 -0.92 -8.74 34.45
N LEU F 56 0.02 -8.05 35.08
CA LEU F 56 1.07 -7.34 34.37
C LEU F 56 2.39 -8.08 34.46
N THR F 57 3.10 -8.17 33.34
CA THR F 57 4.41 -8.81 33.34
C THR F 57 5.37 -8.11 32.39
N THR F 58 6.64 -8.08 32.76
CA THR F 58 7.67 -7.46 31.94
C THR F 58 8.87 -8.40 31.74
N SER F 59 9.66 -8.13 30.71
CA SER F 59 10.83 -8.94 30.42
C SER F 59 12.10 -8.10 30.45
N PHE F 60 12.98 -8.39 31.42
CA PHE F 60 14.28 -7.73 31.51
C PHE F 60 14.13 -6.21 31.55
N GLU F 61 13.27 -5.73 32.44
CA GLU F 61 12.90 -4.33 32.48
C GLU F 61 14.05 -3.43 32.95
N ASP F 62 15.05 -4.03 33.60
CA ASP F 62 16.20 -3.27 34.08
C ASP F 62 17.30 -3.20 33.02
N GLY F 63 16.92 -3.44 31.77
CA GLY F 63 17.85 -3.33 30.66
C GLY F 63 17.27 -2.47 29.56
N PRO F 64 17.77 -2.64 28.32
CA PRO F 64 17.31 -1.91 27.14
C PRO F 64 15.81 -2.07 26.87
N ASN F 65 15.23 -3.19 27.30
CA ASN F 65 13.80 -3.44 27.11
C ASN F 65 12.94 -2.36 27.75
N GLY F 66 13.44 -1.75 28.82
CA GLY F 66 12.80 -0.62 29.44
C GLY F 66 11.65 -0.96 30.38
N PRO F 67 11.13 0.06 31.08
CA PRO F 67 10.06 -0.12 32.06
C PRO F 67 8.69 -0.28 31.41
N LEU F 68 7.75 -0.87 32.15
CA LEU F 68 6.37 -0.93 31.69
C LEU F 68 5.85 0.49 31.52
N VAL F 69 5.01 0.71 30.52
CA VAL F 69 4.43 2.04 30.29
C VAL F 69 3.66 2.48 31.53
N PRO F 70 3.82 3.76 31.91
CA PRO F 70 3.29 4.26 33.19
C PRO F 70 1.77 4.16 33.28
N GLU F 71 1.09 4.19 32.14
CA GLU F 71 -0.36 4.11 32.13
C GLU F 71 -0.85 2.80 32.74
N LEU F 72 -0.21 1.70 32.37
CA LEU F 72 -0.62 0.39 32.87
C LEU F 72 -0.45 0.26 34.38
N LYS F 73 0.68 0.77 34.89
CA LYS F 73 0.94 0.73 36.32
C LYS F 73 -0.01 1.65 37.09
N GLU F 74 -0.36 2.77 36.48
CA GLU F 74 -1.25 3.75 37.12
C GLU F 74 -2.68 3.23 37.15
N MSE F 75 -3.07 2.50 36.11
CA MSE F 75 -4.44 1.99 36.00
C MSE F 75 -4.62 0.67 36.75
O MSE F 75 -5.73 0.37 37.21
CB MSE F 75 -4.81 1.80 34.53
CG MSE F 75 -4.83 3.09 33.72
SE MSE F 75 -4.90 2.79 31.81
CE MSE F 75 -6.80 2.41 31.66
N PHE F 76 -3.55 -0.09 36.88
CA PHE F 76 -3.60 -1.32 37.67
C PHE F 76 -2.49 -1.36 38.72
N PRO F 77 -2.58 -0.49 39.73
CA PRO F 77 -1.53 -0.40 40.74
C PRO F 77 -1.55 -1.58 41.71
N GLN F 78 -2.67 -2.30 41.75
CA GLN F 78 -2.81 -3.39 42.71
C GLN F 78 -2.67 -4.75 42.03
N ALA F 79 -2.55 -4.74 40.70
CA ALA F 79 -2.46 -5.96 39.92
C ALA F 79 -1.15 -6.70 40.14
N PRO F 80 -1.18 -8.04 40.08
CA PRO F 80 0.05 -8.83 40.15
C PRO F 80 1.05 -8.37 39.09
N TYR F 81 2.25 -8.02 39.54
CA TYR F 81 3.28 -7.52 38.65
C TYR F 81 4.48 -8.46 38.68
N ILE F 82 4.65 -9.22 37.60
CA ILE F 82 5.74 -10.19 37.55
C ILE F 82 6.83 -9.70 36.61
N ALA F 83 7.92 -9.22 37.18
CA ALA F 83 9.09 -8.83 36.41
C ALA F 83 9.94 -10.06 36.15
N ARG F 84 10.00 -10.47 34.89
CA ARG F 84 10.76 -11.66 34.52
C ARG F 84 12.19 -11.29 34.14
N PRO F 85 13.16 -11.65 34.99
CA PRO F 85 14.56 -11.30 34.71
C PRO F 85 15.14 -12.09 33.54
N GLY F 86 14.62 -13.29 33.29
CA GLY F 86 15.22 -14.16 32.30
C GLY F 86 14.28 -14.82 31.30
N ASN F 87 13.22 -15.47 31.79
CA ASN F 87 12.33 -16.24 30.93
C ASN F 87 11.61 -15.40 29.89
N ILE F 88 11.84 -15.76 28.62
CA ILE F 88 11.24 -15.06 27.49
C ILE F 88 9.76 -15.42 27.37
N ASN F 89 9.46 -16.71 27.38
CA ASN F 89 8.09 -17.18 27.47
C ASN F 89 7.60 -16.96 28.90
N ALA F 90 6.58 -16.12 29.06
CA ALA F 90 6.06 -15.79 30.37
C ALA F 90 5.56 -17.03 31.12
N TRP F 91 5.18 -18.05 30.38
CA TRP F 91 4.66 -19.28 30.97
C TRP F 91 5.78 -20.13 31.57
N ASP F 92 7.02 -19.80 31.23
CA ASP F 92 8.17 -20.50 31.80
C ASP F 92 8.51 -19.91 33.17
N ASN F 93 7.88 -18.79 33.49
CA ASN F 93 8.02 -18.16 34.80
C ASN F 93 6.97 -18.70 35.76
N GLU F 94 7.41 -19.33 36.83
CA GLU F 94 6.50 -20.01 37.76
C GLU F 94 5.60 -19.02 38.50
N ASP F 95 6.12 -17.84 38.79
CA ASP F 95 5.34 -16.82 39.49
C ASP F 95 4.21 -16.29 38.61
N PHE F 96 4.47 -16.20 37.31
CA PHE F 96 3.47 -15.74 36.35
C PHE F 96 2.32 -16.73 36.24
N VAL F 97 2.67 -18.00 36.06
CA VAL F 97 1.67 -19.07 35.94
C VAL F 97 0.87 -19.21 37.23
N LYS F 98 1.55 -19.08 38.36
CA LYS F 98 0.89 -19.12 39.67
C LYS F 98 -0.16 -18.02 39.79
N ALA F 99 0.19 -16.84 39.28
CA ALA F 99 -0.71 -15.68 39.34
C ALA F 99 -1.91 -15.88 38.40
N VAL F 100 -1.67 -16.49 37.26
CA VAL F 100 -2.73 -16.76 36.29
C VAL F 100 -3.78 -17.71 36.86
N LYS F 101 -3.30 -18.78 37.49
CA LYS F 101 -4.18 -19.81 38.03
C LYS F 101 -4.86 -19.35 39.32
N ALA F 102 -4.28 -18.34 39.97
CA ALA F 102 -4.84 -17.79 41.21
C ALA F 102 -6.10 -16.99 40.92
N THR F 103 -6.24 -16.52 39.68
CA THR F 103 -7.42 -15.77 39.27
C THR F 103 -8.65 -16.68 39.19
N GLY F 104 -8.41 -17.96 38.91
CA GLY F 104 -9.49 -18.93 38.80
C GLY F 104 -10.28 -18.78 37.51
N LYS F 105 -9.71 -18.07 36.54
CA LYS F 105 -10.37 -17.82 35.27
C LYS F 105 -9.91 -18.79 34.17
N LYS F 106 -10.86 -19.26 33.39
CA LYS F 106 -10.60 -20.21 32.31
C LYS F 106 -10.23 -19.50 31.01
N GLN F 107 -10.72 -18.28 30.85
CA GLN F 107 -10.48 -17.50 29.65
C GLN F 107 -9.36 -16.49 29.82
N LEU F 108 -8.37 -16.55 28.95
CA LEU F 108 -7.24 -15.63 29.03
C LEU F 108 -7.25 -14.63 27.89
N ILE F 109 -7.47 -13.37 28.22
CA ILE F 109 -7.39 -12.29 27.25
C ILE F 109 -5.97 -11.72 27.25
N ILE F 110 -5.27 -11.86 26.14
CA ILE F 110 -3.85 -11.52 26.12
C ILE F 110 -3.48 -10.50 25.04
N ALA F 111 -2.60 -9.57 25.41
CA ALA F 111 -2.04 -8.60 24.48
C ALA F 111 -0.61 -8.29 24.91
N GLY F 112 0.25 -7.94 23.96
CA GLY F 112 1.63 -7.63 24.30
C GLY F 112 2.60 -7.41 23.16
N VAL F 113 3.87 -7.32 23.51
CA VAL F 113 4.95 -7.01 22.58
C VAL F 113 6.16 -7.90 22.86
N VAL F 114 6.66 -8.62 21.85
CA VAL F 114 6.12 -8.61 20.50
C VAL F 114 5.14 -9.77 20.29
N THR F 115 4.32 -9.66 19.25
CA THR F 115 3.26 -10.64 18.97
C THR F 115 3.79 -12.05 18.75
N ASP F 116 4.84 -12.16 17.94
CA ASP F 116 5.37 -13.46 17.53
C ASP F 116 6.12 -14.20 18.65
N VAL F 117 6.41 -13.50 19.74
CA VAL F 117 7.18 -14.10 20.83
C VAL F 117 6.49 -13.98 22.18
N CYS F 118 6.42 -12.76 22.69
CA CYS F 118 5.93 -12.53 24.06
C CYS F 118 4.42 -12.72 24.15
N VAL F 119 3.75 -12.76 23.00
CA VAL F 119 2.32 -13.06 22.97
C VAL F 119 2.11 -14.50 22.55
N ALA F 120 2.76 -14.90 21.46
CA ALA F 120 2.58 -16.23 20.89
C ALA F 120 3.00 -17.33 21.85
N PHE F 121 4.18 -17.20 22.46
CA PHE F 121 4.72 -18.28 23.29
C PHE F 121 3.83 -18.60 24.50
N PRO F 122 3.44 -17.59 25.30
CA PRO F 122 2.57 -17.98 26.42
C PRO F 122 1.16 -18.37 25.95
N THR F 123 0.75 -17.87 24.79
CA THR F 123 -0.54 -18.26 24.21
C THR F 123 -0.54 -19.75 23.89
N LEU F 124 0.50 -20.21 23.23
CA LEU F 124 0.64 -21.61 22.85
C LEU F 124 0.76 -22.50 24.10
N SER F 125 1.51 -22.02 25.09
CA SER F 125 1.69 -22.75 26.34
C SER F 125 0.39 -22.86 27.13
N ALA F 126 -0.36 -21.77 27.16
CA ALA F 126 -1.63 -21.74 27.90
C ALA F 126 -2.67 -22.62 27.22
N LEU F 127 -2.65 -22.63 25.89
CA LEU F 127 -3.54 -23.49 25.12
C LEU F 127 -3.25 -24.96 25.39
N GLU F 128 -1.97 -25.27 25.60
CA GLU F 128 -1.56 -26.64 25.90
C GLU F 128 -2.10 -27.08 27.25
N GLU F 129 -2.23 -26.14 28.18
CA GLU F 129 -2.75 -26.45 29.52
C GLU F 129 -4.27 -26.37 29.59
N GLY F 130 -4.92 -26.18 28.45
CA GLY F 130 -6.38 -26.24 28.38
C GLY F 130 -7.10 -24.93 28.57
N PHE F 131 -6.36 -23.82 28.60
CA PHE F 131 -6.99 -22.51 28.70
C PHE F 131 -7.60 -22.10 27.36
N ASP F 132 -8.69 -21.34 27.43
CA ASP F 132 -9.24 -20.70 26.25
C ASP F 132 -8.58 -19.34 26.09
N VAL F 133 -7.81 -19.16 25.02
CA VAL F 133 -7.03 -17.95 24.85
C VAL F 133 -7.61 -17.03 23.78
N PHE F 134 -7.84 -15.78 24.17
CA PHE F 134 -8.38 -14.77 23.27
C PHE F 134 -7.31 -13.71 23.04
N VAL F 135 -6.79 -13.64 21.81
CA VAL F 135 -5.70 -12.72 21.50
C VAL F 135 -6.22 -11.40 20.96
N VAL F 136 -5.83 -10.30 21.62
CA VAL F 136 -6.19 -8.96 21.14
C VAL F 136 -5.17 -8.51 20.11
N THR F 137 -5.47 -8.76 18.85
CA THR F 137 -4.51 -8.59 17.76
C THR F 137 -4.09 -7.14 17.52
N ASP F 138 -4.97 -6.18 17.80
CA ASP F 138 -4.64 -4.78 17.55
C ASP F 138 -4.05 -4.11 18.78
N ALA F 139 -3.94 -4.86 19.88
CA ALA F 139 -3.23 -4.39 21.06
C ALA F 139 -1.92 -5.15 21.20
N SER F 140 -1.61 -5.94 20.18
CA SER F 140 -0.35 -6.67 20.11
C SER F 140 0.44 -6.18 18.90
N GLY F 141 1.72 -5.87 19.11
CA GLY F 141 2.53 -5.31 18.04
C GLY F 141 3.77 -6.12 17.75
N THR F 142 4.30 -5.96 16.54
CA THR F 142 5.52 -6.65 16.14
C THR F 142 6.24 -5.88 15.04
N PHE F 143 7.28 -6.47 14.48
CA PHE F 143 8.19 -5.79 13.56
C PHE F 143 7.52 -5.32 12.27
N ASN F 144 6.62 -6.14 11.74
CA ASN F 144 5.99 -5.87 10.45
C ASN F 144 4.77 -6.77 10.22
N PRO F 145 3.90 -6.42 9.25
CA PRO F 145 2.71 -7.23 8.97
C PRO F 145 3.02 -8.69 8.66
N VAL F 146 4.15 -8.97 8.01
CA VAL F 146 4.51 -10.34 7.65
C VAL F 146 4.73 -11.19 8.89
N VAL F 147 5.52 -10.67 9.83
CA VAL F 147 5.78 -11.36 11.09
C VAL F 147 4.47 -11.55 11.88
N ARG F 148 3.62 -10.53 11.83
CA ARG F 148 2.33 -10.59 12.52
C ARG F 148 1.47 -11.72 11.95
N ASP F 149 1.38 -11.79 10.62
CA ASP F 149 0.56 -12.80 9.95
C ASP F 149 1.04 -14.21 10.24
N ALA F 150 2.36 -14.38 10.36
CA ALA F 150 2.94 -15.68 10.71
C ALA F 150 2.56 -16.07 12.14
N ALA F 151 2.57 -15.09 13.04
CA ALA F 151 2.20 -15.31 14.42
C ALA F 151 0.72 -15.69 14.53
N TRP F 152 -0.11 -15.03 13.72
CA TRP F 152 -1.53 -15.36 13.66
C TRP F 152 -1.74 -16.80 13.23
N ALA F 153 -1.04 -17.20 12.16
CA ALA F 153 -1.16 -18.54 11.61
C ALA F 153 -0.78 -19.60 12.65
N ARG F 154 0.27 -19.33 13.40
CA ARG F 154 0.75 -20.28 14.40
C ARG F 154 -0.19 -20.40 15.58
N MSE F 155 -0.77 -19.27 15.99
CA MSE F 155 -1.69 -19.24 17.11
C MSE F 155 -3.06 -19.78 16.71
O MSE F 155 -3.71 -20.48 17.50
CB MSE F 155 -1.83 -17.83 17.67
CG MSE F 155 -0.55 -17.30 18.32
SE MSE F 155 -0.77 -15.51 19.07
CE MSE F 155 -1.18 -14.55 17.42
N THR F 156 -3.49 -19.46 15.50
CA THR F 156 -4.75 -19.96 14.97
C THR F 156 -4.75 -21.49 14.93
N ALA F 157 -3.65 -22.06 14.46
CA ALA F 157 -3.50 -23.50 14.33
C ALA F 157 -3.55 -24.21 15.68
N ALA F 158 -3.26 -23.46 16.74
CA ALA F 158 -3.24 -24.03 18.10
C ALA F 158 -4.60 -23.94 18.77
N GLY F 159 -5.51 -23.18 18.19
CA GLY F 159 -6.86 -23.05 18.71
C GLY F 159 -7.11 -21.74 19.42
N ALA F 160 -6.19 -20.79 19.25
CA ALA F 160 -6.38 -19.47 19.83
C ALA F 160 -7.44 -18.70 19.04
N GLN F 161 -8.23 -17.90 19.74
CA GLN F 161 -9.23 -17.08 19.08
C GLN F 161 -8.71 -15.66 18.85
N LEU F 162 -8.58 -15.27 17.58
CA LEU F 162 -8.07 -13.96 17.23
C LEU F 162 -9.18 -12.93 17.27
N MSE F 163 -8.97 -11.86 18.04
CA MSE F 163 -9.95 -10.79 18.18
C MSE F 163 -9.28 -9.43 18.24
O MSE F 163 -8.11 -9.27 17.89
CB MSE F 163 -10.82 -11.01 19.42
CG MSE F 163 -11.64 -12.29 19.39
SE MSE F 163 -12.71 -12.62 20.98
CE MSE F 163 -13.99 -11.15 20.79
N ASN F 164 -10.05 -8.44 18.68
CA ASN F 164 -9.57 -7.07 18.85
C ASN F 164 -10.26 -6.46 20.06
N TRP F 165 -9.76 -5.32 20.54
CA TRP F 165 -10.26 -4.76 21.80
C TRP F 165 -11.74 -4.44 21.73
N PHE F 166 -12.21 -3.98 20.56
CA PHE F 166 -13.62 -3.64 20.42
C PHE F 166 -14.51 -4.87 20.48
N SER F 167 -14.11 -5.94 19.81
CA SER F 167 -14.89 -7.18 19.82
C SER F 167 -14.83 -7.81 21.19
N VAL F 168 -13.69 -7.69 21.86
CA VAL F 168 -13.53 -8.16 23.23
C VAL F 168 -14.51 -7.43 24.15
N GLY F 169 -14.57 -6.11 24.00
CA GLY F 169 -15.48 -5.30 24.80
C GLY F 169 -16.94 -5.64 24.57
N CYS F 170 -17.32 -5.82 23.31
CA CYS F 170 -18.71 -6.13 22.97
C CYS F 170 -19.13 -7.53 23.42
N GLU F 171 -18.20 -8.47 23.33
CA GLU F 171 -18.49 -9.85 23.72
C GLU F 171 -18.60 -9.98 25.25
N LEU F 172 -17.86 -9.13 25.96
CA LEU F 172 -17.93 -9.09 27.41
C LEU F 172 -19.21 -8.40 27.87
N HIS F 173 -19.59 -7.34 27.16
CA HIS F 173 -20.71 -6.49 27.57
C HIS F 173 -22.07 -7.13 27.26
N ARG F 174 -22.15 -7.84 26.13
CA ARG F 174 -23.36 -8.55 25.71
C ARG F 174 -24.55 -7.63 25.41
N ASP F 175 -24.94 -6.84 26.41
CA ASP F 175 -26.13 -6.01 26.31
C ASP F 175 -25.82 -4.57 26.68
N TRP F 176 -26.19 -3.63 25.81
CA TRP F 176 -25.98 -2.21 26.05
C TRP F 176 -26.59 -1.74 27.37
N ARG F 177 -27.76 -2.27 27.69
CA ARG F 177 -28.56 -1.80 28.82
C ARG F 177 -27.96 -2.15 30.17
N ASN F 178 -26.92 -2.97 30.18
CA ASN F 178 -26.21 -3.29 31.42
C ASN F 178 -25.55 -2.05 32.01
N ASP F 179 -25.04 -1.21 31.11
CA ASP F 179 -24.46 0.09 31.48
C ASP F 179 -24.24 0.89 30.20
N ILE F 180 -25.25 1.66 29.80
CA ILE F 180 -25.20 2.39 28.55
C ILE F 180 -24.12 3.49 28.53
N GLU F 181 -24.17 4.38 29.51
CA GLU F 181 -23.22 5.49 29.56
C GLU F 181 -21.79 5.03 29.82
N GLY F 182 -21.64 4.08 30.73
CA GLY F 182 -20.32 3.57 31.10
C GLY F 182 -19.62 2.91 29.93
N PHE F 183 -20.36 2.10 29.19
CA PHE F 183 -19.81 1.41 28.04
C PHE F 183 -19.61 2.38 26.89
N GLY F 184 -20.54 3.33 26.75
CA GLY F 184 -20.46 4.34 25.71
C GLY F 184 -19.25 5.25 25.86
N ALA F 185 -18.85 5.48 27.11
CA ALA F 185 -17.69 6.33 27.40
C ALA F 185 -16.40 5.67 26.94
N ILE F 186 -16.35 4.34 27.03
CA ILE F 186 -15.21 3.58 26.56
C ILE F 186 -15.08 3.69 25.05
N LEU F 187 -16.19 3.47 24.35
CA LEU F 187 -16.24 3.54 22.90
C LEU F 187 -15.91 4.94 22.42
N GLY F 188 -16.52 5.94 23.05
CA GLY F 188 -16.28 7.32 22.70
C GLY F 188 -14.85 7.76 22.97
N GLY F 189 -14.26 7.18 24.01
CA GLY F 189 -12.91 7.53 24.41
C GLY F 189 -11.82 6.89 23.58
N HIS F 190 -12.18 5.91 22.76
CA HIS F 190 -11.19 5.17 21.99
C HIS F 190 -11.58 4.99 20.53
N LEU F 191 -12.74 5.51 20.15
CA LEU F 191 -13.15 5.57 18.76
C LEU F 191 -13.58 7.00 18.43
N PRO F 192 -12.65 7.81 17.92
CA PRO F 192 -12.89 9.22 17.61
C PRO F 192 -14.10 9.45 16.71
N ALA F 193 -14.35 8.52 15.80
CA ALA F 193 -15.51 8.60 14.91
C ALA F 193 -16.79 8.38 15.70
N TYR F 194 -16.72 7.53 16.72
CA TYR F 194 -17.89 7.24 17.55
C TYR F 194 -18.14 8.38 18.52
N ALA F 195 -17.06 9.02 18.98
CA ALA F 195 -17.17 10.19 19.83
C ALA F 195 -17.90 11.29 19.08
N ASN F 196 -17.64 11.38 17.78
CA ASN F 196 -18.30 12.36 16.91
C ASN F 196 -19.79 12.08 16.79
N LEU F 197 -20.16 10.80 16.68
CA LEU F 197 -21.55 10.41 16.62
C LEU F 197 -22.29 10.80 17.89
N ILE F 198 -21.64 10.58 19.03
CA ILE F 198 -22.21 10.90 20.32
C ILE F 198 -22.43 12.41 20.46
N GLN F 199 -21.46 13.19 20.03
CA GLN F 199 -21.55 14.65 20.14
C GLN F 199 -22.63 15.22 19.24
N SER F 200 -22.72 14.72 18.01
CA SER F 200 -23.76 15.17 17.09
C SER F 200 -25.15 14.81 17.60
N PHE F 201 -25.25 13.62 18.18
CA PHE F 201 -26.52 13.14 18.73
C PHE F 201 -26.94 13.98 19.94
N GLY F 202 -25.95 14.53 20.64
CA GLY F 202 -26.20 15.30 21.84
C GLY F 202 -26.70 16.71 21.59
N THR F 203 -26.51 17.21 20.38
CA THR F 203 -26.91 18.57 20.04
C THR F 203 -28.38 18.66 19.63
N SER G 2 -6.01 -33.00 22.35
CA SER G 2 -5.58 -31.71 22.86
C SER G 2 -4.46 -31.14 22.01
N PHE G 3 -3.92 -30.00 22.44
CA PHE G 3 -2.85 -29.34 21.69
C PHE G 3 -1.53 -29.47 22.42
N THR G 4 -0.48 -29.68 21.66
CA THR G 4 0.86 -29.78 22.21
C THR G 4 1.74 -28.67 21.65
N TYR G 5 2.30 -27.86 22.55
CA TYR G 5 3.20 -26.79 22.17
C TYR G 5 4.54 -27.39 21.75
N LYS G 6 4.68 -27.70 20.47
CA LYS G 6 5.92 -28.24 19.94
C LYS G 6 6.87 -27.09 19.63
N ARG G 7 7.65 -26.67 20.62
CA ARG G 7 8.54 -25.55 20.44
C ARG G 7 9.98 -25.99 20.15
N LEU G 8 10.75 -25.10 19.56
CA LEU G 8 12.14 -25.38 19.20
C LEU G 8 13.01 -25.67 20.41
N ASP G 9 13.79 -26.75 20.30
CA ASP G 9 14.77 -27.11 21.31
C ASP G 9 16.14 -27.11 20.65
N LYS G 10 17.12 -26.43 21.26
CA LYS G 10 18.43 -26.29 20.64
C LYS G 10 19.18 -27.62 20.55
N ASN G 11 18.65 -28.65 21.22
CA ASN G 11 19.24 -29.97 21.18
C ASN G 11 18.54 -30.91 20.21
N ASP G 12 17.45 -30.43 19.61
CA ASP G 12 16.66 -31.27 18.72
C ASP G 12 16.41 -30.59 17.37
N ALA G 13 17.17 -29.54 17.08
CA ALA G 13 16.91 -28.75 15.88
C ALA G 13 18.09 -28.66 14.92
N ALA G 14 17.78 -28.67 13.63
CA ALA G 14 18.76 -28.44 12.58
C ALA G 14 18.26 -27.35 11.66
N VAL G 15 19.18 -26.60 11.05
CA VAL G 15 18.80 -25.50 10.18
C VAL G 15 19.13 -25.80 8.72
N LEU G 16 18.19 -25.53 7.83
CA LEU G 16 18.40 -25.78 6.41
C LEU G 16 18.37 -24.48 5.61
N PHE G 17 19.50 -24.13 5.00
CA PHE G 17 19.58 -23.00 4.09
C PHE G 17 19.49 -23.49 2.65
N VAL G 18 18.37 -23.21 2.00
CA VAL G 18 18.13 -23.78 0.67
C VAL G 18 18.17 -22.75 -0.45
N ASP G 19 19.25 -22.81 -1.24
CA ASP G 19 19.37 -22.05 -2.47
C ASP G 19 19.37 -20.52 -2.32
N HIS G 20 20.04 -20.01 -1.29
CA HIS G 20 20.28 -18.58 -1.19
C HIS G 20 21.43 -18.20 -2.12
N GLN G 21 21.16 -18.22 -3.42
CA GLN G 21 22.21 -18.03 -4.42
C GLN G 21 22.13 -16.65 -5.08
N ALA G 22 23.28 -16.17 -5.55
CA ALA G 22 23.43 -14.81 -6.08
C ALA G 22 22.42 -14.50 -7.20
N GLY G 23 22.20 -15.45 -8.09
CA GLY G 23 21.27 -15.27 -9.18
C GLY G 23 19.82 -15.27 -8.73
N LEU G 24 19.45 -16.32 -8.00
CA LEU G 24 18.06 -16.51 -7.56
C LEU G 24 17.55 -15.37 -6.69
N LEU G 25 18.45 -14.68 -6.00
CA LEU G 25 18.06 -13.62 -5.09
C LEU G 25 17.45 -12.43 -5.81
N SER G 26 17.74 -12.29 -7.10
CA SER G 26 17.17 -11.19 -7.88
C SER G 26 15.70 -11.46 -8.20
N LEU G 27 15.26 -12.68 -7.92
CA LEU G 27 13.85 -13.03 -8.10
C LEU G 27 13.03 -12.62 -6.89
N VAL G 28 13.68 -12.48 -5.75
CA VAL G 28 13.00 -12.12 -4.50
C VAL G 28 12.57 -10.66 -4.53
N ARG G 29 11.25 -10.43 -4.53
CA ARG G 29 10.72 -9.08 -4.57
C ARG G 29 9.69 -8.82 -3.47
N ASP G 30 9.41 -9.83 -2.65
CA ASP G 30 8.45 -9.66 -1.57
C ASP G 30 9.14 -9.17 -0.29
N PHE G 31 10.46 -9.03 -0.37
CA PHE G 31 11.25 -8.37 0.66
C PHE G 31 12.23 -7.41 0.00
N SER G 32 12.56 -6.32 0.68
CA SER G 32 13.60 -5.42 0.19
C SER G 32 14.94 -6.12 0.34
N PRO G 33 15.89 -5.84 -0.58
CA PRO G 33 17.21 -6.47 -0.53
C PRO G 33 17.92 -6.27 0.80
N ASP G 34 17.74 -5.10 1.42
CA ASP G 34 18.40 -4.80 2.68
C ASP G 34 17.83 -5.64 3.82
N GLU G 35 16.50 -5.71 3.90
CA GLU G 35 15.85 -6.49 4.94
C GLU G 35 16.10 -7.97 4.78
N PHE G 36 16.07 -8.46 3.55
CA PHE G 36 16.23 -9.88 3.29
C PHE G 36 17.65 -10.33 3.61
N LYS G 37 18.63 -9.51 3.26
CA LYS G 37 20.02 -9.82 3.59
C LYS G 37 20.21 -9.89 5.09
N ASN G 38 19.66 -8.92 5.80
CA ASN G 38 19.76 -8.86 7.25
C ASN G 38 19.07 -10.04 7.92
N ASN G 39 17.90 -10.42 7.41
CA ASN G 39 17.13 -11.52 7.98
C ASN G 39 17.81 -12.88 7.81
N VAL G 40 18.37 -13.12 6.63
CA VAL G 40 19.07 -14.38 6.37
C VAL G 40 20.32 -14.48 7.24
N LEU G 41 21.07 -13.38 7.31
CA LEU G 41 22.28 -13.33 8.11
C LEU G 41 21.95 -13.44 9.61
N ALA G 42 20.77 -12.94 9.99
CA ALA G 42 20.33 -13.04 11.38
C ALA G 42 20.08 -14.49 11.76
N LEU G 43 19.40 -15.22 10.86
CA LEU G 43 19.13 -16.63 11.06
C LEU G 43 20.43 -17.43 11.13
N ALA G 44 21.41 -17.02 10.33
CA ALA G 44 22.71 -17.69 10.30
C ALA G 44 23.45 -17.49 11.62
N ASP G 45 23.46 -16.26 12.14
CA ASP G 45 24.07 -15.97 13.43
C ASP G 45 23.42 -16.79 14.54
N ILE G 46 22.11 -16.95 14.47
CA ILE G 46 21.35 -17.72 15.44
C ILE G 46 21.70 -19.20 15.39
N ALA G 47 21.79 -19.75 14.19
CA ALA G 47 22.14 -21.15 14.01
C ALA G 47 23.52 -21.45 14.58
N ARG G 48 24.46 -20.53 14.36
CA ARG G 48 25.83 -20.66 14.85
C ARG G 48 25.90 -20.46 16.37
N PHE G 49 25.09 -19.53 16.87
CA PHE G 49 25.09 -19.20 18.29
C PHE G 49 24.62 -20.38 19.14
N PHE G 50 23.65 -21.14 18.63
CA PHE G 50 23.12 -22.29 19.35
C PHE G 50 23.75 -23.60 18.90
N ASN G 51 24.79 -23.49 18.08
CA ASN G 51 25.54 -24.65 17.60
C ASN G 51 24.66 -25.71 16.95
N LEU G 52 23.68 -25.26 16.17
CA LEU G 52 22.75 -26.16 15.49
C LEU G 52 23.40 -26.79 14.27
N PRO G 53 23.15 -28.09 14.06
CA PRO G 53 23.58 -28.72 12.81
C PRO G 53 23.03 -27.99 11.60
N THR G 54 23.90 -27.48 10.74
CA THR G 54 23.48 -26.65 9.62
C THR G 54 23.78 -27.33 8.30
N ILE G 55 22.83 -27.25 7.37
CA ILE G 55 23.01 -27.83 6.05
C ILE G 55 22.81 -26.79 4.95
N LEU G 56 23.81 -26.66 4.09
CA LEU G 56 23.73 -25.75 2.96
C LEU G 56 23.49 -26.53 1.68
N THR G 57 22.57 -26.04 0.84
CA THR G 57 22.31 -26.68 -0.43
C THR G 57 21.99 -25.66 -1.51
N THR G 58 22.40 -25.95 -2.73
CA THR G 58 22.16 -25.07 -3.87
C THR G 58 21.57 -25.83 -5.05
N SER G 59 20.97 -25.10 -5.98
CA SER G 59 20.36 -25.70 -7.15
C SER G 59 21.00 -25.17 -8.43
N PHE G 60 21.70 -26.05 -9.15
CA PHE G 60 22.30 -25.72 -10.44
C PHE G 60 23.20 -24.48 -10.32
N GLU G 61 24.10 -24.52 -9.35
CA GLU G 61 24.90 -23.34 -9.00
C GLU G 61 25.93 -22.96 -10.07
N ASP G 62 26.25 -23.88 -10.97
CA ASP G 62 27.21 -23.58 -12.03
C ASP G 62 26.51 -23.04 -13.26
N GLY G 63 25.30 -22.51 -13.07
CA GLY G 63 24.54 -21.88 -14.13
C GLY G 63 24.07 -20.51 -13.71
N PRO G 64 23.02 -20.00 -14.38
CA PRO G 64 22.42 -18.69 -14.10
C PRO G 64 21.98 -18.51 -12.64
N ASN G 65 21.62 -19.59 -11.97
CA ASN G 65 21.20 -19.54 -10.58
C ASN G 65 22.29 -18.96 -9.68
N GLY G 66 23.53 -19.15 -10.08
CA GLY G 66 24.66 -18.53 -9.41
C GLY G 66 25.09 -19.25 -8.15
N PRO G 67 26.22 -18.82 -7.57
CA PRO G 67 26.79 -19.45 -6.38
C PRO G 67 26.06 -19.06 -5.11
N LEU G 68 26.20 -19.87 -4.06
CA LEU G 68 25.67 -19.53 -2.75
C LEU G 68 26.36 -18.25 -2.28
N VAL G 69 25.62 -17.40 -1.58
CA VAL G 69 26.18 -16.16 -1.05
C VAL G 69 27.36 -16.48 -0.14
N PRO G 70 28.45 -15.69 -0.26
CA PRO G 70 29.72 -16.00 0.39
C PRO G 70 29.64 -16.05 1.90
N GLU G 71 28.69 -15.32 2.48
CA GLU G 71 28.54 -15.27 3.94
C GLU G 71 28.21 -16.66 4.50
N LEU G 72 27.31 -17.38 3.84
CA LEU G 72 26.90 -18.69 4.32
C LEU G 72 28.04 -19.70 4.29
N LYS G 73 28.83 -19.69 3.23
CA LYS G 73 29.98 -20.60 3.14
C LYS G 73 31.06 -20.22 4.15
N GLU G 74 31.22 -18.93 4.41
CA GLU G 74 32.24 -18.46 5.33
C GLU G 74 31.88 -18.78 6.77
N MSE G 75 30.60 -18.69 7.10
CA MSE G 75 30.15 -18.89 8.48
C MSE G 75 30.01 -20.37 8.83
O MSE G 75 30.17 -20.75 10.00
CB MSE G 75 28.80 -18.20 8.70
CG MSE G 75 28.87 -16.68 8.61
SE MSE G 75 27.12 -15.88 8.87
CE MSE G 75 26.75 -16.57 10.64
N PHE G 76 29.72 -21.20 7.84
CA PHE G 76 29.58 -22.63 8.07
C PHE G 76 30.51 -23.43 7.15
N PRO G 77 31.83 -23.35 7.40
CA PRO G 77 32.80 -24.00 6.52
C PRO G 77 32.83 -25.53 6.68
N GLN G 78 32.31 -26.03 7.79
CA GLN G 78 32.33 -27.48 8.03
C GLN G 78 30.96 -28.10 7.83
N ALA G 79 29.97 -27.26 7.53
CA ALA G 79 28.61 -27.74 7.32
C ALA G 79 28.52 -28.54 6.03
N PRO G 80 27.64 -29.57 6.01
CA PRO G 80 27.36 -30.32 4.78
C PRO G 80 26.90 -29.40 3.65
N TYR G 81 27.58 -29.48 2.51
CA TYR G 81 27.27 -28.64 1.37
C TYR G 81 26.83 -29.51 0.20
N ILE G 82 25.53 -29.48 -0.10
CA ILE G 82 24.99 -30.31 -1.16
C ILE G 82 24.62 -29.48 -2.38
N ALA G 83 25.45 -29.54 -3.41
CA ALA G 83 25.14 -28.90 -4.67
C ALA G 83 24.27 -29.84 -5.48
N ARG G 84 23.01 -29.44 -5.70
CA ARG G 84 22.05 -30.28 -6.42
C ARG G 84 22.09 -29.97 -7.91
N PRO G 85 22.54 -30.94 -8.70
CA PRO G 85 22.71 -30.82 -10.15
C PRO G 85 21.40 -30.70 -10.93
N GLY G 86 20.33 -31.27 -10.39
CA GLY G 86 19.08 -31.32 -11.13
C GLY G 86 17.82 -31.19 -10.30
N ASN G 87 17.74 -31.94 -9.21
CA ASN G 87 16.54 -31.99 -8.40
C ASN G 87 16.16 -30.63 -7.80
N ILE G 88 14.97 -30.15 -8.16
CA ILE G 88 14.48 -28.88 -7.68
C ILE G 88 14.05 -29.00 -6.22
N ASN G 89 13.27 -30.03 -5.92
CA ASN G 89 12.96 -30.39 -4.54
C ASN G 89 14.20 -31.02 -3.90
N ALA G 90 14.74 -30.37 -2.88
CA ALA G 90 15.95 -30.84 -2.23
C ALA G 90 15.79 -32.21 -1.60
N TRP G 91 14.54 -32.57 -1.29
CA TRP G 91 14.26 -33.86 -0.66
C TRP G 91 14.34 -34.99 -1.68
N ASP G 92 14.35 -34.65 -2.96
CA ASP G 92 14.52 -35.64 -4.01
C ASP G 92 15.99 -35.96 -4.21
N ASN G 93 16.85 -35.17 -3.56
CA ASN G 93 18.28 -35.42 -3.57
C ASN G 93 18.65 -36.30 -2.38
N GLU G 94 19.17 -37.50 -2.67
CA GLU G 94 19.47 -38.46 -1.61
C GLU G 94 20.60 -38.01 -0.69
N ASP G 95 21.58 -37.28 -1.23
CA ASP G 95 22.69 -36.79 -0.41
C ASP G 95 22.20 -35.76 0.59
N PHE G 96 21.22 -34.96 0.18
CA PHE G 96 20.62 -33.96 1.07
C PHE G 96 19.85 -34.61 2.21
N VAL G 97 18.96 -35.54 1.86
CA VAL G 97 18.16 -36.25 2.84
C VAL G 97 19.06 -37.05 3.78
N LYS G 98 20.13 -37.62 3.21
CA LYS G 98 21.11 -38.38 3.97
C LYS G 98 21.75 -37.48 5.03
N ALA G 99 22.06 -36.25 4.64
CA ALA G 99 22.67 -35.29 5.55
C ALA G 99 21.70 -34.84 6.63
N VAL G 100 20.44 -34.67 6.27
CA VAL G 100 19.41 -34.25 7.22
C VAL G 100 19.21 -35.28 8.32
N LYS G 101 19.12 -36.55 7.92
CA LYS G 101 18.88 -37.63 8.87
C LYS G 101 20.13 -37.96 9.67
N ALA G 102 21.30 -37.57 9.16
CA ALA G 102 22.56 -37.81 9.86
C ALA G 102 22.69 -36.89 11.06
N THR G 103 21.98 -35.77 11.05
CA THR G 103 21.98 -34.84 12.17
C THR G 103 21.24 -35.45 13.36
N GLY G 104 20.27 -36.31 13.07
CA GLY G 104 19.50 -36.95 14.11
C GLY G 104 18.49 -36.01 14.75
N LYS G 105 18.22 -34.90 14.10
CA LYS G 105 17.31 -33.90 14.64
C LYS G 105 15.92 -34.05 14.04
N LYS G 106 14.89 -33.98 14.87
CA LYS G 106 13.52 -34.13 14.38
C LYS G 106 12.94 -32.79 13.95
N GLN G 107 13.49 -31.70 14.50
CA GLN G 107 13.00 -30.36 14.20
C GLN G 107 13.84 -29.72 13.10
N LEU G 108 13.18 -29.32 12.02
CA LEU G 108 13.85 -28.70 10.89
C LEU G 108 13.51 -27.23 10.74
N ILE G 109 14.49 -26.37 10.96
CA ILE G 109 14.33 -24.94 10.72
C ILE G 109 14.76 -24.63 9.30
N ILE G 110 13.82 -24.19 8.45
CA ILE G 110 14.12 -24.05 7.03
C ILE G 110 13.87 -22.64 6.49
N ALA G 111 14.78 -22.19 5.64
CA ALA G 111 14.65 -20.92 4.93
C ALA G 111 15.29 -21.05 3.55
N GLY G 112 14.82 -20.26 2.59
CA GLY G 112 15.39 -20.32 1.26
C GLY G 112 14.70 -19.54 0.16
N VAL G 113 15.15 -19.79 -1.07
CA VAL G 113 14.68 -19.07 -2.25
C VAL G 113 14.48 -20.05 -3.40
N VAL G 114 13.28 -20.08 -4.00
CA VAL G 114 12.16 -19.22 -3.62
C VAL G 114 11.23 -19.96 -2.66
N THR G 115 10.38 -19.21 -1.97
CA THR G 115 9.51 -19.77 -0.94
C THR G 115 8.55 -20.84 -1.47
N ASP G 116 7.92 -20.56 -2.59
CA ASP G 116 6.88 -21.44 -3.13
C ASP G 116 7.41 -22.74 -3.71
N VAL G 117 8.73 -22.84 -3.89
CA VAL G 117 9.31 -24.03 -4.51
C VAL G 117 10.43 -24.65 -3.67
N CYS G 118 11.56 -23.96 -3.57
CA CYS G 118 12.75 -24.52 -2.95
C CYS G 118 12.59 -24.61 -1.43
N VAL G 119 11.59 -23.92 -0.90
CA VAL G 119 11.27 -24.03 0.52
C VAL G 119 10.06 -24.93 0.72
N ALA G 120 9.00 -24.66 -0.04
CA ALA G 120 7.73 -25.36 0.11
C ALA G 120 7.85 -26.86 -0.13
N PHE G 121 8.52 -27.23 -1.23
CA PHE G 121 8.58 -28.63 -1.63
C PHE G 121 9.30 -29.52 -0.61
N PRO G 122 10.52 -29.15 -0.17
CA PRO G 122 11.13 -30.03 0.84
C PRO G 122 10.44 -29.94 2.19
N THR G 123 9.76 -28.83 2.46
CA THR G 123 8.98 -28.69 3.68
C THR G 123 7.85 -29.70 3.70
N LEU G 124 7.11 -29.79 2.60
CA LEU G 124 6.00 -30.73 2.49
C LEU G 124 6.50 -32.16 2.52
N SER G 125 7.65 -32.41 1.90
CA SER G 125 8.26 -33.73 1.88
C SER G 125 8.71 -34.16 3.28
N ALA G 126 9.30 -33.22 4.02
CA ALA G 126 9.78 -33.50 5.37
C ALA G 126 8.63 -33.73 6.32
N LEU G 127 7.55 -32.98 6.14
CA LEU G 127 6.35 -33.15 6.94
C LEU G 127 5.72 -34.52 6.72
N GLU G 128 5.83 -35.02 5.49
CA GLU G 128 5.31 -36.33 5.14
C GLU G 128 6.07 -37.43 5.89
N GLU G 129 7.36 -37.20 6.13
CA GLU G 129 8.19 -38.17 6.81
C GLU G 129 8.17 -38.00 8.33
N GLY G 130 7.33 -37.10 8.82
CA GLY G 130 7.13 -36.96 10.25
C GLY G 130 8.02 -35.94 10.95
N PHE G 131 8.75 -35.14 10.18
CA PHE G 131 9.57 -34.10 10.77
C PHE G 131 8.70 -32.93 11.23
N ASP G 132 9.13 -32.25 12.29
CA ASP G 132 8.52 -31.00 12.68
C ASP G 132 9.25 -29.87 11.96
N VAL G 133 8.54 -29.20 11.06
CA VAL G 133 9.18 -28.20 10.22
C VAL G 133 8.83 -26.78 10.64
N PHE G 134 9.85 -25.98 10.88
CA PHE G 134 9.69 -24.60 11.28
C PHE G 134 10.19 -23.69 10.17
N VAL G 135 9.27 -22.96 9.54
CA VAL G 135 9.61 -22.13 8.40
C VAL G 135 9.95 -20.71 8.82
N VAL G 136 11.15 -20.25 8.47
CA VAL G 136 11.55 -18.88 8.74
C VAL G 136 11.05 -18.00 7.60
N THR G 137 9.85 -17.45 7.79
CA THR G 137 9.13 -16.78 6.71
C THR G 137 9.80 -15.50 6.22
N ASP G 138 10.52 -14.81 7.09
CA ASP G 138 11.16 -13.56 6.68
C ASP G 138 12.60 -13.77 6.22
N ALA G 139 13.06 -15.02 6.25
CA ALA G 139 14.35 -15.37 5.66
C ALA G 139 14.13 -16.17 4.40
N SER G 140 12.87 -16.27 3.99
CA SER G 140 12.51 -16.91 2.74
C SER G 140 11.84 -15.88 1.82
N GLY G 141 12.30 -15.83 0.57
CA GLY G 141 11.80 -14.83 -0.35
C GLY G 141 11.21 -15.44 -1.61
N THR G 142 10.35 -14.68 -2.27
CA THR G 142 9.75 -15.12 -3.52
C THR G 142 9.34 -13.92 -4.38
N PHE G 143 8.62 -14.18 -5.47
CA PHE G 143 8.35 -13.18 -6.48
C PHE G 143 7.51 -12.00 -5.99
N ASN G 144 6.53 -12.26 -5.13
CA ASN G 144 5.60 -11.24 -4.68
C ASN G 144 4.78 -11.74 -3.48
N PRO G 145 4.13 -10.81 -2.75
CA PRO G 145 3.31 -11.20 -1.60
C PRO G 145 2.23 -12.25 -1.92
N VAL G 146 1.65 -12.19 -3.11
CA VAL G 146 0.59 -13.13 -3.48
C VAL G 146 1.12 -14.56 -3.54
N VAL G 147 2.25 -14.73 -4.20
CA VAL G 147 2.91 -16.04 -4.29
C VAL G 147 3.31 -16.50 -2.89
N ARG G 148 3.72 -15.55 -2.05
CA ARG G 148 4.09 -15.86 -0.67
C ARG G 148 2.92 -16.46 0.11
N ASP G 149 1.78 -15.78 0.04
CA ASP G 149 0.60 -16.17 0.79
C ASP G 149 0.07 -17.54 0.37
N ALA G 150 0.18 -17.85 -0.92
CA ALA G 150 -0.23 -19.16 -1.42
C ALA G 150 0.67 -20.25 -0.87
N ALA G 151 1.97 -19.96 -0.80
CA ALA G 151 2.94 -20.91 -0.27
C ALA G 151 2.70 -21.15 1.21
N TRP G 152 2.39 -20.08 1.94
CA TRP G 152 2.05 -20.19 3.36
C TRP G 152 0.85 -21.10 3.56
N ALA G 153 -0.19 -20.87 2.75
CA ALA G 153 -1.42 -21.64 2.84
C ALA G 153 -1.18 -23.13 2.62
N ARG G 154 -0.33 -23.45 1.65
CA ARG G 154 -0.06 -24.85 1.33
C ARG G 154 0.76 -25.52 2.42
N MSE G 155 1.70 -24.78 3.00
CA MSE G 155 2.55 -25.32 4.07
C MSE G 155 1.79 -25.40 5.40
O MSE G 155 2.00 -26.33 6.17
CB MSE G 155 3.82 -24.48 4.22
CG MSE G 155 4.76 -24.58 3.03
SE MSE G 155 6.40 -23.56 3.27
CE MSE G 155 5.64 -21.77 3.36
N THR G 156 0.93 -24.42 5.64
CA THR G 156 0.10 -24.41 6.84
C THR G 156 -0.83 -25.62 6.85
N ALA G 157 -1.44 -25.90 5.70
CA ALA G 157 -2.38 -27.01 5.58
C ALA G 157 -1.69 -28.36 5.82
N ALA G 158 -0.37 -28.38 5.66
CA ALA G 158 0.40 -29.61 5.85
C ALA G 158 0.89 -29.77 7.28
N GLY G 159 0.77 -28.71 8.07
CA GLY G 159 1.16 -28.78 9.47
C GLY G 159 2.49 -28.10 9.79
N ALA G 160 3.00 -27.33 8.83
CA ALA G 160 4.24 -26.58 9.05
C ALA G 160 3.99 -25.42 10.00
N GLN G 161 4.99 -25.11 10.84
CA GLN G 161 4.89 -23.97 11.74
C GLN G 161 5.58 -22.76 11.13
N LEU G 162 4.81 -21.70 10.89
CA LEU G 162 5.35 -20.48 10.32
C LEU G 162 5.94 -19.57 11.39
N MSE G 163 7.21 -19.24 11.25
CA MSE G 163 7.88 -18.36 12.21
C MSE G 163 8.77 -17.33 11.51
O MSE G 163 8.65 -17.09 10.32
CB MSE G 163 8.70 -19.18 13.21
CG MSE G 163 7.87 -20.10 14.09
SE MSE G 163 8.93 -21.13 15.36
CE MSE G 163 9.50 -19.71 16.56
N ASN G 164 9.66 -16.73 12.29
CA ASN G 164 10.60 -15.73 11.78
C ASN G 164 11.89 -15.83 12.58
N TRP G 165 12.96 -15.20 12.10
CA TRP G 165 14.27 -15.41 12.73
C TRP G 165 14.28 -14.96 14.18
N PHE G 166 13.56 -13.88 14.50
CA PHE G 166 13.54 -13.39 15.88
C PHE G 166 12.84 -14.35 16.83
N SER G 167 11.69 -14.87 16.41
CA SER G 167 10.93 -15.82 17.23
C SER G 167 11.66 -17.15 17.32
N VAL G 168 12.34 -17.53 16.24
CA VAL G 168 13.15 -18.73 16.23
C VAL G 168 14.26 -18.65 17.27
N GLY G 169 14.95 -17.51 17.28
CA GLY G 169 16.02 -17.28 18.24
C GLY G 169 15.54 -17.29 19.69
N CYS G 170 14.41 -16.64 19.93
CA CYS G 170 13.87 -16.53 21.28
C CYS G 170 13.36 -17.87 21.81
N GLU G 171 12.80 -18.68 20.91
CA GLU G 171 12.27 -19.98 21.29
C GLU G 171 13.43 -20.94 21.57
N LEU G 172 14.54 -20.73 20.88
CA LEU G 172 15.75 -21.52 21.11
C LEU G 172 16.45 -21.11 22.41
N HIS G 173 16.45 -19.80 22.67
CA HIS G 173 17.20 -19.24 23.79
C HIS G 173 16.50 -19.46 25.13
N ARG G 174 15.17 -19.41 25.13
CA ARG G 174 14.34 -19.64 26.31
C ARG G 174 14.54 -18.60 27.41
N ASP G 175 15.79 -18.44 27.86
CA ASP G 175 16.09 -17.58 29.00
C ASP G 175 17.23 -16.62 28.67
N TRP G 176 17.00 -15.33 28.93
CA TRP G 176 18.01 -14.30 28.72
C TRP G 176 19.31 -14.61 29.46
N ARG G 177 19.18 -15.13 30.68
CA ARG G 177 20.33 -15.32 31.57
C ARG G 177 21.27 -16.43 31.12
N ASN G 178 20.86 -17.20 30.11
CA ASN G 178 21.74 -18.21 29.54
C ASN G 178 22.96 -17.58 28.88
N ASP G 179 22.75 -16.42 28.26
CA ASP G 179 23.83 -15.64 27.68
C ASP G 179 23.31 -14.25 27.31
N ILE G 180 23.38 -13.33 28.25
CA ILE G 180 22.85 -11.98 28.04
C ILE G 180 23.64 -11.23 26.96
N GLU G 181 24.96 -11.18 27.12
CA GLU G 181 25.81 -10.44 26.20
C GLU G 181 25.78 -11.04 24.79
N GLY G 182 25.88 -12.36 24.72
CA GLY G 182 25.93 -13.06 23.45
C GLY G 182 24.66 -12.94 22.63
N PHE G 183 23.52 -13.14 23.30
CA PHE G 183 22.23 -13.08 22.63
C PHE G 183 21.85 -11.64 22.29
N GLY G 184 22.18 -10.72 23.19
CA GLY G 184 21.91 -9.31 22.99
C GLY G 184 22.67 -8.76 21.80
N ALA G 185 23.86 -9.31 21.56
CA ALA G 185 24.70 -8.88 20.45
C ALA G 185 24.06 -9.26 19.11
N ILE G 186 23.38 -10.41 19.09
CA ILE G 186 22.67 -10.85 17.90
C ILE G 186 21.50 -9.90 17.59
N LEU G 187 20.73 -9.59 18.63
CA LEU G 187 19.57 -8.70 18.48
C LEU G 187 19.99 -7.31 18.04
N GLY G 188 21.02 -6.77 18.68
CA GLY G 188 21.52 -5.45 18.33
C GLY G 188 22.11 -5.41 16.94
N GLY G 189 22.68 -6.53 16.51
CA GLY G 189 23.34 -6.60 15.21
C GLY G 189 22.38 -6.78 14.05
N HIS G 190 21.12 -7.11 14.34
CA HIS G 190 20.15 -7.36 13.30
C HIS G 190 18.82 -6.65 13.53
N LEU G 191 18.73 -5.92 14.64
CA LEU G 191 17.62 -5.02 14.89
C LEU G 191 18.16 -3.64 15.24
N PRO G 192 18.31 -2.78 14.23
CA PRO G 192 18.87 -1.43 14.40
C PRO G 192 18.16 -0.64 15.49
N ALA G 193 16.87 -0.87 15.66
CA ALA G 193 16.11 -0.21 16.72
C ALA G 193 16.54 -0.73 18.09
N TYR G 194 16.90 -2.01 18.15
CA TYR G 194 17.32 -2.60 19.42
C TYR G 194 18.76 -2.17 19.72
N ALA G 195 19.55 -1.99 18.68
CA ALA G 195 20.90 -1.46 18.84
C ALA G 195 20.84 -0.06 19.44
N ASN G 196 19.83 0.70 19.04
CA ASN G 196 19.62 2.05 19.57
C ASN G 196 19.23 2.03 21.04
N LEU G 197 18.40 1.07 21.43
CA LEU G 197 18.03 0.91 22.83
C LEU G 197 19.25 0.60 23.68
N ILE G 198 20.12 -0.26 23.16
CA ILE G 198 21.34 -0.65 23.86
C ILE G 198 22.29 0.52 24.06
N GLN G 199 22.48 1.33 23.01
CA GLN G 199 23.39 2.47 23.11
C GLN G 199 22.89 3.52 24.08
N SER G 200 21.60 3.82 24.03
CA SER G 200 21.00 4.78 24.95
C SER G 200 21.10 4.29 26.39
N PHE G 201 20.87 2.99 26.59
CA PHE G 201 20.95 2.39 27.92
C PHE G 201 22.39 2.41 28.43
N GLY G 202 23.34 2.37 27.52
CA GLY G 202 24.75 2.31 27.89
C GLY G 202 25.30 3.64 28.35
N THR G 203 24.62 4.73 28.00
CA THR G 203 25.07 6.06 28.38
C THR G 203 24.57 6.43 29.78
N SER H 2 -1.86 -38.01 9.75
CA SER H 2 -0.59 -37.85 9.02
C SER H 2 -0.82 -37.10 7.71
N PHE H 3 0.23 -36.42 7.24
CA PHE H 3 0.12 -35.64 6.02
C PHE H 3 0.79 -36.35 4.86
N THR H 4 0.16 -36.26 3.70
CA THR H 4 0.67 -36.85 2.48
C THR H 4 0.96 -35.77 1.45
N TYR H 5 2.21 -35.70 1.00
CA TYR H 5 2.59 -34.73 -0.01
C TYR H 5 2.06 -35.18 -1.37
N LYS H 6 0.84 -34.76 -1.68
CA LYS H 6 0.25 -35.06 -2.98
C LYS H 6 0.69 -34.01 -4.01
N ARG H 7 1.83 -34.27 -4.65
CA ARG H 7 2.40 -33.31 -5.60
C ARG H 7 2.05 -33.64 -7.04
N LEU H 8 2.16 -32.63 -7.90
CA LEU H 8 1.83 -32.75 -9.31
C LEU H 8 2.68 -33.77 -10.04
N ASP H 9 2.03 -34.62 -10.84
CA ASP H 9 2.70 -35.60 -11.68
C ASP H 9 2.35 -35.31 -13.13
N LYS H 10 3.37 -35.22 -13.99
CA LYS H 10 3.16 -34.83 -15.38
C LYS H 10 2.41 -35.90 -16.19
N ASN H 11 2.24 -37.09 -15.62
CA ASN H 11 1.49 -38.15 -16.30
C ASN H 11 0.06 -38.26 -15.77
N ASP H 12 -0.28 -37.51 -14.72
CA ASP H 12 -1.60 -37.61 -14.11
C ASP H 12 -2.29 -36.26 -13.94
N ALA H 13 -1.83 -35.25 -14.65
CA ALA H 13 -2.40 -33.93 -14.45
C ALA H 13 -3.01 -33.38 -15.72
N ALA H 14 -4.12 -32.67 -15.55
CA ALA H 14 -4.75 -31.97 -16.66
C ALA H 14 -4.95 -30.51 -16.29
N VAL H 15 -4.95 -29.65 -17.29
CA VAL H 15 -5.06 -28.22 -17.06
C VAL H 15 -6.40 -27.67 -17.54
N LEU H 16 -7.02 -26.85 -16.70
CA LEU H 16 -8.31 -26.26 -17.04
C LEU H 16 -8.19 -24.74 -17.13
N PHE H 17 -8.39 -24.20 -18.33
CA PHE H 17 -8.46 -22.76 -18.53
C PHE H 17 -9.92 -22.34 -18.59
N VAL H 18 -10.39 -21.66 -17.55
CA VAL H 18 -11.81 -21.36 -17.43
C VAL H 18 -12.12 -19.87 -17.59
N ASP H 19 -12.70 -19.52 -18.73
CA ASP H 19 -13.25 -18.19 -18.98
C ASP H 19 -12.22 -17.05 -18.97
N HIS H 20 -11.06 -17.30 -19.56
CA HIS H 20 -10.12 -16.20 -19.82
C HIS H 20 -10.58 -15.44 -21.06
N GLN H 21 -11.67 -14.70 -20.93
CA GLN H 21 -12.29 -14.05 -22.08
C GLN H 21 -12.04 -12.54 -22.10
N ALA H 22 -12.05 -11.97 -23.29
CA ALA H 22 -11.68 -10.56 -23.51
C ALA H 22 -12.48 -9.59 -22.64
N GLY H 23 -13.77 -9.84 -22.52
CA GLY H 23 -14.63 -8.99 -21.71
C GLY H 23 -14.39 -9.13 -20.22
N LEU H 24 -14.44 -10.38 -19.75
CA LEU H 24 -14.30 -10.68 -18.33
C LEU H 24 -12.98 -10.24 -17.73
N LEU H 25 -11.95 -10.16 -18.57
CA LEU H 25 -10.61 -9.79 -18.10
C LEU H 25 -10.55 -8.35 -17.59
N SER H 26 -11.48 -7.52 -18.03
CA SER H 26 -11.53 -6.13 -17.58
C SER H 26 -12.06 -6.04 -16.15
N LEU H 27 -12.57 -7.15 -15.64
CA LEU H 27 -13.04 -7.22 -14.26
C LEU H 27 -11.88 -7.49 -13.30
N VAL H 28 -10.81 -8.08 -13.83
CA VAL H 28 -9.64 -8.43 -13.02
C VAL H 28 -8.84 -7.20 -12.62
N ARG H 29 -8.81 -6.90 -11.33
CA ARG H 29 -8.08 -5.74 -10.83
C ARG H 29 -7.11 -6.08 -9.70
N ASP H 30 -7.05 -7.35 -9.31
CA ASP H 30 -6.15 -7.77 -8.24
C ASP H 30 -4.78 -8.16 -8.80
N PHE H 31 -4.66 -8.12 -10.12
CA PHE H 31 -3.36 -8.23 -10.78
C PHE H 31 -3.26 -7.16 -11.86
N SER H 32 -2.05 -6.69 -12.13
CA SER H 32 -1.86 -5.75 -13.23
C SER H 32 -2.02 -6.49 -14.55
N PRO H 33 -2.52 -5.80 -15.59
CA PRO H 33 -2.74 -6.42 -16.91
C PRO H 33 -1.48 -7.05 -17.48
N ASP H 34 -0.33 -6.44 -17.25
CA ASP H 34 0.93 -6.97 -17.78
C ASP H 34 1.33 -8.27 -17.06
N GLU H 35 1.25 -8.26 -15.73
CA GLU H 35 1.60 -9.44 -14.95
C GLU H 35 0.64 -10.59 -15.18
N PHE H 36 -0.66 -10.28 -15.26
CA PHE H 36 -1.67 -11.31 -15.41
C PHE H 36 -1.59 -12.00 -16.77
N LYS H 37 -1.33 -11.22 -17.82
CA LYS H 37 -1.17 -11.79 -19.16
C LYS H 37 0.03 -12.73 -19.20
N ASN H 38 1.13 -12.29 -18.59
CA ASN H 38 2.34 -13.10 -18.55
C ASN H 38 2.17 -14.39 -17.76
N ASN H 39 1.46 -14.31 -16.64
CA ASN H 39 1.25 -15.48 -15.79
C ASN H 39 0.39 -16.54 -16.46
N VAL H 40 -0.67 -16.11 -17.12
CA VAL H 40 -1.57 -17.03 -17.83
C VAL H 40 -0.85 -17.71 -18.99
N LEU H 41 -0.11 -16.92 -19.76
CA LEU H 41 0.67 -17.46 -20.88
C LEU H 41 1.78 -18.37 -20.39
N ALA H 42 2.29 -18.09 -19.18
CA ALA H 42 3.32 -18.92 -18.57
C ALA H 42 2.75 -20.30 -18.27
N LEU H 43 1.55 -20.33 -17.69
CA LEU H 43 0.85 -21.57 -17.40
C LEU H 43 0.57 -22.34 -18.68
N ALA H 44 0.23 -21.62 -19.73
CA ALA H 44 -0.06 -22.22 -21.03
C ALA H 44 1.17 -22.87 -21.64
N ASP H 45 2.29 -22.15 -21.61
CA ASP H 45 3.57 -22.69 -22.10
C ASP H 45 3.95 -23.95 -21.32
N ILE H 46 3.69 -23.93 -20.02
CA ILE H 46 3.98 -25.06 -19.15
C ILE H 46 3.08 -26.26 -19.50
N ALA H 47 1.80 -25.98 -19.72
CA ALA H 47 0.86 -27.04 -20.09
C ALA H 47 1.26 -27.71 -21.40
N ARG H 48 1.73 -26.89 -22.35
CA ARG H 48 2.17 -27.38 -23.65
C ARG H 48 3.52 -28.10 -23.57
N PHE H 49 4.39 -27.60 -22.70
CA PHE H 49 5.74 -28.16 -22.55
C PHE H 49 5.70 -29.59 -22.02
N PHE H 50 4.77 -29.86 -21.12
CA PHE H 50 4.64 -31.19 -20.53
C PHE H 50 3.56 -32.02 -21.22
N ASN H 51 3.03 -31.49 -22.32
N ASN H 51 3.03 -31.49 -22.32
CA ASN H 51 2.00 -32.18 -23.11
CA ASN H 51 2.00 -32.15 -23.11
C ASN H 51 0.80 -32.60 -22.26
C ASN H 51 0.81 -32.60 -22.27
N LEU H 52 0.40 -31.73 -21.34
CA LEU H 52 -0.72 -32.04 -20.45
C LEU H 52 -2.04 -31.88 -21.20
N PRO H 53 -2.98 -32.81 -20.96
CA PRO H 53 -4.34 -32.65 -21.48
C PRO H 53 -4.95 -31.32 -21.05
N THR H 54 -5.32 -30.50 -22.03
CA THR H 54 -5.80 -29.16 -21.74
C THR H 54 -7.25 -29.01 -22.15
N ILE H 55 -8.04 -28.36 -21.30
CA ILE H 55 -9.44 -28.12 -21.60
C ILE H 55 -9.75 -26.63 -21.53
N LEU H 56 -10.30 -26.10 -22.61
CA LEU H 56 -10.67 -24.70 -22.68
C LEU H 56 -12.19 -24.56 -22.56
N THR H 57 -12.64 -23.60 -21.75
CA THR H 57 -14.07 -23.37 -21.61
C THR H 57 -14.38 -21.88 -21.45
N THR H 58 -15.54 -21.47 -21.96
CA THR H 58 -15.97 -20.08 -21.88
C THR H 58 -17.40 -19.97 -21.36
N SER H 59 -17.74 -18.79 -20.88
CA SER H 59 -19.09 -18.53 -20.37
C SER H 59 -19.76 -17.39 -21.13
N PHE H 60 -20.82 -17.73 -21.86
CA PHE H 60 -21.62 -16.74 -22.58
C PHE H 60 -20.74 -15.90 -23.52
N GLU H 61 -19.92 -16.57 -24.32
CA GLU H 61 -18.92 -15.90 -25.13
C GLU H 61 -19.51 -15.05 -26.26
N ASP H 62 -20.77 -15.29 -26.60
CA ASP H 62 -21.43 -14.52 -27.64
C ASP H 62 -22.14 -13.30 -27.06
N GLY H 63 -21.71 -12.90 -25.86
CA GLY H 63 -22.24 -11.72 -25.21
C GLY H 63 -21.11 -10.81 -24.73
N PRO H 64 -21.42 -9.93 -23.77
CA PRO H 64 -20.46 -8.99 -23.18
C PRO H 64 -19.21 -9.68 -22.59
N ASN H 65 -19.35 -10.93 -22.16
CA ASN H 65 -18.21 -11.66 -21.62
C ASN H 65 -17.09 -11.79 -22.63
N GLY H 66 -17.45 -11.80 -23.91
CA GLY H 66 -16.47 -11.77 -24.98
C GLY H 66 -15.84 -13.11 -25.29
N PRO H 67 -15.05 -13.16 -26.37
CA PRO H 67 -14.39 -14.39 -26.83
C PRO H 67 -13.19 -14.76 -25.99
N LEU H 68 -12.79 -16.02 -26.04
CA LEU H 68 -11.56 -16.48 -25.41
C LEU H 68 -10.38 -15.75 -26.01
N VAL H 69 -9.37 -15.44 -25.20
CA VAL H 69 -8.18 -14.79 -25.70
C VAL H 69 -7.56 -15.65 -26.79
N PRO H 70 -7.14 -15.02 -27.90
CA PRO H 70 -6.70 -15.75 -29.10
C PRO H 70 -5.49 -16.65 -28.84
N GLU H 71 -4.68 -16.30 -27.86
CA GLU H 71 -3.47 -17.07 -27.56
C GLU H 71 -3.79 -18.51 -27.14
N LEU H 72 -4.79 -18.70 -26.30
CA LEU H 72 -5.14 -20.02 -25.80
C LEU H 72 -5.60 -20.97 -26.90
N LYS H 73 -6.43 -20.47 -27.81
CA LYS H 73 -6.91 -21.28 -28.92
C LYS H 73 -5.79 -21.58 -29.92
N GLU H 74 -4.87 -20.63 -30.09
CA GLU H 74 -3.78 -20.78 -31.03
C GLU H 74 -2.77 -21.80 -30.53
N MSE H 75 -2.60 -21.86 -29.21
CA MSE H 75 -1.64 -22.78 -28.59
C MSE H 75 -2.23 -24.16 -28.41
O MSE H 75 -1.51 -25.16 -28.40
CB MSE H 75 -1.16 -22.22 -27.26
CG MSE H 75 -0.40 -20.91 -27.36
SE MSE H 75 0.09 -20.25 -25.61
CE MSE H 75 1.10 -21.80 -25.00
N PHE H 76 -3.54 -24.23 -28.22
CA PHE H 76 -4.22 -25.51 -28.02
C PHE H 76 -5.36 -25.72 -29.02
N PRO H 77 -5.02 -25.89 -30.31
CA PRO H 77 -6.04 -26.02 -31.35
C PRO H 77 -6.75 -27.37 -31.30
N GLN H 78 -6.15 -28.34 -30.61
CA GLN H 78 -6.70 -29.68 -30.58
C GLN H 78 -7.40 -29.97 -29.25
N ALA H 79 -7.32 -29.02 -28.33
CA ALA H 79 -7.94 -29.16 -27.01
C ALA H 79 -9.45 -29.10 -27.07
N PRO H 80 -10.13 -29.87 -26.21
CA PRO H 80 -11.59 -29.76 -26.06
C PRO H 80 -12.01 -28.33 -25.71
N TYR H 81 -12.91 -27.78 -26.50
CA TYR H 81 -13.37 -26.40 -26.30
C TYR H 81 -14.86 -26.38 -25.98
N ILE H 82 -15.19 -26.12 -24.71
CA ILE H 82 -16.58 -26.14 -24.29
C ILE H 82 -17.11 -24.74 -24.04
N ALA H 83 -17.92 -24.25 -24.97
CA ALA H 83 -18.59 -22.97 -24.79
C ALA H 83 -19.86 -23.17 -23.98
N ARG H 84 -19.88 -22.64 -22.76
CA ARG H 84 -21.03 -22.80 -21.88
C ARG H 84 -21.99 -21.64 -22.07
N PRO H 85 -23.16 -21.90 -22.67
CA PRO H 85 -24.14 -20.84 -22.91
C PRO H 85 -24.81 -20.32 -21.63
N GLY H 86 -24.91 -21.16 -20.61
CA GLY H 86 -25.67 -20.79 -19.42
C GLY H 86 -25.01 -21.08 -18.08
N ASN H 87 -24.55 -22.31 -17.89
CA ASN H 87 -24.03 -22.72 -16.59
C ASN H 87 -22.81 -21.91 -16.16
N ILE H 88 -22.94 -21.24 -15.02
CA ILE H 88 -21.87 -20.40 -14.49
C ILE H 88 -20.77 -21.29 -13.93
N ASN H 89 -21.16 -22.26 -13.11
CA ASN H 89 -20.24 -23.31 -12.67
C ASN H 89 -20.00 -24.26 -13.83
N ALA H 90 -18.74 -24.34 -14.27
CA ALA H 90 -18.38 -25.18 -15.40
C ALA H 90 -18.69 -26.66 -15.16
N TRP H 91 -18.72 -27.05 -13.89
CA TRP H 91 -18.96 -28.45 -13.54
C TRP H 91 -20.44 -28.81 -13.68
N ASP H 92 -21.30 -27.81 -13.80
CA ASP H 92 -22.72 -28.06 -14.03
C ASP H 92 -22.98 -28.31 -15.51
N ASN H 93 -21.96 -28.08 -16.33
CA ASN H 93 -22.02 -28.37 -17.74
C ASN H 93 -21.55 -29.80 -17.99
N GLU H 94 -22.43 -30.64 -18.52
CA GLU H 94 -22.13 -32.06 -18.66
C GLU H 94 -20.99 -32.33 -19.66
N ASP H 95 -20.91 -31.51 -20.70
CA ASP H 95 -19.85 -31.67 -21.70
C ASP H 95 -18.47 -31.34 -21.14
N PHE H 96 -18.41 -30.37 -20.23
CA PHE H 96 -17.15 -30.00 -19.59
C PHE H 96 -16.66 -31.14 -18.71
N VAL H 97 -17.55 -31.65 -17.87
CA VAL H 97 -17.23 -32.76 -16.97
C VAL H 97 -16.86 -33.99 -17.79
N LYS H 98 -17.56 -34.16 -18.91
CA LYS H 98 -17.31 -35.26 -19.84
C LYS H 98 -15.88 -35.22 -20.36
N ALA H 99 -15.41 -34.02 -20.69
CA ALA H 99 -14.07 -33.82 -21.20
C ALA H 99 -13.00 -34.02 -20.14
N VAL H 100 -13.29 -33.58 -18.92
CA VAL H 100 -12.35 -33.71 -17.80
C VAL H 100 -12.07 -35.17 -17.47
N LYS H 101 -13.14 -35.96 -17.40
CA LYS H 101 -13.01 -37.37 -17.04
C LYS H 101 -12.45 -38.18 -18.19
N ALA H 102 -12.59 -37.66 -19.41
CA ALA H 102 -12.07 -38.33 -20.60
C ALA H 102 -10.54 -38.28 -20.65
N THR H 103 -9.96 -37.30 -19.96
CA THR H 103 -8.50 -37.18 -19.90
C THR H 103 -7.91 -38.31 -19.05
N GLY H 104 -8.69 -38.79 -18.09
CA GLY H 104 -8.24 -39.85 -17.19
C GLY H 104 -7.27 -39.34 -16.14
N LYS H 105 -7.23 -38.03 -15.96
CA LYS H 105 -6.31 -37.43 -15.00
C LYS H 105 -6.99 -37.15 -13.68
N LYS H 106 -6.29 -37.44 -12.60
CA LYS H 106 -6.91 -37.24 -11.30
C LYS H 106 -6.59 -35.86 -10.74
N GLN H 107 -5.47 -35.31 -11.19
CA GLN H 107 -5.04 -34.00 -10.72
C GLN H 107 -5.48 -32.91 -11.69
N LEU H 108 -6.19 -31.92 -11.16
CA LEU H 108 -6.71 -30.83 -11.98
C LEU H 108 -6.00 -29.52 -11.65
N ILE H 109 -5.25 -29.02 -12.62
CA ILE H 109 -4.61 -27.71 -12.52
C ILE H 109 -5.55 -26.67 -13.12
N ILE H 110 -6.05 -25.75 -12.29
CA ILE H 110 -7.09 -24.84 -12.74
C ILE H 110 -6.73 -23.36 -12.59
N ALA H 111 -7.10 -22.57 -13.59
CA ALA H 111 -6.95 -21.13 -13.56
C ALA H 111 -8.10 -20.50 -14.34
N GLY H 112 -8.47 -19.27 -13.99
CA GLY H 112 -9.54 -18.60 -14.70
C GLY H 112 -10.04 -17.29 -14.12
N VAL H 113 -11.13 -16.79 -14.69
CA VAL H 113 -11.71 -15.51 -14.33
C VAL H 113 -13.23 -15.61 -14.25
N VAL H 114 -13.83 -15.23 -13.12
CA VAL H 114 -13.11 -14.71 -11.97
C VAL H 114 -12.82 -15.80 -10.94
N THR H 115 -11.88 -15.54 -10.04
CA THR H 115 -11.42 -16.52 -9.07
C THR H 115 -12.54 -17.00 -8.14
N ASP H 116 -13.33 -16.05 -7.63
CA ASP H 116 -14.35 -16.36 -6.63
C ASP H 116 -15.54 -17.14 -7.20
N VAL H 117 -15.63 -17.21 -8.53
CA VAL H 117 -16.77 -17.86 -9.16
C VAL H 117 -16.36 -18.93 -10.17
N CYS H 118 -15.79 -18.49 -11.29
CA CYS H 118 -15.51 -19.40 -12.40
C CYS H 118 -14.36 -20.35 -12.09
N VAL H 119 -13.59 -20.04 -11.06
CA VAL H 119 -12.55 -20.93 -10.59
C VAL H 119 -12.99 -21.69 -9.34
N ALA H 120 -13.51 -20.94 -8.37
CA ALA H 120 -13.89 -21.50 -7.08
C ALA H 120 -14.98 -22.56 -7.20
N PHE H 121 -16.02 -22.27 -7.97
CA PHE H 121 -17.17 -23.17 -8.06
C PHE H 121 -16.80 -24.54 -8.64
N PRO H 122 -16.11 -24.59 -9.80
CA PRO H 122 -15.76 -25.93 -10.28
C PRO H 122 -14.68 -26.60 -9.44
N THR H 123 -13.86 -25.81 -8.76
CA THR H 123 -12.85 -26.35 -7.85
C THR H 123 -13.52 -27.11 -6.71
N LEU H 124 -14.52 -26.48 -6.11
CA LEU H 124 -15.27 -27.09 -5.02
C LEU H 124 -16.04 -28.32 -5.51
N SER H 125 -16.57 -28.23 -6.72
CA SER H 125 -17.31 -29.34 -7.31
C SER H 125 -16.39 -30.53 -7.59
N ALA H 126 -15.19 -30.24 -8.10
CA ALA H 126 -14.23 -31.29 -8.42
C ALA H 126 -13.69 -31.94 -7.15
N LEU H 127 -13.48 -31.14 -6.12
CA LEU H 127 -13.04 -31.64 -4.83
C LEU H 127 -14.08 -32.58 -4.22
N GLU H 128 -15.35 -32.27 -4.46
CA GLU H 128 -16.44 -33.10 -3.98
C GLU H 128 -16.45 -34.48 -4.65
N GLU H 129 -16.05 -34.53 -5.91
CA GLU H 129 -16.01 -35.78 -6.64
C GLU H 129 -14.68 -36.49 -6.40
N GLY H 130 -13.89 -35.93 -5.49
CA GLY H 130 -12.66 -36.54 -5.02
C GLY H 130 -11.40 -36.18 -5.78
N PHE H 131 -11.48 -35.22 -6.68
CA PHE H 131 -10.32 -34.82 -7.45
C PHE H 131 -9.33 -34.06 -6.60
N ASP H 132 -8.05 -34.19 -6.93
CA ASP H 132 -7.02 -33.35 -6.35
C ASP H 132 -6.89 -32.10 -7.21
N VAL H 133 -7.27 -30.95 -6.65
CA VAL H 133 -7.31 -29.72 -7.43
C VAL H 133 -6.19 -28.76 -7.03
N PHE H 134 -5.43 -28.32 -8.04
CA PHE H 134 -4.33 -27.40 -7.84
C PHE H 134 -4.66 -26.06 -8.48
N VAL H 135 -4.82 -25.03 -7.66
CA VAL H 135 -5.23 -23.73 -8.14
C VAL H 135 -4.03 -22.84 -8.44
N VAL H 136 -3.94 -22.36 -9.68
CA VAL H 136 -2.89 -21.42 -10.06
C VAL H 136 -3.35 -20.01 -9.72
N THR H 137 -2.98 -19.56 -8.53
CA THR H 137 -3.54 -18.34 -7.96
C THR H 137 -3.16 -17.06 -8.71
N ASP H 138 -1.99 -17.04 -9.35
CA ASP H 138 -1.55 -15.84 -10.05
C ASP H 138 -1.94 -15.88 -11.54
N ALA H 139 -2.59 -16.97 -11.96
CA ALA H 139 -3.17 -17.04 -13.30
C ALA H 139 -4.69 -16.97 -13.19
N SER H 140 -5.16 -16.69 -11.97
CA SER H 140 -6.58 -16.48 -11.70
C SER H 140 -6.80 -15.07 -11.17
N GLY H 141 -7.77 -14.37 -11.72
CA GLY H 141 -8.00 -12.98 -11.36
C GLY H 141 -9.40 -12.70 -10.86
N THR H 142 -9.55 -11.62 -10.09
CA THR H 142 -10.86 -11.20 -9.60
C THR H 142 -10.87 -9.69 -9.34
N PHE H 143 -11.94 -9.21 -8.73
CA PHE H 143 -12.20 -7.78 -8.60
C PHE H 143 -11.19 -7.03 -7.74
N ASN H 144 -10.73 -7.67 -6.67
CA ASN H 144 -9.86 -7.01 -5.70
C ASN H 144 -9.22 -8.04 -4.75
N PRO H 145 -8.17 -7.64 -4.02
CA PRO H 145 -7.51 -8.56 -3.08
C PRO H 145 -8.45 -9.18 -2.04
N VAL H 146 -9.45 -8.44 -1.59
CA VAL H 146 -10.37 -8.94 -0.57
C VAL H 146 -11.19 -10.12 -1.08
N VAL H 147 -11.76 -9.96 -2.27
CA VAL H 147 -12.55 -11.03 -2.89
C VAL H 147 -11.68 -12.26 -3.16
N ARG H 148 -10.44 -12.03 -3.57
CA ARG H 148 -9.51 -13.11 -3.82
C ARG H 148 -9.21 -13.89 -2.54
N ASP H 149 -8.92 -13.18 -1.47
CA ASP H 149 -8.57 -13.81 -0.19
C ASP H 149 -9.74 -14.61 0.37
N ALA H 150 -10.96 -14.14 0.14
CA ALA H 150 -12.15 -14.86 0.56
C ALA H 150 -12.28 -16.14 -0.26
N ALA H 151 -11.97 -16.03 -1.55
CA ALA H 151 -12.01 -17.19 -2.45
C ALA H 151 -10.96 -18.23 -2.07
N TRP H 152 -9.77 -17.76 -1.70
CA TRP H 152 -8.72 -18.66 -1.23
C TRP H 152 -9.18 -19.42 0.00
N ALA H 153 -9.75 -18.69 0.96
CA ALA H 153 -10.22 -19.25 2.21
C ALA H 153 -11.26 -20.33 1.98
N ARG H 154 -12.15 -20.10 1.02
CA ARG H 154 -13.22 -21.06 0.74
C ARG H 154 -12.67 -22.33 0.09
N MSE H 155 -11.71 -22.15 -0.82
CA MSE H 155 -11.10 -23.28 -1.51
C MSE H 155 -10.15 -24.03 -0.58
O MSE H 155 -10.06 -25.27 -0.65
CB MSE H 155 -10.37 -22.81 -2.77
CG MSE H 155 -11.30 -22.23 -3.82
SE MSE H 155 -10.37 -21.70 -5.46
CE MSE H 155 -9.34 -20.19 -4.78
N THR H 156 -9.44 -23.30 0.26
CA THR H 156 -8.51 -23.89 1.23
C THR H 156 -9.23 -24.84 2.17
N ALA H 157 -10.38 -24.41 2.68
CA ALA H 157 -11.17 -25.20 3.62
C ALA H 157 -11.68 -26.50 2.98
N ALA H 158 -11.76 -26.50 1.65
CA ALA H 158 -12.27 -27.65 0.92
C ALA H 158 -11.16 -28.63 0.56
N GLY H 159 -9.91 -28.20 0.73
CA GLY H 159 -8.78 -29.07 0.49
C GLY H 159 -8.06 -28.79 -0.81
N ALA H 160 -8.36 -27.65 -1.43
CA ALA H 160 -7.65 -27.27 -2.65
C ALA H 160 -6.23 -26.85 -2.32
N GLN H 161 -5.29 -27.16 -3.20
CA GLN H 161 -3.92 -26.75 -3.01
C GLN H 161 -3.64 -25.46 -3.77
N LEU H 162 -3.30 -24.41 -3.01
CA LEU H 162 -3.02 -23.11 -3.60
C LEU H 162 -1.58 -23.02 -4.08
N MSE H 163 -1.41 -22.73 -5.37
CA MSE H 163 -0.08 -22.64 -5.95
C MSE H 163 0.02 -21.47 -6.92
O MSE H 163 -0.80 -20.55 -6.90
CB MSE H 163 0.30 -23.94 -6.67
CG MSE H 163 0.34 -25.16 -5.75
SE MSE H 163 0.91 -26.81 -6.63
CE MSE H 163 2.78 -26.34 -6.97
N ASN H 164 1.05 -21.51 -7.76
CA ASN H 164 1.30 -20.47 -8.76
C ASN H 164 1.98 -21.12 -9.96
N TRP H 165 2.04 -20.41 -11.09
CA TRP H 165 2.51 -21.04 -12.33
C TRP H 165 3.95 -21.53 -12.21
N PHE H 166 4.79 -20.81 -11.48
CA PHE H 166 6.19 -21.20 -11.33
C PHE H 166 6.34 -22.48 -10.52
N SER H 167 5.60 -22.56 -9.40
CA SER H 167 5.67 -23.74 -8.55
C SER H 167 5.03 -24.94 -9.24
N VAL H 168 3.98 -24.69 -10.01
CA VAL H 168 3.34 -25.74 -10.80
C VAL H 168 4.34 -26.32 -11.79
N GLY H 169 5.05 -25.44 -12.48
CA GLY H 169 6.05 -25.85 -13.45
C GLY H 169 7.19 -26.64 -12.82
N CYS H 170 7.66 -26.16 -11.67
CA CYS H 170 8.78 -26.80 -10.98
C CYS H 170 8.40 -28.14 -10.37
N GLU H 171 7.16 -28.25 -9.90
CA GLU H 171 6.69 -29.51 -9.30
C GLU H 171 6.46 -30.56 -10.37
N LEU H 172 6.10 -30.12 -11.57
CA LEU H 172 5.92 -31.02 -12.70
C LEU H 172 7.26 -31.48 -13.28
N HIS H 173 8.23 -30.56 -13.31
CA HIS H 173 9.51 -30.84 -13.95
C HIS H 173 10.40 -31.74 -13.10
N ARG H 174 10.32 -31.57 -11.79
CA ARG H 174 11.08 -32.37 -10.81
C ARG H 174 12.59 -32.19 -10.92
N ASP H 175 13.14 -32.45 -12.10
CA ASP H 175 14.59 -32.44 -12.30
C ASP H 175 14.97 -31.58 -13.50
N TRP H 176 15.92 -30.68 -13.30
CA TRP H 176 16.43 -29.82 -14.37
C TRP H 176 16.93 -30.61 -15.57
N ARG H 177 17.60 -31.73 -15.30
CA ARG H 177 18.28 -32.50 -16.32
C ARG H 177 17.33 -33.22 -17.27
N ASN H 178 16.05 -33.21 -16.94
CA ASN H 178 15.03 -33.79 -17.82
C ASN H 178 14.95 -33.00 -19.12
N ASP H 179 15.14 -31.69 -19.01
CA ASP H 179 15.21 -30.80 -20.17
C ASP H 179 15.73 -29.44 -19.75
N ILE H 180 17.05 -29.29 -19.77
CA ILE H 180 17.69 -28.05 -19.33
C ILE H 180 17.32 -26.90 -20.25
N GLU H 181 17.52 -27.10 -21.55
CA GLU H 181 17.27 -26.04 -22.53
C GLU H 181 15.80 -25.66 -22.61
N GLY H 182 14.93 -26.66 -22.64
CA GLY H 182 13.50 -26.42 -22.77
C GLY H 182 12.86 -25.72 -21.59
N PHE H 183 13.20 -26.15 -20.39
CA PHE H 183 12.63 -25.60 -19.17
C PHE H 183 13.18 -24.21 -18.88
N GLY H 184 14.46 -24.02 -19.16
CA GLY H 184 15.11 -22.73 -18.97
C GLY H 184 14.52 -21.67 -19.88
N ALA H 185 14.08 -22.08 -21.06
CA ALA H 185 13.47 -21.16 -22.02
C ALA H 185 12.12 -20.65 -21.51
N ILE H 186 11.40 -21.51 -20.81
CA ILE H 186 10.12 -21.13 -20.20
C ILE H 186 10.33 -20.11 -19.09
N LEU H 187 11.29 -20.39 -18.21
CA LEU H 187 11.60 -19.50 -17.10
C LEU H 187 12.09 -18.14 -17.60
N GLY H 188 13.00 -18.16 -18.56
CA GLY H 188 13.53 -16.95 -19.14
C GLY H 188 12.47 -16.15 -19.87
N GLY H 189 11.51 -16.85 -20.45
CA GLY H 189 10.46 -16.21 -21.23
C GLY H 189 9.34 -15.59 -20.42
N HIS H 190 9.29 -15.89 -19.12
CA HIS H 190 8.19 -15.39 -18.29
C HIS H 190 8.69 -14.80 -16.96
N LEU H 191 10.00 -14.84 -16.76
CA LEU H 191 10.62 -14.15 -15.63
C LEU H 191 11.76 -13.28 -16.16
N PRO H 192 11.46 -12.00 -16.45
CA PRO H 192 12.43 -11.06 -17.02
C PRO H 192 13.72 -10.97 -16.20
N ALA H 193 13.61 -11.14 -14.89
CA ALA H 193 14.79 -11.13 -14.03
C ALA H 193 15.66 -12.36 -14.29
N TYR H 194 15.02 -13.47 -14.61
CA TYR H 194 15.74 -14.71 -14.89
C TYR H 194 16.35 -14.65 -16.29
N ALA H 195 15.66 -13.99 -17.21
CA ALA H 195 16.17 -13.75 -18.55
C ALA H 195 17.46 -12.94 -18.48
N ASN H 196 17.48 -11.99 -17.55
CA ASN H 196 18.66 -11.16 -17.34
C ASN H 196 19.84 -11.96 -16.82
N LEU H 197 19.56 -12.89 -15.91
CA LEU H 197 20.59 -13.78 -15.37
C LEU H 197 21.19 -14.64 -16.47
N ILE H 198 20.33 -15.17 -17.34
CA ILE H 198 20.76 -16.02 -18.44
C ILE H 198 21.67 -15.26 -19.41
N GLN H 199 21.28 -14.03 -19.73
CA GLN H 199 22.06 -13.21 -20.65
C GLN H 199 23.42 -12.83 -20.08
N SER H 200 23.43 -12.46 -18.79
CA SER H 200 24.68 -12.11 -18.12
C SER H 200 25.60 -13.33 -18.04
N PHE H 201 25.01 -14.49 -17.77
CA PHE H 201 25.77 -15.73 -17.68
C PHE H 201 26.35 -16.16 -19.03
N GLY H 202 25.67 -15.77 -20.10
CA GLY H 202 26.07 -16.16 -21.45
C GLY H 202 27.25 -15.40 -22.01
N THR H 203 27.54 -14.23 -21.45
CA THR H 203 28.64 -13.40 -21.95
C THR H 203 29.98 -13.82 -21.36
CA ROP I . -7.30 8.97 -24.66
CB ROP I . -7.11 7.78 -25.58
CG ROP I . -7.50 8.17 -26.98
OD1 ROP I . -7.39 7.36 -27.90
ND2 ROP I . -7.98 9.47 -27.26
C1 HX2 J . -27.05 5.55 2.07
O1 HX2 J . -25.10 6.88 2.35
C2 HX2 J . -25.54 5.58 2.03
O2 HX2 J . -24.47 1.05 2.67
C3 HX2 J . -24.99 4.61 3.04
C4 HX2 J . -24.41 3.40 2.32
C5 HX2 J . -25.28 2.20 2.58
C6 HX2 J . -26.28 2.02 1.45
CL CL K . -10.68 14.62 -35.15
S SO4 L . -15.40 37.60 -6.03
O1 SO4 L . -13.98 37.44 -5.70
O2 SO4 L . -15.92 36.33 -6.53
O3 SO4 L . -16.14 37.99 -4.84
O4 SO4 L . -15.54 38.62 -7.06
C1 HX2 M . -21.17 7.30 -15.85
O1 HX2 M . -19.01 7.68 -14.89
C2 HX2 M . -19.70 6.97 -15.89
O2 HX2 M . -19.04 2.99 -15.40
C3 HX2 M . -19.53 5.48 -15.69
C4 HX2 M . -18.06 5.16 -15.48
C5 HX2 M . -17.84 3.68 -15.64
C6 HX2 M . -16.76 3.23 -14.69
CA ROP N . 23.53 3.79 -13.95
CB ROP N . 24.53 2.86 -13.32
CG ROP N . 25.92 3.17 -13.87
OD1 ROP N . 26.88 2.54 -13.49
ND2 ROP N . 26.07 4.22 -14.82
C1 HX2 O . -4.88 -9.84 -24.53
O1 HX2 O . -5.45 -8.14 -22.92
C2 HX2 O . -4.80 -9.39 -23.09
O2 HX2 O . -4.19 -12.88 -22.61
C3 HX2 O . -5.40 -10.46 -22.20
C4 HX2 O . -4.38 -10.94 -21.18
C5 HX2 O . -4.15 -12.44 -21.27
C6 HX2 O . -5.19 -13.18 -20.46
CL CL P . 32.85 7.31 -21.00
S SO4 Q . 1.94 22.33 -33.58
O1 SO4 Q . 3.00 23.08 -34.27
O2 SO4 Q . 1.95 20.96 -34.07
O3 SO4 Q . 2.21 22.34 -32.15
O4 SO4 Q . 0.65 22.96 -33.85
CA ROP R . 15.04 17.02 15.34
CB ROP R . 14.51 16.91 16.76
CG ROP R . 15.30 17.84 17.67
OD1 ROP R . 15.05 17.91 18.85
ND2 ROP R . 16.34 18.64 17.11
C1 HX2 S . 21.55 -10.44 -0.96
O1 HX2 S . 23.79 -9.91 -1.52
C2 HX2 S . 22.99 -10.83 -0.83
O2 HX2 S . 22.71 -13.32 3.18
C3 HX2 S . 23.39 -10.85 0.63
C4 HX2 S . 23.39 -12.26 1.17
C5 HX2 S . 22.28 -12.46 2.16
C6 HX2 S . 21.08 -13.08 1.48
CL CL T . 22.58 25.07 20.82
S SO4 U . 31.81 20.41 -14.72
O1 SO4 U . 32.58 19.20 -14.46
O2 SO4 U . 32.26 21.02 -15.97
O3 SO4 U . 30.39 20.08 -14.84
O4 SO4 U . 31.99 21.35 -13.62
CA ROP V . -15.49 22.01 4.38
CB ROP V . -16.91 21.56 4.14
CG ROP V . -17.84 22.75 4.33
OD1 ROP V . -19.03 22.63 4.12
ND2 ROP V . -17.33 23.99 4.76
C1 HX2 W . 3.57 5.42 25.29
O1 HX2 W . 4.24 4.37 23.25
C2 HX2 W . 3.13 4.63 24.07
O2 HX2 W . -0.10 2.35 26.89
C3 HX2 W . 2.49 3.32 24.48
C4 HX2 W . 1.55 3.53 25.65
C5 HX2 W . 0.39 2.56 25.60
C6 HX2 W . 0.82 1.24 25.00
CL CL X . -21.13 32.89 6.43
S SO4 Y . 15.50 35.39 13.30
O1 SO4 Y . 16.94 35.27 13.10
O2 SO4 Y . 14.80 34.74 12.20
O3 SO4 Y . 15.13 34.73 14.56
O4 SO4 Y . 15.14 36.80 13.36
CA ROP Z . -21.92 -3.47 15.92
CB ROP Z . -21.94 -2.33 16.91
CG ROP Z . -23.16 -2.44 17.79
OD1 ROP Z . -23.38 -1.63 18.65
ND2 ROP Z . -24.07 -3.53 17.60
CL CL AA . -32.15 -6.58 22.23
S SO4 BA . -27.42 -29.23 -6.36
O1 SO4 BA . -27.56 -29.51 -7.79
O2 SO4 BA . -26.07 -29.57 -5.94
O3 SO4 BA . -28.38 -30.03 -5.62
O4 SO4 BA . -27.67 -27.81 -6.12
CA ROP CA . 9.39 -9.96 23.71
CB ROP CA . 10.86 -9.60 23.69
CG ROP CA . 11.51 -10.10 24.96
OD1 ROP CA . 12.69 -9.91 25.15
ND2 ROP CA . 10.74 -10.81 25.93
C1 HX2 DA . -9.96 16.77 16.40
O1 HX2 DA . -9.94 17.25 18.74
C2 HX2 DA . -9.93 16.20 17.80
O2 HX2 DA . -12.70 12.64 16.00
C3 HX2 DA . -11.12 15.31 18.03
C4 HX2 DA . -11.42 14.50 16.78
C5 HX2 DA . -12.10 13.18 17.15
C6 HX2 DA . -13.14 13.40 18.23
CL CL EA . 11.95 -15.20 34.74
S SO4 FA . -23.89 -17.90 27.34
O1 SO4 FA . -23.28 -18.45 26.13
O2 SO4 FA . -23.00 -16.91 27.92
O3 SO4 FA . -24.10 -18.98 28.31
O4 SO4 FA . -25.17 -17.29 27.01
S SO4 GA . -12.73 2.58 38.00
O1 SO4 GA . -13.22 1.47 37.18
O2 SO4 GA . -11.68 3.29 37.29
O3 SO4 GA . -13.83 3.49 38.28
O4 SO4 GA . -12.20 2.05 39.25
CA ROP HA . 14.34 -22.54 -6.48
CB ROP HA . 14.80 -22.42 -7.93
CG ROP HA . 15.49 -23.69 -8.35
OD1 ROP HA . 15.98 -23.78 -9.46
ND2 ROP HA . 15.58 -24.79 -7.44
C1 HX2 IA . 23.64 4.77 10.78
O1 HX2 IA . 24.15 3.18 12.48
C2 HX2 IA . 23.11 3.66 11.65
O2 HX2 IA . 18.98 2.49 13.48
C3 HX2 IA . 21.99 4.18 12.51
C4 HX2 IA . 20.68 3.51 12.15
C5 HX2 IA . 20.32 2.35 13.07
C6 HX2 IA . 21.21 2.27 14.29
CL CL JA . 19.94 -33.56 -7.36
S SO4 KA . 10.47 -28.11 27.37
O1 SO4 KA . 11.33 -27.26 26.55
O2 SO4 KA . 10.24 -29.37 26.68
O3 SO4 KA . 11.12 -28.37 28.65
O4 SO4 KA . 9.19 -27.45 27.60
CA ROP LA . -17.20 -15.88 -14.37
CB ROP LA . -18.25 -14.88 -14.80
CG ROP LA . -19.38 -15.61 -15.49
OD1 ROP LA . -20.34 -14.98 -15.91
ND2 ROP LA . -19.33 -17.02 -15.65
C1 HX2 MA . 13.80 -4.33 -20.03
O1 HX2 MA . 13.37 -4.23 -22.37
C2 HX2 MA . 13.12 -5.00 -21.22
O2 HX2 MA . 13.95 -7.46 -18.11
C3 HX2 MA . 13.63 -6.41 -21.45
C4 HX2 MA . 14.53 -6.90 -20.34
C5 HX2 MA . 13.80 -7.87 -19.45
C6 HX2 MA . 14.40 -9.25 -19.62
CL CL NA . -23.97 -24.42 -20.03
S SO4 OA . 6.52 -39.63 -5.91
O1 SO4 OA . 5.62 -40.75 -6.17
O2 SO4 OA . 7.24 -39.30 -7.14
O3 SO4 OA . 7.48 -40.00 -4.87
O4 SO4 OA . 5.74 -38.47 -5.47
#